data_9KI0
#
_entry.id   9KI0
#
_cell.length_a   1.00
_cell.length_b   1.00
_cell.length_c   1.00
_cell.angle_alpha   90.00
_cell.angle_beta   90.00
_cell.angle_gamma   90.00
#
_symmetry.space_group_name_H-M   'P 1'
#
loop_
_entity.id
_entity.type
_entity.pdbx_description
1 polymer 'Helicase/UvrB N-terminal domain-containing protein'
2 polymer "DNA (5'-D(P*CP*TP*TP*TP*TP*TP*TP*TP*TP*T)-3')"
3 polymer "DNA (5'-D(P*TP*TP*TP*TP*TP*TP*TP*TP*TP*T)-3')"
4 non-polymer 'PHOSPHOTHIOPHOSPHORIC ACID-ADENYLATE ESTER'
5 non-polymer 'MAGNESIUM ION'
#
loop_
_entity_poly.entity_id
_entity_poly.type
_entity_poly.pdbx_seq_one_letter_code
_entity_poly.pdbx_strand_id
1 'polypeptide(L)'
;GPLGSMNVSIEEFTHFDFQLVPEPSPLDLVITESLKNHIEVNGVKSGALLPLPFQTGIGKTYTALNFLLQQMLEQVRSEL
KEENTGKKSKRLLYYVTDSVDNVVSAKADLLKLIEKQTVKGEPRFTLEQQEYLKAQIVHLPNQSEQLLQCSDAVLNDVLI
GFNLNAERDVQAEWSAISGLRRHASNPEVKISLNRQAGYFYRNLIDRLQKKQKGADRVLLSGSLLASVETLLPGEKIRNG
SAHVAFLTTSKFLKGFHNTRSRYSPLRDLSGAVLIIDEIDKQNQVILSELCKQQAQDLIWAIRTLRANFRDHQLESSPRY
DKIEDLFEPLRERLEEFGTNWNLAFAFNTEGANLNERPVRLFSDRSFTHVSSATHKLSLKSDFLRRKNLIFSDEKVEGSL
IEKHGLLTRFVNEADVIYQWFLGTMRKAVFQYWENVRGLEIEVRENRSLEGTFQEAVQSLLTHFNLQEFESAVYESFDTR
GLRQSAGGKANKLSSSKSYHHTGLKLVEVAHNQGTRDTVNCKASFLNTSPSGVLADMVDAGAVILGISATARADTVIHNF
DFKYLNERLGNKLLSLSREQKQRVNNYYHSRRNYKDNGVVLTVKYLNSRDAFLDALLEEYKPEARSSHFILNHYLGIAES
EQAFVRSWLSKLLASIKAFISSPDNRYMLSLLNRTLDTTRQNINDFIQFCCDKWAKEFNVKTKTFFGVNADWMRLVGYDE
ISKHLNTELGKVVVFSTYASMGAGKNPDYAVNLALEGESLISVADVTYSTQLRSDIDSIYLEKPTQLLLSDDYSHTANQL
CQFHQILSLQENGELSPKSAENWCRQQLMGMSRERSLQQYHQTSDYQSAVRKYIEQAVGRAGRTSLKRKQILLFVDSGLK
EILAEESRDPSLFSHEYVALVNKAKSAGKSIVEDRAVRRLFNLAQRNNKDGMLSIKALVHRLHNQPASKSDIQEWQDIRT
QLLRYPTVAFQPERFNRLYLQSMTKGYYRYQGNLDGDPNSFEFFDRVPYGDMVSEEDCSLATLVQNQYVRPWFERKGFAC
SWQKEANVMTPIMFTNIYKGALGEQAVEAVLTAFDFTFEEVPNSIYERFDNRVIFAGIEQPIWLDSKYWKHEGNESSEGY
SSKIALVEEEFGPSKFIYVNALGDTSKPIRYLNSCFVETSPQLAKVIEIPALIDDSNADTNRTAVQELIKWLHHS
;
A,B
2 'polydeoxyribonucleotide' (DC)(DT)(DT)(DT)(DT)(DT)(DT)(DT)(DT)(DT) C
3 'polydeoxyribonucleotide' (DT)(DT)(DT)(DT)(DT)(DT)(DT)(DT)(DT)(DT) D
#
loop_
_chem_comp.id
_chem_comp.type
_chem_comp.name
_chem_comp.formula
AGS non-polymer 'PHOSPHOTHIOPHOSPHORIC ACID-ADENYLATE ESTER' 'C10 H16 N5 O12 P3 S'
DC DNA linking 2'-DEOXYCYTIDINE-5'-MONOPHOSPHATE 'C9 H14 N3 O7 P'
DT DNA linking THYMIDINE-5'-MONOPHOSPHATE 'C10 H15 N2 O8 P'
MG non-polymer 'MAGNESIUM ION' 'Mg 2'
#
# COMPACT_ATOMS: atom_id res chain seq x y z
N MET A 6 33.35 -11.92 -25.41
CA MET A 6 34.46 -12.14 -24.48
C MET A 6 35.06 -10.81 -24.01
N ASN A 7 34.91 -10.53 -22.72
CA ASN A 7 35.38 -9.27 -22.15
C ASN A 7 36.87 -9.06 -22.45
N VAL A 8 37.32 -7.82 -22.48
CA VAL A 8 38.73 -7.52 -22.68
C VAL A 8 39.45 -7.54 -21.35
N SER A 9 40.57 -8.25 -21.30
CA SER A 9 41.35 -8.33 -20.08
C SER A 9 42.07 -7.00 -19.83
N ILE A 10 42.36 -6.72 -18.55
CA ILE A 10 43.17 -5.56 -18.23
C ILE A 10 44.65 -5.82 -18.50
N GLU A 11 45.04 -7.08 -18.71
CA GLU A 11 46.43 -7.41 -18.99
C GLU A 11 46.92 -6.84 -20.32
N GLU A 12 46.05 -6.13 -21.05
CA GLU A 12 46.42 -5.44 -22.27
C GLU A 12 47.07 -4.08 -21.98
N PHE A 13 47.01 -3.62 -20.73
CA PHE A 13 47.64 -2.36 -20.33
C PHE A 13 49.00 -2.57 -19.68
N THR A 14 49.53 -3.79 -19.72
CA THR A 14 50.80 -4.08 -19.03
C THR A 14 51.95 -3.27 -19.61
N HIS A 15 52.03 -3.18 -20.94
CA HIS A 15 53.09 -2.44 -21.59
C HIS A 15 52.75 -0.97 -21.80
N PHE A 16 51.58 -0.52 -21.35
CA PHE A 16 51.20 0.87 -21.48
C PHE A 16 52.07 1.75 -20.59
N ASP A 17 52.52 2.88 -21.13
CA ASP A 17 53.38 3.80 -20.41
C ASP A 17 52.50 4.86 -19.75
N PHE A 18 52.24 4.69 -18.46
CA PHE A 18 51.33 5.57 -17.74
C PHE A 18 51.94 6.93 -17.43
N GLN A 19 53.26 7.08 -17.57
CA GLN A 19 53.92 8.34 -17.25
C GLN A 19 53.92 9.34 -18.40
N LEU A 20 53.54 8.90 -19.60
CA LEU A 20 53.38 9.81 -20.73
C LEU A 20 51.95 10.33 -20.72
N VAL A 21 51.80 11.64 -20.45
CA VAL A 21 50.49 12.25 -20.32
C VAL A 21 50.39 13.43 -21.28
N PRO A 22 49.18 13.79 -21.72
CA PRO A 22 49.03 14.96 -22.60
C PRO A 22 49.39 16.24 -21.88
N GLU A 23 49.69 17.26 -22.66
CA GLU A 23 50.07 18.56 -22.11
C GLU A 23 48.94 19.12 -21.27
N PRO A 24 49.16 19.43 -19.99
CA PRO A 24 48.07 19.92 -19.14
C PRO A 24 47.81 21.41 -19.36
N SER A 25 46.56 21.74 -19.68
CA SER A 25 46.16 23.12 -19.81
C SER A 25 46.07 23.78 -18.43
N PRO A 26 46.02 25.11 -18.38
CA PRO A 26 45.85 25.78 -17.08
C PRO A 26 44.63 25.33 -16.30
N LEU A 27 43.54 24.95 -16.98
CA LEU A 27 42.38 24.40 -16.28
C LEU A 27 42.72 23.06 -15.64
N ASP A 28 43.52 22.24 -16.34
CA ASP A 28 43.91 20.96 -15.77
C ASP A 28 44.78 21.17 -14.55
N LEU A 29 45.67 22.16 -14.60
CA LEU A 29 46.49 22.46 -13.44
C LEU A 29 45.64 23.02 -12.31
N VAL A 30 44.54 23.70 -12.66
CA VAL A 30 43.67 24.27 -11.64
C VAL A 30 42.99 23.15 -10.86
N ILE A 31 42.53 22.13 -11.55
CA ILE A 31 41.90 21.01 -10.84
C ILE A 31 42.95 20.20 -10.08
N THR A 32 44.09 19.93 -10.72
CA THR A 32 45.06 18.99 -10.15
C THR A 32 45.77 19.60 -8.94
N GLU A 33 46.20 20.85 -9.03
CA GLU A 33 46.97 21.44 -7.94
C GLU A 33 46.10 21.61 -6.71
N SER A 34 44.83 22.01 -6.91
CA SER A 34 43.93 22.18 -5.79
C SER A 34 43.61 20.85 -5.13
N LEU A 35 43.41 19.78 -5.91
CA LEU A 35 43.06 18.52 -5.28
C LEU A 35 44.27 17.89 -4.59
N LYS A 36 45.46 18.03 -5.19
CA LYS A 36 46.67 17.53 -4.56
C LYS A 36 46.97 18.29 -3.26
N ASN A 37 46.78 19.61 -3.27
CA ASN A 37 46.98 20.38 -2.04
C ASN A 37 45.95 19.98 -1.00
N HIS A 38 44.70 19.72 -1.41
CA HIS A 38 43.68 19.32 -0.47
C HIS A 38 44.06 18.01 0.21
N ILE A 39 44.58 17.06 -0.57
CA ILE A 39 45.04 15.81 0.02
C ILE A 39 46.23 16.04 0.95
N GLU A 40 47.11 16.99 0.61
CA GLU A 40 48.22 17.31 1.51
C GLU A 40 47.72 17.87 2.84
N VAL A 41 46.75 18.79 2.81
CA VAL A 41 46.31 19.46 4.03
C VAL A 41 45.37 18.56 4.83
N ASN A 42 44.23 18.21 4.26
CA ASN A 42 43.28 17.32 4.93
C ASN A 42 43.77 15.89 4.78
N GLY A 43 42.91 14.93 5.13
CA GLY A 43 43.25 13.54 4.99
C GLY A 43 43.03 13.03 3.58
N VAL A 44 43.45 11.79 3.36
CA VAL A 44 43.21 11.15 2.07
C VAL A 44 41.75 10.68 1.94
N LYS A 45 41.07 10.44 3.06
CA LYS A 45 39.70 9.96 3.05
C LYS A 45 38.68 11.09 3.17
N SER A 46 39.12 12.34 3.31
CA SER A 46 38.21 13.44 3.54
C SER A 46 37.62 13.95 2.22
N GLY A 47 36.42 14.53 2.31
CA GLY A 47 35.77 15.07 1.15
C GLY A 47 36.20 16.49 0.84
N ALA A 48 35.73 16.99 -0.30
CA ALA A 48 36.05 18.35 -0.73
C ALA A 48 34.99 18.81 -1.72
N LEU A 49 34.89 20.13 -1.87
CA LEU A 49 34.01 20.76 -2.84
C LEU A 49 34.80 21.85 -3.55
N LEU A 50 34.98 21.71 -4.86
CA LEU A 50 35.78 22.64 -5.66
C LEU A 50 34.93 23.25 -6.75
N PRO A 51 34.38 24.44 -6.54
CA PRO A 51 33.68 25.13 -7.63
C PRO A 51 34.67 25.73 -8.62
N LEU A 52 34.31 25.71 -9.89
CA LEU A 52 35.16 26.18 -10.98
C LEU A 52 34.40 27.22 -11.78
N PRO A 53 34.29 28.44 -11.26
CA PRO A 53 33.47 29.48 -11.90
C PRO A 53 34.25 30.33 -12.90
N PHE A 54 34.50 29.77 -14.07
CA PHE A 54 35.19 30.47 -15.15
C PHE A 54 34.22 30.82 -16.27
N GLN A 55 34.76 31.48 -17.29
CA GLN A 55 33.92 31.98 -18.39
C GLN A 55 33.23 30.82 -19.12
N THR A 56 32.10 31.13 -19.72
CA THR A 56 31.43 30.17 -20.58
C THR A 56 32.26 29.92 -21.84
N GLY A 57 32.33 28.66 -22.25
CA GLY A 57 33.02 28.30 -23.47
C GLY A 57 34.52 28.20 -23.35
N ILE A 58 35.09 28.40 -22.16
CA ILE A 58 36.52 28.29 -21.98
C ILE A 58 37.01 26.85 -22.02
N GLY A 59 36.11 25.87 -22.00
CA GLY A 59 36.50 24.48 -22.04
C GLY A 59 36.55 23.76 -20.71
N LYS A 60 35.49 23.85 -19.91
CA LYS A 60 35.52 23.24 -18.59
C LYS A 60 34.96 21.83 -18.56
N THR A 61 34.16 21.46 -19.55
CA THR A 61 33.72 20.07 -19.65
C THR A 61 34.78 19.21 -20.33
N TYR A 62 35.45 19.76 -21.34
CA TYR A 62 36.58 19.05 -21.93
C TYR A 62 37.63 18.75 -20.86
N THR A 63 37.80 19.65 -19.89
CA THR A 63 38.74 19.42 -18.81
C THR A 63 38.20 18.46 -17.77
N ALA A 64 36.88 18.45 -17.56
CA ALA A 64 36.34 17.50 -16.59
C ALA A 64 36.39 16.08 -17.15
N LEU A 65 36.16 15.92 -18.45
CA LEU A 65 36.24 14.61 -19.06
C LEU A 65 37.68 14.15 -19.25
N ASN A 66 38.63 15.07 -19.38
CA ASN A 66 40.02 14.64 -19.41
C ASN A 66 40.51 14.28 -18.00
N PHE A 67 39.90 14.88 -16.97
CA PHE A 67 40.22 14.48 -15.61
C PHE A 67 39.58 13.14 -15.27
N LEU A 68 38.40 12.88 -15.81
CA LEU A 68 37.80 11.56 -15.65
C LEU A 68 38.62 10.49 -16.35
N LEU A 69 39.16 10.79 -17.53
CA LEU A 69 39.99 9.82 -18.23
C LEU A 69 41.29 9.58 -17.49
N GLN A 70 41.86 10.62 -16.86
CA GLN A 70 43.04 10.40 -16.05
C GLN A 70 42.72 9.57 -14.80
N GLN A 71 41.53 9.73 -14.24
CA GLN A 71 41.15 8.90 -13.10
C GLN A 71 40.99 7.44 -13.52
N MET A 72 40.42 7.20 -14.70
CA MET A 72 40.28 5.84 -15.19
C MET A 72 41.65 5.20 -15.44
N LEU A 73 42.58 5.98 -15.98
CA LEU A 73 43.92 5.44 -16.21
C LEU A 73 44.64 5.16 -14.90
N GLU A 74 44.45 6.03 -13.90
CA GLU A 74 45.06 5.78 -12.60
C GLU A 74 44.48 4.53 -11.96
N GLN A 75 43.17 4.31 -12.10
CA GLN A 75 42.56 3.10 -11.55
C GLN A 75 43.09 1.85 -12.25
N VAL A 76 43.25 1.92 -13.57
CA VAL A 76 43.79 0.77 -14.30
C VAL A 76 45.21 0.47 -13.86
N ARG A 77 46.02 1.53 -13.66
CA ARG A 77 47.38 1.32 -13.17
C ARG A 77 47.37 0.70 -11.77
N SER A 78 46.50 1.20 -10.89
CA SER A 78 46.46 0.71 -9.52
C SER A 78 46.10 -0.77 -9.48
N GLU A 79 45.08 -1.16 -10.25
CA GLU A 79 44.70 -2.57 -10.23
C GLU A 79 45.68 -3.45 -11.00
N LEU A 80 46.43 -2.86 -11.95
CA LEU A 80 47.50 -3.60 -12.59
C LEU A 80 48.60 -3.94 -11.59
N LYS A 81 48.94 -2.98 -10.71
CA LYS A 81 49.97 -3.26 -9.72
C LYS A 81 49.45 -4.12 -8.58
N GLU A 82 48.15 -4.06 -8.27
CA GLU A 82 47.61 -4.90 -7.20
C GLU A 82 47.66 -6.37 -7.55
N GLU A 83 47.83 -6.71 -8.83
CA GLU A 83 47.91 -8.10 -9.29
C GLU A 83 49.00 -8.89 -8.56
N LYS A 87 42.44 -7.47 -2.13
CA LYS A 87 41.51 -6.97 -3.14
C LYS A 87 40.94 -5.61 -2.75
N LYS A 88 40.97 -4.67 -3.70
CA LYS A 88 40.45 -3.33 -3.50
C LYS A 88 39.30 -3.10 -4.47
N SER A 89 38.19 -2.58 -3.97
CA SER A 89 37.05 -2.28 -4.81
C SER A 89 37.32 -1.06 -5.68
N LYS A 90 36.55 -0.95 -6.76
CA LYS A 90 36.71 0.15 -7.70
C LYS A 90 36.18 1.45 -7.10
N ARG A 91 36.88 2.54 -7.38
CA ARG A 91 36.41 3.86 -6.98
C ARG A 91 35.42 4.38 -8.01
N LEU A 92 34.27 4.82 -7.54
CA LEU A 92 33.17 5.21 -8.41
C LEU A 92 33.30 6.67 -8.83
N LEU A 93 33.25 6.91 -10.14
CA LEU A 93 33.22 8.24 -10.71
C LEU A 93 31.83 8.50 -11.29
N TYR A 94 31.23 9.61 -10.91
CA TYR A 94 29.91 10.00 -11.39
C TYR A 94 30.02 11.28 -12.20
N TYR A 95 29.28 11.34 -13.30
CA TYR A 95 29.05 12.59 -14.03
C TYR A 95 27.56 12.89 -13.98
N VAL A 96 27.21 13.98 -13.30
CA VAL A 96 25.84 14.36 -13.06
C VAL A 96 25.58 15.73 -13.68
N THR A 97 24.40 15.88 -14.27
CA THR A 97 23.91 17.15 -14.78
C THR A 97 22.39 17.07 -14.81
N ASP A 98 21.75 18.23 -14.97
CA ASP A 98 20.29 18.27 -14.85
C ASP A 98 19.60 17.64 -16.05
N SER A 99 20.05 17.94 -17.26
CA SER A 99 19.35 17.56 -18.47
C SER A 99 19.89 16.27 -19.05
N VAL A 100 19.00 15.49 -19.67
CA VAL A 100 19.39 14.23 -20.30
C VAL A 100 20.30 14.49 -21.50
N ASP A 101 20.03 15.56 -22.23
CA ASP A 101 20.80 15.85 -23.43
C ASP A 101 22.25 16.14 -23.10
N ASN A 102 22.51 16.79 -21.97
CA ASN A 102 23.88 17.09 -21.59
C ASN A 102 24.58 15.83 -21.11
N VAL A 103 23.84 14.91 -20.52
CA VAL A 103 24.41 13.63 -20.11
C VAL A 103 24.88 12.85 -21.33
N VAL A 104 24.00 12.73 -22.34
CA VAL A 104 24.38 11.92 -23.49
C VAL A 104 25.44 12.63 -24.32
N SER A 105 25.43 13.97 -24.34
CA SER A 105 26.47 14.69 -25.08
C SER A 105 27.81 14.58 -24.39
N ALA A 106 27.84 14.55 -23.05
CA ALA A 106 29.11 14.42 -22.36
C ALA A 106 29.63 13.00 -22.46
N LYS A 107 28.74 12.00 -22.48
CA LYS A 107 29.22 10.64 -22.64
C LYS A 107 29.78 10.44 -24.04
N ALA A 108 29.10 10.97 -25.07
CA ALA A 108 29.64 10.85 -26.41
C ALA A 108 30.93 11.65 -26.57
N ASP A 109 31.10 12.71 -25.78
CA ASP A 109 32.33 13.48 -25.85
C ASP A 109 33.49 12.74 -25.20
N LEU A 110 33.23 12.05 -24.09
CA LEU A 110 34.27 11.23 -23.47
C LEU A 110 34.65 10.07 -24.37
N LEU A 111 33.66 9.40 -24.97
CA LEU A 111 33.96 8.30 -25.89
C LEU A 111 34.76 8.80 -27.10
N LYS A 112 34.42 9.98 -27.61
CA LYS A 112 35.20 10.57 -28.70
C LYS A 112 36.62 10.91 -28.26
N LEU A 113 36.78 11.34 -27.00
CA LEU A 113 38.11 11.65 -26.50
C LEU A 113 38.94 10.39 -26.39
N ILE A 114 38.34 9.29 -25.93
CA ILE A 114 39.05 8.02 -25.87
C ILE A 114 39.43 7.58 -27.28
N GLU A 115 38.49 7.73 -28.23
CA GLU A 115 38.71 7.23 -29.57
C GLU A 115 39.86 7.93 -30.27
N LYS A 116 39.84 9.27 -30.29
CA LYS A 116 40.76 10.01 -31.15
C LYS A 116 41.69 10.94 -30.37
N GLN A 117 42.09 10.55 -29.18
CA GLN A 117 43.19 11.24 -28.50
C GLN A 117 44.51 10.79 -29.11
N THR A 118 45.46 11.73 -29.21
CA THR A 118 46.73 11.49 -29.85
C THR A 118 47.87 11.97 -28.97
N VAL A 119 48.97 11.22 -28.96
CA VAL A 119 50.18 11.60 -28.25
C VAL A 119 51.33 11.54 -29.25
N LYS A 120 51.91 12.71 -29.56
CA LYS A 120 53.06 12.82 -30.46
C LYS A 120 52.79 12.15 -31.80
N GLY A 121 51.62 12.42 -32.37
CA GLY A 121 51.31 11.99 -33.72
C GLY A 121 50.83 10.56 -33.85
N GLU A 122 50.66 9.84 -32.76
CA GLU A 122 50.18 8.47 -32.79
C GLU A 122 49.04 8.28 -31.81
N PRO A 123 48.03 7.48 -32.15
CA PRO A 123 46.91 7.26 -31.22
C PRO A 123 47.39 6.77 -29.86
N ARG A 124 46.77 7.32 -28.82
CA ARG A 124 47.20 7.01 -27.46
C ARG A 124 46.83 5.59 -27.07
N PHE A 125 45.66 5.12 -27.49
CA PHE A 125 45.15 3.82 -27.09
C PHE A 125 44.91 2.94 -28.32
N THR A 126 45.38 1.69 -28.24
CA THR A 126 45.06 0.71 -29.26
C THR A 126 43.57 0.38 -29.23
N LEU A 127 43.09 -0.30 -30.26
CA LEU A 127 41.67 -0.58 -30.39
C LEU A 127 41.17 -1.43 -29.23
N GLU A 128 41.97 -2.38 -28.77
CA GLU A 128 41.56 -3.23 -27.64
C GLU A 128 41.57 -2.45 -26.34
N GLN A 129 42.54 -1.55 -26.17
CA GLN A 129 42.53 -0.67 -25.00
C GLN A 129 41.33 0.26 -25.05
N GLN A 130 40.99 0.74 -26.24
CA GLN A 130 39.82 1.59 -26.39
C GLN A 130 38.54 0.84 -26.03
N GLU A 131 38.45 -0.43 -26.44
CA GLU A 131 37.25 -1.21 -26.14
C GLU A 131 37.14 -1.48 -24.64
N TYR A 132 38.27 -1.70 -23.97
CA TYR A 132 38.22 -1.90 -22.52
C TYR A 132 37.79 -0.62 -21.82
N LEU A 133 38.39 0.51 -22.21
CA LEU A 133 38.06 1.77 -21.56
C LEU A 133 36.60 2.12 -21.78
N LYS A 134 36.10 1.89 -23.00
CA LYS A 134 34.70 2.15 -23.25
C LYS A 134 33.82 1.19 -22.45
N ALA A 135 34.31 -0.02 -22.19
CA ALA A 135 33.53 -0.95 -21.40
C ALA A 135 33.45 -0.53 -19.94
N GLN A 136 34.32 0.40 -19.52
CA GLN A 136 34.29 0.86 -18.13
C GLN A 136 33.26 1.96 -17.88
N ILE A 137 32.65 2.53 -18.91
CA ILE A 137 31.71 3.64 -18.80
C ILE A 137 30.29 3.15 -19.04
N VAL A 138 29.37 3.50 -18.13
CA VAL A 138 27.95 3.18 -18.31
C VAL A 138 27.13 4.47 -18.29
N HIS A 139 25.90 4.35 -18.77
CA HIS A 139 24.91 5.43 -18.77
C HIS A 139 23.60 4.88 -18.23
N LEU A 140 23.01 5.60 -17.26
CA LEU A 140 21.85 5.12 -16.53
C LEU A 140 20.65 6.03 -16.79
N PRO A 141 19.81 5.70 -17.77
CA PRO A 141 18.62 6.52 -18.04
C PRO A 141 17.42 6.08 -17.22
N ASN A 142 16.27 6.71 -17.46
CA ASN A 142 15.05 6.30 -16.78
C ASN A 142 14.67 4.88 -17.19
N GLN A 143 13.81 4.27 -16.38
CA GLN A 143 13.52 2.84 -16.53
C GLN A 143 12.79 2.55 -17.84
N SER A 144 11.92 3.46 -18.28
CA SER A 144 11.24 3.26 -19.55
C SER A 144 12.22 3.33 -20.71
N GLU A 145 13.20 4.22 -20.61
CA GLU A 145 14.21 4.33 -21.66
C GLU A 145 15.19 3.17 -21.59
N GLN A 146 15.44 2.65 -20.38
CA GLN A 146 16.32 1.49 -20.26
C GLN A 146 15.67 0.27 -20.88
N LEU A 147 14.36 0.10 -20.69
CA LEU A 147 13.67 -1.06 -21.25
C LEU A 147 13.50 -0.93 -22.75
N LEU A 148 13.11 0.26 -23.23
CA LEU A 148 12.81 0.42 -24.64
C LEU A 148 14.03 0.28 -25.55
N GLN A 149 15.24 0.31 -25.00
CA GLN A 149 16.45 0.12 -25.79
C GLN A 149 16.97 -1.31 -25.75
N CYS A 150 16.28 -2.22 -25.08
CA CYS A 150 16.64 -3.63 -25.06
C CYS A 150 15.88 -4.37 -26.15
N SER A 151 16.60 -5.10 -26.98
CA SER A 151 15.99 -5.83 -28.08
C SER A 151 15.18 -7.01 -27.54
N ASP A 152 14.35 -7.59 -28.43
CA ASP A 152 13.51 -8.71 -28.04
C ASP A 152 14.33 -9.94 -27.67
N ALA A 153 15.48 -10.13 -28.32
CA ALA A 153 16.34 -11.26 -27.98
C ALA A 153 16.88 -11.14 -26.56
N VAL A 154 17.29 -9.93 -26.15
CA VAL A 154 17.81 -9.73 -24.81
C VAL A 154 16.74 -10.03 -23.76
N LEU A 155 15.53 -9.53 -23.99
CA LEU A 155 14.50 -9.67 -22.97
C LEU A 155 13.95 -11.10 -22.93
N ASN A 156 13.90 -11.78 -24.08
CA ASN A 156 13.49 -13.17 -24.06
C ASN A 156 14.56 -14.05 -23.43
N ASP A 157 15.84 -13.68 -23.62
CA ASP A 157 16.92 -14.40 -22.94
C ASP A 157 16.80 -14.22 -21.44
N VAL A 158 16.49 -13.00 -20.98
CA VAL A 158 16.37 -12.76 -19.56
C VAL A 158 15.19 -13.54 -18.98
N LEU A 159 14.04 -13.52 -19.69
CA LEU A 159 12.87 -14.23 -19.19
C LEU A 159 13.11 -15.74 -19.16
N ILE A 160 13.78 -16.29 -20.17
CA ILE A 160 14.07 -17.72 -20.19
C ILE A 160 15.05 -18.10 -19.10
N GLY A 161 16.10 -17.30 -18.91
CA GLY A 161 17.14 -17.64 -17.95
C GLY A 161 16.71 -17.57 -16.50
N PHE A 162 15.66 -16.82 -16.19
CA PHE A 162 15.15 -16.70 -14.83
C PHE A 162 13.85 -17.45 -14.62
N ASN A 163 13.43 -18.26 -15.60
CA ASN A 163 12.17 -19.01 -15.53
C ASN A 163 11.00 -18.07 -15.25
N LEU A 164 11.06 -16.89 -15.85
CA LEU A 164 10.03 -15.88 -15.67
C LEU A 164 8.95 -15.94 -16.75
N ASN A 165 9.12 -16.81 -17.74
CA ASN A 165 8.17 -16.86 -18.84
C ASN A 165 6.78 -17.32 -18.38
N ALA A 166 6.73 -18.41 -17.60
CA ALA A 166 5.45 -18.98 -17.17
C ALA A 166 5.08 -18.42 -15.80
N GLU A 167 4.63 -17.16 -15.80
CA GLU A 167 4.17 -16.52 -14.58
C GLU A 167 2.94 -15.65 -14.86
N ARG A 168 2.11 -16.09 -15.80
CA ARG A 168 0.81 -15.47 -16.08
C ARG A 168 0.91 -14.03 -16.59
N ASP A 169 0.50 -13.09 -15.73
CA ASP A 169 0.35 -11.70 -16.13
C ASP A 169 1.65 -11.11 -16.66
N VAL A 170 2.80 -11.59 -16.18
CA VAL A 170 4.06 -11.03 -16.65
C VAL A 170 4.21 -11.24 -18.14
N GLN A 171 3.91 -12.47 -18.61
CA GLN A 171 3.97 -12.68 -20.05
C GLN A 171 2.87 -11.91 -20.74
N ALA A 172 1.72 -11.78 -20.08
CA ALA A 172 0.65 -10.98 -20.65
C ALA A 172 1.11 -9.55 -20.80
N GLU A 173 1.82 -9.03 -19.80
CA GLU A 173 2.34 -7.68 -19.95
C GLU A 173 3.41 -7.61 -21.03
N TRP A 174 4.30 -8.61 -21.07
CA TRP A 174 5.39 -8.54 -22.04
C TRP A 174 4.87 -8.71 -23.45
N SER A 175 3.89 -9.59 -23.63
CA SER A 175 3.33 -9.78 -24.96
C SER A 175 2.69 -8.48 -25.43
N ALA A 176 2.07 -7.74 -24.51
CA ALA A 176 1.52 -6.46 -24.91
C ALA A 176 2.61 -5.46 -25.29
N ILE A 177 3.71 -5.44 -24.53
CA ILE A 177 4.75 -4.44 -24.78
C ILE A 177 5.40 -4.66 -26.13
N SER A 178 5.77 -5.91 -26.43
CA SER A 178 6.39 -6.16 -27.72
C SER A 178 5.43 -5.86 -28.85
N GLY A 179 4.12 -6.04 -28.63
CA GLY A 179 3.17 -5.69 -29.65
C GLY A 179 3.19 -4.19 -29.91
N LEU A 180 3.20 -3.41 -28.83
CA LEU A 180 3.21 -1.97 -29.02
C LEU A 180 4.51 -1.56 -29.67
N ARG A 181 5.58 -2.32 -29.42
CA ARG A 181 6.86 -1.99 -30.03
C ARG A 181 6.81 -2.14 -31.54
N ARG A 182 6.18 -3.22 -32.03
CA ARG A 182 6.26 -3.53 -33.45
C ARG A 182 5.58 -2.46 -34.30
N HIS A 183 4.44 -1.96 -33.85
CA HIS A 183 3.61 -0.99 -34.57
C HIS A 183 3.72 0.42 -34.02
N ALA A 184 4.93 0.86 -33.65
CA ALA A 184 5.11 2.19 -33.08
C ALA A 184 4.75 3.27 -34.09
N SER A 185 3.58 3.87 -33.91
CA SER A 185 3.05 4.91 -34.78
C SER A 185 3.46 6.28 -34.22
N ASN A 186 2.79 7.34 -34.68
CA ASN A 186 2.96 8.72 -34.22
C ASN A 186 2.95 8.80 -32.70
N PRO A 187 3.50 9.89 -32.10
CA PRO A 187 3.68 9.93 -30.63
C PRO A 187 2.46 9.55 -29.80
N GLU A 188 1.28 9.51 -30.42
CA GLU A 188 0.09 9.08 -29.71
C GLU A 188 0.29 7.69 -29.12
N VAL A 189 0.84 6.78 -29.91
CA VAL A 189 1.19 5.46 -29.40
C VAL A 189 2.36 5.56 -28.43
N LYS A 190 3.31 6.47 -28.70
CA LYS A 190 4.58 6.49 -27.99
C LYS A 190 4.43 6.87 -26.52
N ILE A 191 3.49 7.78 -26.18
CA ILE A 191 3.28 8.09 -24.77
C ILE A 191 2.83 6.85 -24.00
N SER A 192 1.92 6.07 -24.60
CA SER A 192 1.45 4.86 -23.96
C SER A 192 2.57 3.83 -23.87
N LEU A 193 3.38 3.74 -24.92
CA LEU A 193 4.46 2.77 -24.93
C LEU A 193 5.46 3.10 -23.82
N ASN A 194 5.76 4.38 -23.62
CA ASN A 194 6.69 4.76 -22.56
C ASN A 194 6.11 4.44 -21.18
N ARG A 195 4.82 4.73 -20.97
CA ARG A 195 4.23 4.45 -19.66
C ARG A 195 4.24 2.96 -19.35
N GLN A 196 3.87 2.13 -20.33
CA GLN A 196 3.82 0.71 -20.05
C GLN A 196 5.21 0.12 -20.00
N ALA A 197 6.18 0.71 -20.69
CA ALA A 197 7.54 0.22 -20.61
C ALA A 197 8.10 0.45 -19.22
N GLY A 198 7.81 1.61 -18.63
CA GLY A 198 8.28 1.86 -17.27
C GLY A 198 7.62 0.96 -16.26
N TYR A 199 6.31 0.74 -16.39
CA TYR A 199 5.62 -0.13 -15.43
C TYR A 199 6.09 -1.58 -15.55
N PHE A 200 6.28 -2.06 -16.78
CA PHE A 200 6.78 -3.42 -16.99
C PHE A 200 8.20 -3.56 -16.48
N TYR A 201 9.05 -2.56 -16.70
CA TYR A 201 10.41 -2.64 -16.20
C TYR A 201 10.42 -2.73 -14.69
N ARG A 202 9.60 -1.94 -14.01
CA ARG A 202 9.55 -2.01 -12.55
C ARG A 202 9.12 -3.39 -12.09
N ASN A 203 8.08 -3.96 -12.70
CA ASN A 203 7.59 -5.27 -12.28
C ASN A 203 8.62 -6.36 -12.52
N LEU A 204 9.22 -6.35 -13.73
CA LEU A 204 10.18 -7.38 -14.09
C LEU A 204 11.39 -7.32 -13.16
N ILE A 205 11.89 -6.12 -12.85
CA ILE A 205 13.05 -6.05 -11.97
C ILE A 205 12.66 -6.43 -10.56
N ASP A 206 11.43 -6.15 -10.14
CA ASP A 206 11.01 -6.55 -8.80
C ASP A 206 11.03 -8.06 -8.65
N ARG A 207 10.55 -8.77 -9.66
CA ARG A 207 10.53 -10.23 -9.55
C ARG A 207 11.91 -10.83 -9.78
N LEU A 208 12.74 -10.20 -10.64
CA LEU A 208 14.11 -10.67 -10.80
C LEU A 208 14.89 -10.53 -9.50
N GLN A 209 14.63 -9.45 -8.75
CA GLN A 209 15.35 -9.24 -7.51
C GLN A 209 14.85 -10.20 -6.43
N LYS A 210 13.53 -10.41 -6.37
CA LYS A 210 13.03 -11.34 -5.35
C LYS A 210 13.48 -12.76 -5.66
N LYS A 211 13.76 -13.07 -6.94
CA LYS A 211 14.29 -14.38 -7.28
C LYS A 211 15.77 -14.47 -6.92
N GLN A 212 16.52 -13.38 -7.11
CA GLN A 212 17.95 -13.42 -6.83
C GLN A 212 18.26 -13.38 -5.34
N LYS A 213 17.36 -12.84 -4.52
CA LYS A 213 17.60 -12.79 -3.08
C LYS A 213 17.36 -14.13 -2.40
N GLY A 214 16.43 -14.93 -2.91
CA GLY A 214 16.09 -16.19 -2.28
C GLY A 214 17.12 -17.27 -2.53
N ALA A 215 16.80 -18.47 -2.04
CA ALA A 215 17.70 -19.61 -2.16
C ALA A 215 17.83 -20.11 -3.59
N ASP A 216 16.87 -19.80 -4.46
CA ASP A 216 16.94 -20.19 -5.87
C ASP A 216 17.69 -19.15 -6.69
N ARG A 217 18.89 -18.80 -6.24
CA ARG A 217 19.70 -17.79 -6.91
C ARG A 217 20.28 -18.36 -8.19
N VAL A 218 19.99 -17.70 -9.31
CA VAL A 218 20.47 -18.11 -10.62
C VAL A 218 21.93 -17.73 -10.77
N LEU A 219 22.70 -18.58 -11.45
CA LEU A 219 24.08 -18.25 -11.77
C LEU A 219 24.13 -17.51 -13.09
N LEU A 220 24.76 -16.34 -13.09
CA LEU A 220 24.80 -15.45 -14.24
C LEU A 220 26.18 -15.50 -14.87
N SER A 221 26.24 -15.87 -16.15
CA SER A 221 27.49 -15.89 -16.91
C SER A 221 27.15 -16.01 -18.38
N GLY A 222 28.12 -15.68 -19.22
CA GLY A 222 27.95 -15.82 -20.66
C GLY A 222 26.84 -14.95 -21.20
N SER A 223 25.93 -15.59 -21.94
CA SER A 223 24.84 -14.86 -22.58
C SER A 223 23.89 -14.28 -21.55
N LEU A 224 23.58 -15.04 -20.50
CA LEU A 224 22.64 -14.54 -19.50
C LEU A 224 23.21 -13.32 -18.78
N LEU A 225 24.51 -13.36 -18.48
CA LEU A 225 25.14 -12.21 -17.82
C LEU A 225 25.16 -11.01 -18.75
N ALA A 226 25.52 -11.22 -20.02
CA ALA A 226 25.56 -10.08 -20.94
C ALA A 226 24.17 -9.49 -21.14
N SER A 227 23.14 -10.32 -21.11
CA SER A 227 21.79 -9.81 -21.30
C SER A 227 21.31 -9.06 -20.07
N VAL A 228 21.59 -9.58 -18.87
CA VAL A 228 21.11 -8.88 -17.68
C VAL A 228 21.91 -7.61 -17.47
N GLU A 229 23.19 -7.60 -17.84
CA GLU A 229 23.99 -6.38 -17.78
C GLU A 229 23.52 -5.36 -18.81
N THR A 230 22.93 -5.81 -19.91
CA THR A 230 22.34 -4.87 -20.85
C THR A 230 21.01 -4.32 -20.31
N LEU A 231 20.21 -5.17 -19.68
CA LEU A 231 18.95 -4.71 -19.11
C LEU A 231 19.17 -3.88 -17.85
N LEU A 232 20.18 -4.22 -17.05
CA LEU A 232 20.50 -3.53 -15.81
C LEU A 232 21.93 -3.02 -15.86
N PRO A 233 22.15 -1.79 -16.30
CA PRO A 233 23.52 -1.25 -16.34
C PRO A 233 24.16 -1.14 -14.95
N GLY A 234 23.36 -0.99 -13.90
CA GLY A 234 23.93 -0.95 -12.56
C GLY A 234 24.43 -2.30 -12.06
N GLU A 235 24.05 -3.38 -12.73
CA GLU A 235 24.64 -4.68 -12.42
C GLU A 235 26.12 -4.70 -12.77
N LYS A 236 26.53 -3.92 -13.77
CA LYS A 236 27.94 -3.81 -14.09
C LYS A 236 28.69 -3.08 -12.97
N ILE A 237 28.05 -2.07 -12.38
CA ILE A 237 28.65 -1.36 -11.25
C ILE A 237 28.76 -2.31 -10.05
N ARG A 238 27.71 -3.09 -9.79
CA ARG A 238 27.73 -4.00 -8.66
C ARG A 238 28.79 -5.08 -8.82
N ASN A 239 28.92 -5.63 -10.04
CA ASN A 239 29.93 -6.66 -10.29
C ASN A 239 31.34 -6.10 -10.13
N GLY A 240 31.59 -4.91 -10.64
CA GLY A 240 32.93 -4.36 -10.73
C GLY A 240 33.46 -4.24 -12.15
N SER A 241 32.63 -4.48 -13.16
CA SER A 241 33.08 -4.33 -14.54
C SER A 241 33.27 -2.87 -14.90
N ALA A 242 32.44 -1.99 -14.35
CA ALA A 242 32.47 -0.57 -14.65
C ALA A 242 32.52 0.23 -13.36
N HIS A 243 33.16 1.41 -13.42
CA HIS A 243 33.15 2.31 -12.28
C HIS A 243 32.94 3.77 -12.68
N VAL A 244 32.51 4.03 -13.91
CA VAL A 244 32.18 5.37 -14.36
C VAL A 244 30.72 5.38 -14.79
N ALA A 245 29.94 6.31 -14.24
CA ALA A 245 28.52 6.39 -14.49
C ALA A 245 28.17 7.78 -14.99
N PHE A 246 27.32 7.85 -16.01
CA PHE A 246 26.76 9.10 -16.50
C PHE A 246 25.26 9.10 -16.25
N LEU A 247 24.77 10.12 -15.54
CA LEU A 247 23.35 10.12 -15.20
C LEU A 247 22.93 11.53 -14.82
N THR A 248 21.63 11.71 -14.64
CA THR A 248 21.08 12.99 -14.24
C THR A 248 21.04 13.12 -12.72
N THR A 249 20.71 14.32 -12.25
CA THR A 249 20.57 14.55 -10.82
C THR A 249 19.36 13.83 -10.25
N SER A 250 18.26 13.77 -11.01
CA SER A 250 17.08 13.05 -10.55
C SER A 250 17.37 11.57 -10.39
N LYS A 251 18.09 10.98 -11.36
CA LYS A 251 18.45 9.57 -11.25
C LYS A 251 19.45 9.35 -10.13
N PHE A 252 20.36 10.31 -9.91
CA PHE A 252 21.33 10.16 -8.84
C PHE A 252 20.67 10.21 -7.48
N LEU A 253 19.63 11.03 -7.33
CA LEU A 253 18.91 11.12 -6.07
C LEU A 253 17.94 9.96 -5.90
N LYS A 254 17.53 9.31 -6.99
CA LYS A 254 16.66 8.15 -6.90
C LYS A 254 17.45 6.85 -6.78
N GLY A 255 18.61 6.76 -7.42
CA GLY A 255 19.38 5.54 -7.45
C GLY A 255 18.95 4.62 -8.59
N PHE A 256 19.73 3.57 -8.78
CA PHE A 256 19.46 2.61 -9.85
C PHE A 256 19.35 1.20 -9.27
N HIS A 257 19.15 0.24 -10.16
CA HIS A 257 18.87 -1.14 -9.79
C HIS A 257 20.00 -2.06 -10.22
N ASN A 258 20.28 -3.06 -9.40
CA ASN A 258 21.06 -4.22 -9.80
C ASN A 258 20.22 -5.46 -9.51
N THR A 259 20.82 -6.64 -9.67
CA THR A 259 20.07 -7.88 -9.49
C THR A 259 19.68 -8.11 -8.04
N ARG A 260 20.32 -7.43 -7.09
CA ARG A 260 20.06 -7.65 -5.68
C ARG A 260 19.04 -6.67 -5.09
N SER A 261 19.25 -5.37 -5.27
CA SER A 261 18.37 -4.36 -4.69
C SER A 261 18.51 -3.07 -5.50
N ARG A 262 18.01 -1.98 -4.94
CA ARG A 262 18.19 -0.66 -5.52
C ARG A 262 19.36 0.01 -4.85
N TYR A 263 20.35 0.42 -5.64
CA TYR A 263 21.56 1.03 -5.12
C TYR A 263 21.38 2.54 -5.00
N SER A 264 21.46 3.05 -3.78
CA SER A 264 21.37 4.49 -3.55
C SER A 264 22.77 5.05 -3.47
N PRO A 265 23.21 5.87 -4.42
CA PRO A 265 24.59 6.38 -4.39
C PRO A 265 24.87 7.33 -3.24
N LEU A 266 23.85 7.89 -2.60
CA LEU A 266 24.06 8.81 -1.50
C LEU A 266 24.47 8.13 -0.21
N ARG A 267 24.20 6.83 -0.08
CA ARG A 267 24.58 6.08 1.11
C ARG A 267 25.99 5.52 1.03
N ASP A 268 26.66 5.63 -0.11
CA ASP A 268 27.97 5.04 -0.33
C ASP A 268 28.90 6.04 -1.01
N LEU A 269 28.94 7.25 -0.47
CA LEU A 269 29.65 8.35 -1.12
C LEU A 269 31.09 8.50 -0.65
N SER A 270 31.55 7.64 0.24
CA SER A 270 32.90 7.78 0.77
C SER A 270 33.92 7.33 -0.28
N GLY A 271 34.82 8.24 -0.64
CA GLY A 271 35.84 7.94 -1.63
C GLY A 271 35.42 8.14 -3.07
N ALA A 272 34.17 8.52 -3.31
CA ALA A 272 33.69 8.72 -4.67
C ALA A 272 34.13 10.08 -5.20
N VAL A 273 34.11 10.22 -6.52
CA VAL A 273 34.33 11.49 -7.20
C VAL A 273 33.08 11.84 -7.98
N LEU A 274 32.54 13.01 -7.73
CA LEU A 274 31.36 13.53 -8.41
C LEU A 274 31.76 14.72 -9.25
N ILE A 275 31.37 14.71 -10.52
CA ILE A 275 31.52 15.86 -11.40
C ILE A 275 30.11 16.35 -11.68
N ILE A 276 29.72 17.46 -11.05
CA ILE A 276 28.40 18.05 -11.21
C ILE A 276 28.53 19.25 -12.13
N ASP A 277 27.98 19.13 -13.34
CA ASP A 277 28.05 20.21 -14.30
C ASP A 277 26.81 21.08 -14.18
N GLU A 278 27.02 22.40 -14.21
CA GLU A 278 25.98 23.37 -13.91
C GLU A 278 25.42 23.11 -12.51
N ILE A 279 26.30 23.25 -11.51
CA ILE A 279 25.93 22.85 -10.16
C ILE A 279 24.82 23.72 -9.59
N ASP A 280 24.76 25.00 -9.99
CA ASP A 280 23.77 25.89 -9.42
C ASP A 280 22.36 25.47 -9.79
N LYS A 281 22.18 24.94 -11.00
CA LYS A 281 20.86 24.52 -11.41
C LYS A 281 20.42 23.26 -10.68
N GLN A 282 21.34 22.58 -9.99
CA GLN A 282 20.96 21.41 -9.23
C GLN A 282 20.29 21.79 -7.92
N ASN A 283 20.44 23.05 -7.50
CA ASN A 283 19.76 23.50 -6.28
C ASN A 283 18.28 23.28 -6.39
N GLN A 284 17.68 23.65 -7.52
CA GLN A 284 16.25 23.48 -7.67
C GLN A 284 15.88 22.02 -7.87
N VAL A 285 16.75 21.24 -8.53
CA VAL A 285 16.43 19.84 -8.76
C VAL A 285 16.35 19.08 -7.45
N ILE A 286 17.33 19.31 -6.57
CA ILE A 286 17.31 18.64 -5.29
C ILE A 286 16.10 19.11 -4.50
N LEU A 287 15.75 20.40 -4.65
CA LEU A 287 14.61 20.91 -3.93
C LEU A 287 13.35 20.19 -4.37
N SER A 288 13.20 19.98 -5.69
CA SER A 288 11.99 19.33 -6.16
C SER A 288 11.90 17.89 -5.70
N GLU A 289 13.02 17.30 -5.28
CA GLU A 289 12.94 15.97 -4.70
C GLU A 289 12.59 16.01 -3.22
N LEU A 290 13.07 17.03 -2.50
CA LEU A 290 12.79 17.12 -1.07
C LEU A 290 11.32 17.40 -0.82
N CYS A 291 10.64 18.05 -1.76
CA CYS A 291 9.24 18.37 -1.61
C CYS A 291 8.34 17.20 -2.00
N LYS A 292 8.92 16.11 -2.54
CA LYS A 292 8.10 14.96 -2.92
C LYS A 292 7.79 14.04 -1.76
N GLN A 293 8.27 14.33 -0.55
CA GLN A 293 8.09 13.42 0.57
C GLN A 293 6.61 13.32 0.94
N GLN A 294 6.25 12.18 1.53
CA GLN A 294 4.86 11.88 1.85
C GLN A 294 4.50 12.43 3.22
N ALA A 295 3.30 12.99 3.33
CA ALA A 295 2.82 13.50 4.60
C ALA A 295 2.56 12.37 5.58
N GLN A 296 2.71 12.67 6.86
CA GLN A 296 2.51 11.69 7.92
C GLN A 296 1.48 12.20 8.92
N ASP A 297 0.57 11.32 9.32
CA ASP A 297 -0.40 11.63 10.37
C ASP A 297 0.32 11.54 11.72
N LEU A 298 0.44 12.66 12.41
CA LEU A 298 1.25 12.69 13.62
C LEU A 298 0.53 12.05 14.81
N ILE A 299 -0.80 12.10 14.83
CA ILE A 299 -1.53 11.48 15.93
C ILE A 299 -1.43 9.97 15.84
N TRP A 300 -1.60 9.42 14.64
CA TRP A 300 -1.47 7.97 14.48
C TRP A 300 -0.04 7.53 14.74
N ALA A 301 0.93 8.31 14.28
CA ALA A 301 2.33 7.90 14.42
C ALA A 301 2.75 7.90 15.88
N ILE A 302 2.30 8.91 16.64
CA ILE A 302 2.72 8.96 18.04
C ILE A 302 1.94 7.94 18.87
N ARG A 303 0.67 7.67 18.51
CA ARG A 303 -0.07 6.65 19.24
C ARG A 303 0.47 5.25 18.94
N THR A 304 0.97 5.02 17.73
CA THR A 304 1.57 3.73 17.40
C THR A 304 2.91 3.57 18.09
N LEU A 305 3.72 4.63 18.11
CA LEU A 305 5.01 4.55 18.79
C LEU A 305 4.81 4.31 20.28
N ARG A 306 3.78 4.93 20.87
CA ARG A 306 3.56 4.74 22.30
C ARG A 306 3.04 3.34 22.59
N ALA A 307 2.16 2.83 21.71
CA ALA A 307 1.59 1.50 21.95
C ALA A 307 2.65 0.41 21.81
N ASN A 308 3.55 0.53 20.84
CA ASN A 308 4.50 -0.54 20.56
C ASN A 308 5.80 -0.45 21.34
N PHE A 309 6.16 0.73 21.84
CA PHE A 309 7.36 0.84 22.65
C PHE A 309 7.10 0.58 24.13
N ARG A 310 5.88 0.26 24.50
CA ARG A 310 5.55 0.02 25.90
C ARG A 310 6.21 -1.25 26.43
N ASP A 311 6.11 -2.35 25.68
CA ASP A 311 6.55 -3.63 26.22
C ASP A 311 7.53 -4.37 25.31
N HIS A 312 7.44 -4.15 24.00
CA HIS A 312 8.22 -4.94 23.05
C HIS A 312 9.72 -4.76 23.29
N GLN A 313 10.47 -5.85 23.13
CA GLN A 313 11.89 -5.89 23.44
C GLN A 313 12.67 -6.42 22.25
N LEU A 314 13.95 -6.01 22.18
CA LEU A 314 14.88 -6.61 21.24
C LEU A 314 15.47 -7.88 21.84
N GLU A 315 16.10 -8.68 20.97
CA GLU A 315 16.78 -9.87 21.43
C GLU A 315 18.05 -9.49 22.20
N SER A 316 18.52 -10.43 23.01
CA SER A 316 19.77 -10.26 23.75
C SER A 316 20.93 -10.97 23.08
N SER A 317 20.94 -10.97 21.76
CA SER A 317 22.02 -11.55 20.96
C SER A 317 23.15 -10.53 20.78
N PRO A 318 24.35 -11.00 20.43
CA PRO A 318 25.45 -10.04 20.18
C PRO A 318 25.19 -9.06 19.06
N ARG A 319 24.41 -9.43 18.04
CA ARG A 319 24.19 -8.53 16.92
C ARG A 319 23.33 -7.32 17.29
N TYR A 320 22.64 -7.36 18.44
CA TYR A 320 21.86 -6.23 18.93
C TYR A 320 22.53 -5.58 20.14
N ASP A 321 23.85 -5.59 20.18
CA ASP A 321 24.59 -5.05 21.31
C ASP A 321 24.41 -3.53 21.40
N LYS A 322 24.08 -3.07 22.62
CA LYS A 322 23.94 -1.64 22.95
C LYS A 322 23.02 -0.88 22.00
N ILE A 323 22.07 -1.57 21.37
CA ILE A 323 21.04 -0.89 20.59
C ILE A 323 19.86 -0.47 21.45
N GLU A 324 19.50 -1.28 22.46
CA GLU A 324 18.37 -0.94 23.33
C GLU A 324 18.63 0.30 24.17
N ASP A 325 19.89 0.59 24.47
CA ASP A 325 20.22 1.80 25.19
C ASP A 325 20.05 3.04 24.33
N LEU A 326 19.98 2.86 23.01
CA LEU A 326 19.69 3.99 22.14
C LEU A 326 18.22 4.36 22.21
N PHE A 327 17.36 3.39 22.51
CA PHE A 327 15.92 3.60 22.50
C PHE A 327 15.32 3.81 23.88
N GLU A 328 16.06 3.59 24.96
CA GLU A 328 15.48 3.80 26.29
C GLU A 328 15.03 5.25 26.54
N PRO A 329 15.80 6.28 26.22
CA PRO A 329 15.29 7.66 26.41
C PRO A 329 14.05 7.94 25.60
N LEU A 330 13.92 7.36 24.41
CA LEU A 330 12.73 7.59 23.60
C LEU A 330 11.53 6.92 24.23
N ARG A 331 11.72 5.79 24.92
CA ARG A 331 10.61 5.13 25.58
C ARG A 331 10.14 5.93 26.78
N GLU A 332 11.08 6.47 27.55
CA GLU A 332 10.69 7.29 28.70
C GLU A 332 9.99 8.56 28.23
N ARG A 333 10.47 9.16 27.14
CA ARG A 333 9.82 10.34 26.60
C ARG A 333 8.42 10.02 26.09
N LEU A 334 8.25 8.86 25.46
CA LEU A 334 6.93 8.51 24.92
C LEU A 334 5.94 8.29 26.04
N GLU A 335 6.36 7.62 27.12
CA GLU A 335 5.43 7.39 28.22
C GLU A 335 5.07 8.70 28.92
N GLU A 336 6.01 9.64 28.99
CA GLU A 336 5.69 10.91 29.63
C GLU A 336 4.78 11.76 28.74
N PHE A 337 5.02 11.74 27.44
CA PHE A 337 4.18 12.50 26.51
C PHE A 337 2.77 11.96 26.50
N GLY A 338 2.63 10.63 26.49
CA GLY A 338 1.31 10.04 26.46
C GLY A 338 0.55 10.26 27.75
N THR A 339 1.26 10.31 28.89
CA THR A 339 0.59 10.66 30.13
C THR A 339 0.13 12.11 30.10
N ASN A 340 1.00 13.02 29.66
CA ASN A 340 0.67 14.45 29.69
C ASN A 340 -0.49 14.81 28.77
N TRP A 341 -0.52 14.24 27.55
CA TRP A 341 -1.49 14.65 26.56
C TRP A 341 -2.67 13.69 26.42
N ASN A 342 -2.76 12.67 27.27
CA ASN A 342 -3.91 11.76 27.32
C ASN A 342 -4.14 11.11 25.95
N LEU A 343 -3.16 10.31 25.54
CA LEU A 343 -3.17 9.67 24.24
C LEU A 343 -4.07 8.44 24.19
N ALA A 344 -4.69 8.07 25.32
CA ALA A 344 -5.69 7.00 25.30
C ALA A 344 -6.94 7.42 24.51
N PHE A 345 -7.21 8.72 24.42
CA PHE A 345 -8.36 9.22 23.70
C PHE A 345 -7.98 9.69 22.30
N ALA A 346 -8.97 9.83 21.45
CA ALA A 346 -8.79 10.37 20.12
C ALA A 346 -9.13 11.86 20.13
N PHE A 347 -8.93 12.52 18.99
CA PHE A 347 -9.00 13.97 18.89
C PHE A 347 -10.13 14.40 17.98
N ASN A 348 -10.79 15.49 18.36
CA ASN A 348 -11.83 16.10 17.53
C ASN A 348 -11.87 17.59 17.81
N THR A 349 -12.46 18.34 16.89
CA THR A 349 -12.62 19.78 17.03
C THR A 349 -14.02 20.09 17.52
N GLU A 350 -14.29 21.38 17.74
CA GLU A 350 -15.62 21.85 18.12
C GLU A 350 -15.65 23.36 18.00
N GLY A 351 -16.82 23.89 17.62
CA GLY A 351 -17.02 25.31 17.53
C GLY A 351 -16.93 25.82 16.10
N ALA A 352 -17.17 27.12 15.96
CA ALA A 352 -17.17 27.76 14.66
C ALA A 352 -15.74 28.05 14.20
N ASN A 353 -15.62 28.32 12.90
CA ASN A 353 -14.35 28.63 12.23
C ASN A 353 -13.36 27.47 12.27
N LEU A 354 -13.77 26.32 12.81
CA LEU A 354 -12.92 25.13 12.82
C LEU A 354 -13.38 24.04 11.87
N ASN A 355 -14.65 24.04 11.48
CA ASN A 355 -15.19 23.04 10.57
C ASN A 355 -15.23 23.51 9.12
N GLU A 356 -15.52 24.78 8.90
CA GLU A 356 -15.63 25.30 7.53
C GLU A 356 -14.29 25.20 6.80
N ARG A 357 -13.19 25.51 7.49
CA ARG A 357 -11.86 25.43 6.91
C ARG A 357 -10.94 24.66 7.86
N PRO A 358 -10.13 23.73 7.35
CA PRO A 358 -9.16 23.04 8.21
C PRO A 358 -8.15 24.03 8.77
N VAL A 359 -7.49 23.62 9.85
CA VAL A 359 -6.50 24.47 10.50
C VAL A 359 -5.12 24.16 9.93
N ARG A 360 -4.40 25.20 9.49
CA ARG A 360 -3.05 25.02 8.98
C ARG A 360 -2.07 25.75 9.88
N LEU A 361 -0.99 25.06 10.25
CA LEU A 361 0.07 25.60 11.07
C LEU A 361 1.40 25.46 10.34
N PHE A 362 2.20 26.51 10.34
CA PHE A 362 3.53 26.49 9.73
C PHE A 362 4.55 26.83 10.81
N SER A 363 5.64 26.06 10.82
CA SER A 363 6.72 26.28 11.78
C SER A 363 8.07 26.21 11.08
N ASP A 364 8.90 27.22 11.31
CA ASP A 364 10.31 27.16 10.96
C ASP A 364 11.03 26.16 11.87
N ARG A 365 10.45 25.86 13.03
CA ARG A 365 10.95 25.04 14.13
C ARG A 365 11.90 25.82 15.02
N SER A 366 12.22 27.07 14.70
CA SER A 366 13.02 27.89 15.62
C SER A 366 12.26 29.12 16.12
N PHE A 367 11.87 30.03 15.24
CA PHE A 367 11.24 31.27 15.71
C PHE A 367 10.16 31.81 14.78
N THR A 368 9.82 31.12 13.70
CA THR A 368 8.76 31.57 12.79
C THR A 368 7.60 30.60 12.90
N HIS A 369 6.49 31.07 13.47
CA HIS A 369 5.30 30.25 13.67
C HIS A 369 4.10 31.04 13.16
N VAL A 370 3.36 30.46 12.22
CA VAL A 370 2.19 31.10 11.65
C VAL A 370 1.01 30.13 11.74
N SER A 371 -0.14 30.63 12.19
CA SER A 371 -1.34 29.82 12.29
C SER A 371 -2.43 30.42 11.41
N SER A 372 -3.23 29.55 10.80
CA SER A 372 -4.33 30.00 9.97
C SER A 372 -5.56 30.34 10.80
N ALA A 373 -5.61 29.91 12.06
CA ALA A 373 -6.74 30.21 12.93
C ALA A 373 -6.65 31.65 13.42
N THR A 374 -7.79 32.33 13.46
CA THR A 374 -7.81 33.70 13.96
C THR A 374 -7.46 33.75 15.45
N HIS A 375 -8.01 32.84 16.24
CA HIS A 375 -7.73 32.74 17.66
C HIS A 375 -6.83 31.55 17.93
N LYS A 376 -6.07 31.63 19.02
CA LYS A 376 -5.24 30.51 19.43
C LYS A 376 -6.09 29.32 19.80
N LEU A 377 -5.75 28.16 19.25
CA LEU A 377 -6.51 26.94 19.48
C LEU A 377 -5.95 26.22 20.70
N SER A 378 -6.84 25.87 21.63
CA SER A 378 -6.47 25.13 22.82
C SER A 378 -6.73 23.65 22.62
N LEU A 379 -6.33 22.86 23.61
CA LEU A 379 -6.50 21.41 23.58
C LEU A 379 -6.85 20.95 24.99
N LYS A 380 -8.03 20.38 25.15
CA LYS A 380 -8.54 20.00 26.46
C LYS A 380 -8.99 18.55 26.45
N SER A 381 -8.79 17.84 27.56
CA SER A 381 -9.22 16.46 27.67
C SER A 381 -10.52 16.39 28.46
N ASP A 382 -11.53 15.77 27.85
CA ASP A 382 -12.84 15.57 28.47
C ASP A 382 -12.90 14.10 28.89
N PHE A 383 -12.75 13.86 30.19
CA PHE A 383 -12.72 12.52 30.75
C PHE A 383 -14.11 11.90 30.83
N LEU A 384 -15.16 12.73 30.87
CA LEU A 384 -16.51 12.20 30.80
C LEU A 384 -16.84 11.74 29.39
N ARG A 385 -16.42 12.52 28.39
CA ARG A 385 -16.64 12.19 27.00
C ARG A 385 -15.56 11.28 26.43
N ARG A 386 -14.43 11.15 27.14
CA ARG A 386 -13.28 10.40 26.65
C ARG A 386 -12.83 10.93 25.29
N LYS A 387 -12.67 12.25 25.20
CA LYS A 387 -12.22 12.85 23.95
C LYS A 387 -11.22 13.97 24.22
N ASN A 388 -10.33 14.20 23.26
CA ASN A 388 -9.47 15.37 23.27
C ASN A 388 -10.03 16.39 22.29
N LEU A 389 -10.39 17.56 22.80
CA LEU A 389 -11.13 18.56 22.05
C LEU A 389 -10.24 19.75 21.74
N ILE A 390 -10.26 20.17 20.47
CA ILE A 390 -9.47 21.30 20.01
C ILE A 390 -10.40 22.52 20.08
N PHE A 391 -10.38 23.19 21.22
CA PHE A 391 -11.28 24.28 21.52
C PHE A 391 -10.68 25.61 21.05
N SER A 392 -11.53 26.64 21.06
CA SER A 392 -11.10 28.02 20.80
C SER A 392 -11.75 28.91 21.87
N ASP A 393 -11.06 29.06 22.99
CA ASP A 393 -11.63 29.81 24.11
C ASP A 393 -11.65 31.30 23.80
N GLU A 394 -12.77 31.94 24.13
CA GLU A 394 -12.94 33.38 23.89
C GLU A 394 -12.60 34.18 25.15
N LYS A 395 -11.36 34.04 25.59
CA LYS A 395 -10.87 34.78 26.75
C LYS A 395 -9.37 35.00 26.68
N ILE A 401 -1.51 34.22 29.30
CA ILE A 401 -1.51 33.18 28.27
C ILE A 401 -1.61 31.80 28.92
N GLU A 402 -2.58 31.01 28.48
CA GLU A 402 -2.73 29.63 28.93
C GLU A 402 -1.66 28.79 28.24
N LYS A 403 -0.48 28.75 28.84
CA LYS A 403 0.65 28.05 28.23
C LYS A 403 0.38 26.55 28.14
N HIS A 404 -0.28 25.99 29.14
CA HIS A 404 -0.57 24.56 29.16
C HIS A 404 -1.84 24.29 28.35
N GLY A 405 -1.72 23.46 27.33
CA GLY A 405 -2.88 23.06 26.53
C GLY A 405 -3.08 23.89 25.29
N LEU A 406 -2.03 24.02 24.48
CA LEU A 406 -2.10 24.68 23.19
C LEU A 406 -1.88 23.64 22.09
N LEU A 407 -2.58 23.82 20.97
CA LEU A 407 -2.45 22.88 19.87
C LEU A 407 -1.06 22.92 19.25
N THR A 408 -0.45 24.11 19.19
CA THR A 408 0.87 24.22 18.60
C THR A 408 1.94 23.57 19.48
N ARG A 409 1.75 23.59 20.80
CA ARG A 409 2.68 22.89 21.69
C ARG A 409 2.62 21.39 21.48
N PHE A 410 1.41 20.84 21.35
CA PHE A 410 1.25 19.41 21.09
C PHE A 410 1.84 19.03 19.73
N VAL A 411 1.62 19.87 18.72
CA VAL A 411 2.09 19.53 17.39
C VAL A 411 3.61 19.60 17.32
N ASN A 412 4.19 20.60 17.99
CA ASN A 412 5.64 20.72 17.99
C ASN A 412 6.29 19.57 18.74
N GLU A 413 5.69 19.16 19.87
CA GLU A 413 6.28 18.06 20.62
C GLU A 413 6.13 16.73 19.90
N ALA A 414 5.04 16.56 19.14
CA ALA A 414 4.88 15.31 18.41
C ALA A 414 5.81 15.26 17.20
N ASP A 415 6.09 16.42 16.59
CA ASP A 415 7.06 16.43 15.50
C ASP A 415 8.46 16.15 16.03
N VAL A 416 8.78 16.68 17.22
CA VAL A 416 10.07 16.41 17.83
C VAL A 416 10.22 14.92 18.12
N ILE A 417 9.17 14.30 18.67
CA ILE A 417 9.25 12.87 18.99
C ILE A 417 9.38 12.04 17.72
N TYR A 418 8.67 12.40 16.66
CA TYR A 418 8.77 11.64 15.41
C TYR A 418 10.17 11.74 14.81
N GLN A 419 10.74 12.94 14.78
CA GLN A 419 12.10 13.07 14.24
C GLN A 419 13.12 12.41 15.15
N TRP A 420 12.84 12.34 16.45
CA TRP A 420 13.71 11.62 17.37
C TRP A 420 13.68 10.13 17.07
N PHE A 421 12.51 9.60 16.73
CA PHE A 421 12.42 8.18 16.40
C PHE A 421 13.20 7.89 15.12
N LEU A 422 13.07 8.75 14.10
CA LEU A 422 13.80 8.49 12.87
C LEU A 422 15.31 8.65 13.04
N GLY A 423 15.75 9.59 13.88
CA GLY A 423 17.17 9.72 14.15
C GLY A 423 17.73 8.53 14.92
N THR A 424 16.97 8.04 15.90
CA THR A 424 17.45 6.88 16.64
C THR A 424 17.42 5.63 15.78
N MET A 425 16.53 5.57 14.79
CA MET A 425 16.58 4.46 13.83
C MET A 425 17.86 4.52 13.00
N ARG A 426 18.27 5.72 12.58
CA ARG A 426 19.53 5.84 11.85
C ARG A 426 20.72 5.42 12.71
N LYS A 427 20.71 5.83 13.98
CA LYS A 427 21.81 5.49 14.88
C LYS A 427 21.84 4.00 15.14
N ALA A 428 20.68 3.35 15.22
CA ALA A 428 20.65 1.93 15.54
C ALA A 428 21.01 1.10 14.32
N VAL A 429 20.72 1.58 13.12
CA VAL A 429 21.15 0.86 11.93
C VAL A 429 22.67 0.89 11.82
N PHE A 430 23.27 2.06 12.09
CA PHE A 430 24.74 2.14 12.03
C PHE A 430 25.39 1.29 13.13
N GLN A 431 24.75 1.23 14.31
CA GLN A 431 25.28 0.37 15.38
C GLN A 431 25.11 -1.10 15.03
N TYR A 432 24.01 -1.47 14.39
CA TYR A 432 23.81 -2.84 13.94
C TYR A 432 24.91 -3.22 12.97
N TRP A 433 25.27 -2.31 12.06
CA TRP A 433 26.28 -2.65 11.08
C TRP A 433 27.65 -2.81 11.73
N GLU A 434 27.92 -2.03 12.79
CA GLU A 434 29.16 -2.27 13.54
C GLU A 434 29.15 -3.63 14.21
N ASN A 435 28.02 -4.01 14.81
CA ASN A 435 27.95 -5.30 15.50
C ASN A 435 28.11 -6.44 14.51
N VAL A 436 27.51 -6.31 13.34
CA VAL A 436 27.55 -7.37 12.33
C VAL A 436 28.97 -7.53 11.78
N ARG A 437 29.62 -6.43 11.39
CA ARG A 437 30.97 -6.56 10.83
C ARG A 437 31.91 -7.31 11.77
N GLY A 438 31.68 -7.24 13.08
CA GLY A 438 32.49 -7.98 14.01
C GLY A 438 31.80 -9.22 14.54
N LEU A 439 30.97 -9.83 13.68
CA LEU A 439 30.21 -11.01 14.05
C LEU A 439 30.09 -11.95 12.85
N GLU A 440 29.41 -11.48 11.80
CA GLU A 440 29.34 -12.15 10.50
C GLU A 440 30.67 -12.73 10.03
N ILE A 441 31.79 -12.16 10.48
CA ILE A 441 33.10 -12.74 10.24
C ILE A 441 33.19 -14.12 10.90
N GLU A 445 28.40 -11.49 2.08
CA GLU A 445 29.07 -10.92 0.92
C GLU A 445 29.28 -9.42 1.09
N ASN A 446 28.30 -8.63 0.67
CA ASN A 446 28.37 -7.18 0.84
C ASN A 446 28.38 -6.82 2.31
N ARG A 447 29.56 -6.46 2.83
CA ARG A 447 29.72 -6.04 4.22
C ARG A 447 29.89 -4.54 4.36
N SER A 448 29.09 -3.74 3.65
CA SER A 448 29.10 -2.30 3.81
C SER A 448 27.80 -1.84 4.46
N LEU A 449 27.74 -0.54 4.75
CA LEU A 449 26.55 0.05 5.35
C LEU A 449 25.36 -0.03 4.40
N GLU A 450 25.61 0.21 3.10
CA GLU A 450 24.53 0.15 2.12
C GLU A 450 23.96 -1.26 1.98
N GLY A 451 24.82 -2.27 2.05
CA GLY A 451 24.35 -3.64 1.93
C GLY A 451 23.67 -4.17 3.17
N THR A 452 24.06 -3.69 4.35
CA THR A 452 23.45 -4.11 5.61
C THR A 452 22.25 -3.27 6.01
N PHE A 453 22.00 -2.16 5.31
CA PHE A 453 21.00 -1.20 5.76
C PHE A 453 19.60 -1.78 5.76
N GLN A 454 19.26 -2.54 4.71
CA GLN A 454 17.90 -3.05 4.60
C GLN A 454 17.64 -4.14 5.64
N GLU A 455 18.65 -4.98 5.89
CA GLU A 455 18.48 -6.02 6.90
C GLU A 455 18.41 -5.41 8.29
N ALA A 456 19.18 -4.35 8.54
CA ALA A 456 19.13 -3.71 9.85
C ALA A 456 17.77 -3.09 10.11
N VAL A 457 17.22 -2.38 9.10
CA VAL A 457 15.91 -1.76 9.27
C VAL A 457 14.84 -2.83 9.46
N GLN A 458 14.89 -3.88 8.64
CA GLN A 458 13.88 -4.94 8.75
C GLN A 458 13.93 -5.60 10.11
N SER A 459 15.14 -5.91 10.61
CA SER A 459 15.26 -6.60 11.89
C SER A 459 14.78 -5.73 13.04
N LEU A 460 15.10 -4.43 13.01
CA LEU A 460 14.71 -3.58 14.12
C LEU A 460 13.20 -3.35 14.12
N LEU A 461 12.62 -3.10 12.94
CA LEU A 461 11.19 -2.83 12.89
C LEU A 461 10.39 -4.10 13.17
N THR A 462 10.88 -5.27 12.75
CA THR A 462 10.19 -6.51 13.05
C THR A 462 10.25 -6.81 14.55
N HIS A 463 11.38 -6.51 15.20
CA HIS A 463 11.48 -6.76 16.63
C HIS A 463 10.59 -5.82 17.43
N PHE A 464 10.42 -4.58 16.96
CA PHE A 464 9.60 -3.62 17.69
C PHE A 464 8.15 -3.60 17.22
N ASN A 465 7.79 -4.41 16.23
CA ASN A 465 6.44 -4.46 15.67
C ASN A 465 6.03 -3.12 15.06
N LEU A 466 6.99 -2.43 14.47
CA LEU A 466 6.77 -1.14 13.84
C LEU A 466 7.05 -1.21 12.34
N GLN A 467 6.58 -2.28 11.69
CA GLN A 467 6.80 -2.43 10.26
C GLN A 467 6.01 -1.42 9.43
N GLU A 468 5.05 -0.73 10.02
CA GLU A 468 4.28 0.26 9.29
C GLU A 468 5.06 1.55 9.10
N PHE A 469 6.19 1.69 9.78
CA PHE A 469 7.08 2.82 9.57
C PHE A 469 8.19 2.46 8.60
N GLU A 470 8.13 1.29 7.95
CA GLU A 470 9.25 0.87 7.12
C GLU A 470 9.50 1.84 5.97
N SER A 471 8.42 2.27 5.30
CA SER A 471 8.60 3.24 4.23
C SER A 471 9.14 4.54 4.79
N ALA A 472 8.62 4.97 5.94
CA ALA A 472 9.08 6.22 6.52
C ALA A 472 10.55 6.13 6.86
N VAL A 473 11.01 4.96 7.31
CA VAL A 473 12.41 4.82 7.65
C VAL A 473 13.26 4.86 6.38
N TYR A 474 12.75 4.28 5.29
CA TYR A 474 13.55 4.23 4.07
C TYR A 474 13.74 5.61 3.46
N GLU A 475 12.65 6.37 3.31
CA GLU A 475 12.75 7.70 2.71
C GLU A 475 13.57 8.63 3.60
N SER A 476 13.42 8.52 4.92
CA SER A 476 14.24 9.34 5.80
C SER A 476 15.71 9.00 5.63
N PHE A 477 16.03 7.71 5.44
CA PHE A 477 17.39 7.34 5.10
C PHE A 477 17.77 7.87 3.72
N ASP A 478 16.83 7.87 2.77
CA ASP A 478 17.12 8.42 1.45
C ASP A 478 17.51 9.89 1.54
N THR A 479 16.70 10.69 2.25
CA THR A 479 17.03 12.10 2.42
C THR A 479 18.24 12.29 3.33
N ARG A 480 18.33 11.50 4.40
CA ARG A 480 19.37 11.69 5.40
C ARG A 480 20.28 10.48 5.54
N GLY A 481 20.72 9.92 4.41
CA GLY A 481 21.74 8.89 4.42
C GLY A 481 23.15 9.42 4.50
N LEU A 482 23.30 10.73 4.57
CA LEU A 482 24.59 11.40 4.61
C LEU A 482 24.97 11.88 6.01
N ARG A 483 24.02 11.94 6.93
CA ARG A 483 24.30 12.37 8.29
C ARG A 483 24.95 11.25 9.10
N ALA A 490 21.10 19.78 15.94
CA ALA A 490 20.07 20.02 16.96
C ALA A 490 19.75 21.51 17.04
N ASN A 491 18.69 21.84 17.79
CA ASN A 491 18.20 23.22 17.89
C ASN A 491 18.47 23.70 19.31
N LYS A 492 19.73 24.09 19.55
CA LYS A 492 20.15 24.56 20.85
C LYS A 492 21.02 25.79 20.68
N LEU A 493 20.84 26.79 21.55
CA LEU A 493 21.58 28.04 21.42
C LEU A 493 23.08 27.82 21.63
N SER A 494 23.49 26.56 21.78
CA SER A 494 24.89 26.22 21.98
C SER A 494 25.51 25.57 20.74
N SER A 495 24.68 25.16 19.78
CA SER A 495 25.13 24.57 18.54
C SER A 495 25.13 25.65 17.46
N SER A 496 25.64 25.30 16.28
CA SER A 496 25.47 26.20 15.15
C SER A 496 24.06 26.04 14.60
N LYS A 497 23.36 27.15 14.45
CA LYS A 497 21.98 27.14 14.01
C LYS A 497 21.89 27.67 12.59
N SER A 498 20.96 27.12 11.82
CA SER A 498 20.78 27.48 10.43
C SER A 498 19.53 26.82 9.91
N TYR A 499 18.85 27.52 8.99
CA TYR A 499 17.69 26.93 8.35
C TYR A 499 18.04 25.71 7.51
N HIS A 500 19.28 25.60 7.05
CA HIS A 500 19.64 24.60 6.06
C HIS A 500 19.79 23.20 6.63
N HIS A 501 20.00 23.05 7.93
CA HIS A 501 20.04 21.74 8.55
C HIS A 501 18.84 21.43 9.43
N THR A 502 18.01 22.43 9.77
CA THR A 502 16.80 22.17 10.54
C THR A 502 15.57 21.96 9.67
N GLY A 503 15.24 22.94 8.82
CA GLY A 503 14.10 22.79 7.93
C GLY A 503 12.85 23.53 8.38
N LEU A 504 11.70 23.03 7.91
CA LEU A 504 10.41 23.61 8.21
C LEU A 504 9.37 22.50 8.29
N LYS A 505 8.18 22.85 8.76
CA LYS A 505 7.10 21.88 8.94
C LYS A 505 5.76 22.55 8.70
N LEU A 506 4.87 21.85 8.00
CA LEU A 506 3.54 22.34 7.68
C LEU A 506 2.52 21.28 8.07
N VAL A 507 1.68 21.60 9.05
CA VAL A 507 0.72 20.66 9.61
C VAL A 507 -0.69 21.11 9.27
N GLU A 508 -1.50 20.19 8.75
CA GLU A 508 -2.91 20.45 8.46
C GLU A 508 -3.76 19.58 9.36
N VAL A 509 -4.66 20.21 10.11
CA VAL A 509 -5.56 19.54 11.03
C VAL A 509 -6.93 19.54 10.36
N ALA A 510 -7.42 18.35 10.03
CA ALA A 510 -8.68 18.21 9.32
C ALA A 510 -9.38 16.94 9.75
N HIS A 511 -10.68 16.86 9.48
CA HIS A 511 -11.43 15.66 9.85
C HIS A 511 -10.96 14.45 9.05
N ASN A 512 -10.93 13.30 9.71
CA ASN A 512 -10.48 12.07 9.07
C ASN A 512 -11.42 11.70 7.93
N GLN A 513 -10.84 11.14 6.87
CA GLN A 513 -11.60 10.83 5.66
C GLN A 513 -12.58 9.69 5.94
N GLY A 514 -13.87 9.99 5.91
CA GLY A 514 -14.91 9.00 6.09
C GLY A 514 -15.65 9.11 7.41
N THR A 515 -15.07 9.74 8.42
CA THR A 515 -15.69 9.88 9.73
C THR A 515 -15.83 11.35 10.08
N ARG A 516 -16.85 11.66 10.90
CA ARG A 516 -17.21 13.03 11.21
C ARG A 516 -16.91 13.41 12.65
N ASP A 517 -16.12 12.61 13.37
CA ASP A 517 -15.88 12.89 14.78
C ASP A 517 -14.43 12.68 15.20
N THR A 518 -13.50 12.54 14.26
CA THR A 518 -12.08 12.51 14.58
C THR A 518 -11.34 13.38 13.58
N VAL A 519 -10.23 13.95 14.04
CA VAL A 519 -9.36 14.75 13.18
C VAL A 519 -8.00 14.08 13.11
N ASN A 520 -7.24 14.45 12.08
CA ASN A 520 -5.86 14.05 11.94
C ASN A 520 -5.02 15.27 11.64
N CYS A 521 -3.73 15.15 12.00
CA CYS A 521 -2.72 16.19 11.81
C CYS A 521 -1.72 15.69 10.78
N LYS A 522 -2.01 15.92 9.50
CA LYS A 522 -1.10 15.54 8.44
C LYS A 522 0.04 16.55 8.39
N ALA A 523 1.26 16.08 8.60
CA ALA A 523 2.42 16.96 8.66
C ALA A 523 3.38 16.66 7.52
N SER A 524 3.81 17.71 6.83
CA SER A 524 4.81 17.63 5.78
C SER A 524 6.06 18.35 6.26
N PHE A 525 7.21 17.69 6.16
CA PHE A 525 8.45 18.22 6.70
C PHE A 525 9.46 18.46 5.60
N LEU A 526 10.29 19.47 5.80
CA LEU A 526 11.57 19.61 5.11
C LEU A 526 12.63 19.56 6.21
N ASN A 527 13.42 18.49 6.24
CA ASN A 527 14.41 18.35 7.29
C ASN A 527 15.75 18.98 6.93
N THR A 528 15.91 19.42 5.69
CA THR A 528 17.15 20.02 5.23
C THR A 528 16.87 20.75 3.94
N SER A 529 17.76 21.66 3.60
CA SER A 529 17.71 22.38 2.34
C SER A 529 18.67 21.73 1.35
N PRO A 530 18.63 22.12 0.07
CA PRO A 530 19.64 21.60 -0.87
C PRO A 530 21.08 21.89 -0.45
N SER A 531 21.33 23.04 0.19
CA SER A 531 22.68 23.33 0.65
C SER A 531 23.08 22.42 1.81
N GLY A 532 22.12 22.03 2.64
CA GLY A 532 22.40 21.05 3.67
C GLY A 532 22.70 19.69 3.08
N VAL A 533 22.01 19.32 2.00
CA VAL A 533 22.29 18.05 1.33
C VAL A 533 23.69 18.06 0.73
N LEU A 534 24.07 19.15 0.07
CA LEU A 534 25.41 19.24 -0.52
C LEU A 534 26.49 19.19 0.55
N ALA A 535 26.28 19.90 1.67
CA ALA A 535 27.27 19.86 2.73
C ALA A 535 27.33 18.48 3.39
N ASP A 536 26.20 17.79 3.50
CA ASP A 536 26.21 16.43 4.01
C ASP A 536 26.94 15.49 3.05
N MET A 537 26.85 15.77 1.74
CA MET A 537 27.53 14.95 0.76
C MET A 537 29.04 15.12 0.89
N VAL A 538 29.50 16.35 1.11
CA VAL A 538 30.93 16.58 1.26
C VAL A 538 31.41 16.00 2.59
N ASP A 539 30.60 16.12 3.64
CA ASP A 539 30.95 15.55 4.94
C ASP A 539 30.99 14.03 4.91
N ALA A 540 30.25 13.40 4.00
CA ALA A 540 30.29 11.95 3.88
C ALA A 540 31.57 11.45 3.25
N GLY A 541 32.31 12.30 2.54
CA GLY A 541 33.59 11.90 2.00
C GLY A 541 33.71 12.01 0.49
N ALA A 542 32.70 12.58 -0.16
CA ALA A 542 32.73 12.75 -1.60
C ALA A 542 33.60 13.94 -1.97
N VAL A 543 34.33 13.82 -3.08
CA VAL A 543 35.02 14.94 -3.69
C VAL A 543 34.19 15.40 -4.88
N ILE A 544 33.76 16.66 -4.85
CA ILE A 544 32.77 17.17 -5.79
C ILE A 544 33.39 18.32 -6.57
N LEU A 545 33.35 18.22 -7.90
CA LEU A 545 33.78 19.28 -8.80
C LEU A 545 32.52 19.96 -9.30
N GLY A 546 32.32 21.22 -8.90
CA GLY A 546 31.17 21.97 -9.35
C GLY A 546 31.50 22.86 -10.53
N ILE A 547 31.07 22.49 -11.73
CA ILE A 547 31.44 23.23 -12.94
C ILE A 547 30.24 24.03 -13.41
N SER A 548 30.38 25.35 -13.41
CA SER A 548 29.39 26.29 -13.93
C SER A 548 30.01 27.67 -13.92
N ALA A 549 29.66 28.48 -14.93
CA ALA A 549 30.11 29.86 -14.94
C ALA A 549 29.42 30.67 -13.86
N THR A 550 28.21 30.28 -13.48
CA THR A 550 27.45 30.92 -12.41
C THR A 550 27.50 30.11 -11.12
N ALA A 551 28.61 29.42 -10.86
CA ALA A 551 28.72 28.61 -9.66
C ALA A 551 28.70 29.45 -8.39
N ARG A 552 28.94 30.75 -8.49
CA ARG A 552 28.96 31.64 -7.35
C ARG A 552 28.09 32.86 -7.59
N ALA A 553 26.89 32.63 -8.14
CA ALA A 553 25.88 33.67 -8.21
C ALA A 553 25.40 34.02 -6.80
N ASP A 554 24.94 35.26 -6.64
CA ASP A 554 24.59 35.78 -5.32
C ASP A 554 23.12 35.62 -5.01
N THR A 555 22.52 34.53 -5.46
CA THR A 555 21.14 34.21 -5.15
C THR A 555 21.07 32.91 -4.36
N VAL A 556 20.05 32.79 -3.51
CA VAL A 556 19.80 31.57 -2.75
C VAL A 556 18.59 30.82 -3.26
N ILE A 557 17.91 31.35 -4.27
CA ILE A 557 16.80 30.64 -4.90
C ILE A 557 17.27 29.84 -6.11
N HIS A 558 18.17 30.41 -6.90
CA HIS A 558 18.69 29.77 -8.10
C HIS A 558 20.14 29.36 -7.94
N ASN A 559 20.62 29.24 -6.70
CA ASN A 559 21.95 28.76 -6.41
C ASN A 559 21.97 28.33 -4.95
N PHE A 560 23.00 27.58 -4.58
CA PHE A 560 23.18 27.21 -3.18
C PHE A 560 23.57 28.43 -2.36
N ASP A 561 23.41 28.31 -1.04
CA ASP A 561 23.89 29.33 -0.12
C ASP A 561 25.35 29.04 0.17
N PHE A 562 26.25 29.74 -0.52
CA PHE A 562 27.67 29.50 -0.35
C PHE A 562 28.27 30.19 0.87
N LYS A 563 27.55 31.13 1.49
CA LYS A 563 27.98 31.62 2.79
C LYS A 563 27.77 30.55 3.87
N TYR A 564 26.67 29.80 3.75
CA TYR A 564 26.45 28.69 4.66
C TYR A 564 27.44 27.57 4.40
N LEU A 565 27.72 27.30 3.12
CA LEU A 565 28.64 26.21 2.81
C LEU A 565 30.06 26.58 3.21
N ASN A 566 30.43 27.85 3.06
CA ASN A 566 31.74 28.29 3.52
C ASN A 566 31.86 28.16 5.02
N GLU A 567 30.82 28.56 5.76
CA GLU A 567 30.88 28.49 7.22
C GLU A 567 30.90 27.05 7.70
N ARG A 568 30.18 26.15 7.03
CA ARG A 568 30.07 24.78 7.51
C ARG A 568 31.27 23.95 7.10
N LEU A 569 31.69 24.04 5.83
CA LEU A 569 32.79 23.22 5.34
C LEU A 569 34.16 23.74 5.76
N GLY A 570 34.34 25.05 5.96
CA GLY A 570 35.64 25.52 6.40
C GLY A 570 36.68 25.47 5.29
N ASN A 571 37.72 24.68 5.49
CA ASN A 571 38.78 24.52 4.49
C ASN A 571 38.53 23.37 3.54
N LYS A 572 37.44 22.61 3.72
CA LYS A 572 37.04 21.62 2.73
C LYS A 572 36.44 22.25 1.48
N LEU A 573 36.10 23.54 1.52
CA LEU A 573 35.64 24.27 0.35
C LEU A 573 36.87 24.87 -0.32
N LEU A 574 37.40 24.14 -1.29
CA LEU A 574 38.70 24.49 -1.86
C LEU A 574 38.61 25.78 -2.67
N SER A 575 39.59 26.66 -2.47
CA SER A 575 39.65 27.94 -3.12
C SER A 575 40.82 27.98 -4.11
N LEU A 576 40.75 28.93 -5.03
CA LEU A 576 41.73 29.10 -6.08
C LEU A 576 42.53 30.38 -5.84
N SER A 577 43.86 30.28 -5.91
CA SER A 577 44.70 31.44 -5.68
C SER A 577 44.59 32.43 -6.84
N ARG A 578 45.01 33.67 -6.56
CA ARG A 578 44.96 34.71 -7.59
C ARG A 578 45.94 34.43 -8.72
N GLU A 579 47.05 33.75 -8.44
CA GLU A 579 47.94 33.31 -9.51
C GLU A 579 47.22 32.38 -10.48
N GLN A 580 46.48 31.41 -9.93
CA GLN A 580 45.79 30.45 -10.80
C GLN A 580 44.66 31.12 -11.57
N LYS A 581 43.97 32.08 -10.94
CA LYS A 581 42.90 32.76 -11.64
C LYS A 581 43.45 33.68 -12.73
N GLN A 582 44.65 34.22 -12.52
CA GLN A 582 45.26 35.04 -13.55
C GLN A 582 45.74 34.18 -14.71
N ARG A 583 46.21 32.97 -14.41
CA ARG A 583 46.60 32.06 -15.49
C ARG A 583 45.38 31.65 -16.31
N VAL A 584 44.26 31.37 -15.65
CA VAL A 584 43.03 31.03 -16.38
C VAL A 584 42.54 32.21 -17.20
N ASN A 585 42.60 33.42 -16.64
CA ASN A 585 42.17 34.61 -17.38
C ASN A 585 43.06 34.87 -18.59
N ASN A 586 44.37 34.70 -18.43
CA ASN A 586 45.28 34.82 -19.57
C ASN A 586 44.99 33.76 -20.62
N TYR A 587 44.64 32.55 -20.20
CA TYR A 587 44.28 31.50 -21.14
C TYR A 587 43.04 31.90 -21.94
N TYR A 588 42.05 32.48 -21.26
CA TYR A 588 40.81 32.83 -21.94
C TYR A 588 41.05 33.99 -22.90
N HIS A 589 41.83 34.98 -22.48
CA HIS A 589 42.05 36.14 -23.34
C HIS A 589 43.01 35.82 -24.47
N SER A 590 43.80 34.76 -24.33
CA SER A 590 44.66 34.31 -25.42
C SER A 590 43.87 33.53 -26.46
N ARG A 591 42.84 32.80 -26.02
CA ARG A 591 42.06 32.00 -26.96
C ARG A 591 40.82 32.73 -27.49
N ARG A 592 40.54 33.93 -27.00
CA ARG A 592 39.35 34.70 -27.37
C ARG A 592 39.71 36.15 -27.65
N ASN A 593 40.73 36.37 -28.48
CA ASN A 593 41.21 37.72 -28.77
C ASN A 593 40.31 38.37 -29.82
N TYR A 594 39.20 38.95 -29.33
CA TYR A 594 38.26 39.62 -30.21
C TYR A 594 38.83 40.90 -30.78
N LYS A 595 39.43 41.73 -29.92
CA LYS A 595 39.82 43.07 -30.31
C LYS A 595 40.96 43.07 -31.32
N ASP A 596 41.94 42.17 -31.16
CA ASP A 596 43.06 42.11 -32.08
C ASP A 596 42.66 41.55 -33.44
N ASN A 597 41.55 40.81 -33.53
CA ASN A 597 41.15 40.15 -34.76
C ASN A 597 40.03 40.87 -35.48
N GLY A 598 39.66 42.08 -35.06
CA GLY A 598 38.65 42.84 -35.76
C GLY A 598 37.23 42.31 -35.63
N VAL A 599 36.92 41.67 -34.51
CA VAL A 599 35.57 41.17 -34.25
C VAL A 599 34.76 42.25 -33.56
N VAL A 600 33.57 42.55 -34.09
CA VAL A 600 32.71 43.58 -33.55
C VAL A 600 31.33 43.00 -33.31
N LEU A 601 30.82 43.18 -32.10
CA LEU A 601 29.49 42.73 -31.74
C LEU A 601 28.63 43.92 -31.35
N THR A 602 27.43 43.99 -31.91
CA THR A 602 26.52 45.10 -31.69
C THR A 602 25.35 44.62 -30.85
N VAL A 603 24.92 45.48 -29.92
CA VAL A 603 23.88 45.16 -28.96
C VAL A 603 22.71 46.12 -29.17
N LYS A 604 21.51 45.57 -29.27
CA LYS A 604 20.29 46.34 -29.46
C LYS A 604 19.31 45.96 -28.36
N TYR A 605 18.80 46.95 -27.65
CA TYR A 605 17.75 46.77 -26.65
C TYR A 605 16.43 47.11 -27.32
N LEU A 606 15.60 46.09 -27.52
CA LEU A 606 14.41 46.22 -28.36
C LEU A 606 13.17 46.45 -27.50
N ASN A 607 12.47 47.56 -27.76
CA ASN A 607 11.22 47.87 -27.10
C ASN A 607 10.08 47.15 -27.82
N SER A 608 8.85 47.46 -27.43
CA SER A 608 7.65 46.93 -28.08
C SER A 608 7.15 47.93 -29.11
N ARG A 609 7.15 47.53 -30.38
CA ARG A 609 6.70 48.38 -31.47
C ARG A 609 5.36 47.85 -31.97
N ASP A 610 4.27 48.37 -31.40
CA ASP A 610 2.94 47.92 -31.79
C ASP A 610 2.60 48.39 -33.20
N ALA A 611 3.04 49.59 -33.57
CA ALA A 611 2.77 50.09 -34.92
C ALA A 611 3.45 49.25 -35.99
N PHE A 612 4.60 48.65 -35.66
CA PHE A 612 5.27 47.77 -36.61
C PHE A 612 4.55 46.43 -36.72
N LEU A 613 3.95 45.95 -35.62
CA LEU A 613 3.20 44.71 -35.67
C LEU A 613 1.84 44.88 -36.33
N ASP A 614 1.31 46.11 -36.34
CA ASP A 614 0.01 46.35 -36.97
C ASP A 614 0.07 46.11 -38.47
N ALA A 615 1.14 46.58 -39.11
CA ALA A 615 1.26 46.41 -40.56
C ALA A 615 1.48 44.94 -40.92
N LEU A 616 2.36 44.25 -40.19
CA LEU A 616 2.61 42.85 -40.48
C LEU A 616 1.35 42.01 -40.28
N LEU A 617 0.59 42.30 -39.22
CA LEU A 617 -0.67 41.60 -39.00
C LEU A 617 -1.66 41.91 -40.11
N GLU A 618 -1.69 43.17 -40.59
CA GLU A 618 -2.60 43.53 -41.66
C GLU A 618 -2.24 42.78 -42.94
N GLU A 619 -0.94 42.70 -43.25
CA GLU A 619 -0.52 42.00 -44.46
C GLU A 619 -0.74 40.50 -44.35
N TYR A 620 -0.73 39.96 -43.13
CA TYR A 620 -0.91 38.52 -42.97
C TYR A 620 -2.30 38.10 -43.43
N LYS A 621 -3.34 38.75 -42.93
CA LYS A 621 -4.73 38.47 -43.28
C LYS A 621 -5.36 39.77 -43.73
N PRO A 622 -5.23 40.12 -45.01
CA PRO A 622 -5.63 41.45 -45.47
C PRO A 622 -7.12 41.62 -45.73
N GLU A 623 -7.96 40.65 -45.36
CA GLU A 623 -9.39 40.77 -45.51
C GLU A 623 -10.09 41.26 -44.24
N ALA A 624 -9.34 41.56 -43.19
CA ALA A 624 -9.89 42.03 -41.92
C ALA A 624 -9.37 43.42 -41.62
N ARG A 625 -10.22 44.23 -40.98
CA ARG A 625 -9.85 45.61 -40.68
C ARG A 625 -9.05 45.70 -39.39
N SER A 626 -9.62 45.24 -38.28
CA SER A 626 -9.00 45.37 -36.97
C SER A 626 -8.07 44.19 -36.71
N SER A 627 -6.84 44.49 -36.29
CA SER A 627 -5.93 43.44 -35.84
C SER A 627 -6.41 42.76 -34.57
N HIS A 628 -7.30 43.41 -33.81
CA HIS A 628 -7.92 42.76 -32.67
C HIS A 628 -8.69 41.52 -33.09
N PHE A 629 -9.35 41.59 -34.25
CA PHE A 629 -10.07 40.42 -34.74
C PHE A 629 -9.09 39.34 -35.19
N ILE A 630 -7.96 39.74 -35.77
CA ILE A 630 -6.98 38.78 -36.26
C ILE A 630 -6.39 38.00 -35.10
N LEU A 631 -6.01 38.70 -34.02
CA LEU A 631 -5.51 38.02 -32.84
C LEU A 631 -6.61 37.18 -32.17
N ASN A 632 -7.83 37.69 -32.09
CA ASN A 632 -8.86 37.00 -31.33
C ASN A 632 -9.40 35.77 -32.06
N HIS A 633 -9.29 35.73 -33.39
CA HIS A 633 -9.87 34.66 -34.19
C HIS A 633 -8.82 33.74 -34.80
N TYR A 634 -7.84 34.30 -35.51
CA TYR A 634 -6.88 33.48 -36.23
C TYR A 634 -5.78 32.96 -35.31
N LEU A 635 -5.05 33.88 -34.66
CA LEU A 635 -3.97 33.46 -33.77
C LEU A 635 -4.48 32.81 -32.50
N GLY A 636 -5.75 33.02 -32.14
CA GLY A 636 -6.32 32.34 -31.00
C GLY A 636 -5.99 32.96 -29.66
N ILE A 637 -5.72 34.26 -29.63
CA ILE A 637 -5.34 34.96 -28.41
C ILE A 637 -6.58 35.67 -27.85
N ALA A 638 -6.84 35.48 -26.56
CA ALA A 638 -8.05 35.99 -25.93
C ALA A 638 -7.88 37.49 -25.63
N GLU A 639 -8.81 38.02 -24.82
CA GLU A 639 -8.79 39.44 -24.47
C GLU A 639 -7.95 39.71 -23.22
N SER A 640 -7.84 38.74 -22.31
CA SER A 640 -6.91 38.89 -21.19
C SER A 640 -5.47 39.00 -21.68
N GLU A 641 -5.13 38.32 -22.77
CA GLU A 641 -3.85 38.49 -23.42
C GLU A 641 -3.93 39.68 -24.38
N GLN A 642 -3.18 39.63 -25.46
CA GLN A 642 -3.18 40.67 -26.49
C GLN A 642 -2.62 41.99 -25.97
N ALA A 643 -2.37 42.08 -24.67
CA ALA A 643 -1.53 43.15 -24.13
C ALA A 643 -0.12 42.68 -23.84
N PHE A 644 0.04 41.39 -23.54
CA PHE A 644 1.33 40.74 -23.32
C PHE A 644 1.87 40.12 -24.61
N VAL A 645 1.02 39.40 -25.34
CA VAL A 645 1.44 38.75 -26.58
C VAL A 645 1.88 39.78 -27.62
N ARG A 646 1.24 40.94 -27.66
CA ARG A 646 1.62 41.96 -28.62
C ARG A 646 2.99 42.58 -28.33
N SER A 647 3.59 42.34 -27.17
CA SER A 647 4.93 42.84 -26.90
C SER A 647 6.03 41.80 -27.14
N TRP A 648 5.77 40.54 -26.75
CA TRP A 648 6.76 39.50 -26.98
C TRP A 648 6.69 38.94 -28.38
N LEU A 649 5.61 39.22 -29.11
CA LEU A 649 5.52 38.89 -30.52
C LEU A 649 5.72 40.12 -31.37
N SER A 650 6.35 41.14 -30.81
CA SER A 650 6.81 42.32 -31.54
C SER A 650 8.30 42.56 -31.37
N LYS A 651 8.85 42.29 -30.18
CA LYS A 651 10.29 42.32 -30.05
C LYS A 651 10.94 41.14 -30.77
N LEU A 652 10.26 39.98 -30.76
CA LEU A 652 10.77 38.83 -31.49
C LEU A 652 10.80 39.10 -32.98
N LEU A 653 9.73 39.72 -33.52
CA LEU A 653 9.69 40.01 -34.93
C LEU A 653 10.71 41.08 -35.30
N ALA A 654 10.90 42.07 -34.43
CA ALA A 654 11.88 43.10 -34.77
C ALA A 654 13.30 42.55 -34.75
N SER A 655 13.55 41.54 -33.91
CA SER A 655 14.87 40.93 -33.89
C SER A 655 15.06 40.03 -35.10
N ILE A 656 14.01 39.31 -35.50
CA ILE A 656 14.14 38.43 -36.65
C ILE A 656 14.32 39.24 -37.92
N LYS A 657 13.60 40.36 -38.04
CA LYS A 657 13.76 41.24 -39.19
C LYS A 657 15.17 41.84 -39.22
N ALA A 658 15.68 42.27 -38.06
CA ALA A 658 17.02 42.86 -38.05
C ALA A 658 18.10 41.82 -38.37
N PHE A 659 17.86 40.55 -38.00
CA PHE A 659 18.82 39.50 -38.34
C PHE A 659 18.76 39.14 -39.82
N ILE A 660 17.55 39.04 -40.37
CA ILE A 660 17.40 38.70 -41.79
C ILE A 660 17.94 39.83 -42.67
N SER A 661 17.74 41.08 -42.25
CA SER A 661 18.32 42.21 -42.98
C SER A 661 19.84 42.15 -42.99
N SER A 662 20.45 41.53 -42.00
CA SER A 662 21.91 41.41 -41.96
C SER A 662 22.38 40.42 -43.00
N PRO A 663 23.28 40.80 -43.91
CA PRO A 663 23.65 39.90 -45.00
C PRO A 663 24.58 38.77 -44.56
N ASP A 664 25.58 39.11 -43.74
CA ASP A 664 26.64 38.15 -43.42
C ASP A 664 26.20 37.09 -42.41
N ASN A 665 25.40 37.48 -41.42
CA ASN A 665 25.02 36.56 -40.36
C ASN A 665 24.21 35.40 -40.92
N ARG A 666 24.46 34.20 -40.37
CA ARG A 666 23.85 32.98 -40.87
C ARG A 666 23.06 32.20 -39.83
N TYR A 667 23.42 32.30 -38.55
CA TYR A 667 22.86 31.44 -37.51
C TYR A 667 22.28 32.33 -36.42
N MET A 668 20.99 32.13 -36.12
CA MET A 668 20.29 32.89 -35.09
C MET A 668 19.62 31.94 -34.10
N LEU A 669 19.72 32.29 -32.83
CA LEU A 669 19.02 31.59 -31.75
C LEU A 669 18.14 32.59 -31.02
N SER A 670 16.89 32.22 -30.78
CA SER A 670 15.94 33.06 -30.04
C SER A 670 15.52 32.30 -28.78
N LEU A 671 15.91 32.81 -27.62
CA LEU A 671 15.60 32.17 -26.35
C LEU A 671 14.41 32.87 -25.72
N LEU A 672 13.27 32.18 -25.68
CA LEU A 672 12.04 32.69 -25.08
C LEU A 672 11.77 31.94 -23.79
N ASN A 673 10.64 32.27 -23.16
CA ASN A 673 10.23 31.59 -21.95
C ASN A 673 9.24 30.46 -22.20
N ARG A 674 8.55 30.49 -23.34
CA ARG A 674 7.58 29.48 -23.71
C ARG A 674 8.04 28.82 -25.01
N THR A 675 7.77 27.52 -25.13
CA THR A 675 8.16 26.80 -26.34
C THR A 675 7.11 26.98 -27.42
N LEU A 676 7.57 27.22 -28.65
CA LEU A 676 6.69 27.43 -29.79
C LEU A 676 6.47 26.10 -30.49
N ASP A 677 5.50 25.35 -29.99
CA ASP A 677 5.21 24.01 -30.47
C ASP A 677 3.80 23.98 -31.06
N THR A 678 3.32 22.78 -31.36
CA THR A 678 2.02 22.63 -32.02
C THR A 678 0.89 23.25 -31.22
N THR A 679 1.05 23.35 -29.89
CA THR A 679 0.01 23.98 -29.07
C THR A 679 -0.17 25.45 -29.44
N ARG A 680 0.86 26.07 -30.00
CA ARG A 680 0.79 27.44 -30.48
C ARG A 680 1.01 27.46 -31.99
N GLN A 681 0.39 26.50 -32.68
CA GLN A 681 0.65 26.32 -34.10
C GLN A 681 0.19 27.54 -34.89
N ASN A 682 -0.92 28.14 -34.51
CA ASN A 682 -1.38 29.32 -35.25
C ASN A 682 -0.37 30.46 -35.12
N ILE A 683 0.27 30.59 -33.96
CA ILE A 683 1.26 31.64 -33.82
C ILE A 683 2.45 31.34 -34.71
N ASN A 684 2.81 30.05 -34.81
CA ASN A 684 3.92 29.69 -35.68
C ASN A 684 3.58 30.05 -37.11
N ASP A 685 2.31 29.86 -37.49
CA ASP A 685 1.93 30.18 -38.86
C ASP A 685 2.12 31.66 -39.14
N PHE A 686 1.83 32.51 -38.15
CA PHE A 686 2.11 33.92 -38.35
C PHE A 686 3.62 34.18 -38.45
N ILE A 687 4.40 33.54 -37.58
CA ILE A 687 5.84 33.80 -37.58
C ILE A 687 6.47 33.28 -38.86
N GLN A 688 6.07 32.09 -39.30
CA GLN A 688 6.62 31.57 -40.52
C GLN A 688 6.28 32.47 -41.68
N PHE A 689 5.05 32.99 -41.69
CA PHE A 689 4.68 33.90 -42.78
C PHE A 689 5.58 35.12 -42.76
N CYS A 690 5.83 35.66 -41.57
CA CYS A 690 6.64 36.86 -41.50
C CYS A 690 8.04 36.58 -42.01
N CYS A 691 8.58 35.42 -41.65
CA CYS A 691 9.93 35.11 -42.11
C CYS A 691 9.95 34.98 -43.62
N ASP A 692 8.93 34.35 -44.19
CA ASP A 692 8.93 34.18 -45.63
C ASP A 692 8.81 35.53 -46.31
N LYS A 693 8.04 36.45 -45.71
CA LYS A 693 7.93 37.77 -46.30
C LYS A 693 9.29 38.44 -46.33
N TRP A 694 10.05 38.30 -45.25
CA TRP A 694 11.37 38.92 -45.23
C TRP A 694 12.35 38.14 -46.10
N ALA A 695 12.19 36.82 -46.19
CA ALA A 695 13.14 36.01 -46.94
C ALA A 695 13.17 36.43 -48.41
N LYS A 696 12.01 36.67 -49.00
CA LYS A 696 11.97 37.08 -50.39
C LYS A 696 12.36 38.54 -50.58
N GLU A 697 12.25 39.36 -49.53
CA GLU A 697 12.53 40.78 -49.72
C GLU A 697 14.03 41.08 -49.79
N PHE A 698 14.84 40.39 -48.99
CA PHE A 698 16.28 40.63 -48.97
C PHE A 698 17.08 39.60 -49.75
N ASN A 699 16.41 38.75 -50.52
CA ASN A 699 17.07 37.75 -51.37
C ASN A 699 17.94 36.81 -50.54
N VAL A 700 17.33 36.18 -49.53
CA VAL A 700 18.01 35.19 -48.72
C VAL A 700 17.07 34.00 -48.50
N LYS A 701 17.66 32.84 -48.25
CA LYS A 701 16.91 31.64 -47.91
C LYS A 701 16.99 31.43 -46.41
N THR A 702 15.83 31.25 -45.77
CA THR A 702 15.74 31.14 -44.32
C THR A 702 15.03 29.85 -43.96
N LYS A 703 15.61 29.09 -43.04
CA LYS A 703 14.98 27.90 -42.49
C LYS A 703 14.71 28.12 -41.01
N THR A 704 13.46 27.92 -40.60
CA THR A 704 13.05 28.11 -39.22
C THR A 704 12.84 26.75 -38.55
N PHE A 705 13.39 26.60 -37.34
CA PHE A 705 13.26 25.40 -36.52
C PHE A 705 12.42 25.78 -35.31
N PHE A 706 11.24 25.18 -35.21
CA PHE A 706 10.29 25.48 -34.14
C PHE A 706 10.23 24.32 -33.15
N GLY A 707 9.89 24.65 -31.91
CA GLY A 707 9.71 23.62 -30.89
C GLY A 707 10.95 22.84 -30.55
N VAL A 708 12.09 23.53 -30.43
CA VAL A 708 13.37 22.88 -30.08
C VAL A 708 13.42 22.79 -28.56
N ASN A 709 12.87 21.72 -28.02
CA ASN A 709 12.84 21.44 -26.59
C ASN A 709 13.60 20.14 -26.32
N ALA A 710 13.48 19.64 -25.09
CA ALA A 710 14.19 18.42 -24.71
C ALA A 710 13.69 17.23 -25.52
N ASP A 711 12.37 17.11 -25.70
CA ASP A 711 11.83 15.97 -26.45
C ASP A 711 12.26 16.02 -27.91
N TRP A 712 12.27 17.23 -28.50
CA TRP A 712 12.73 17.36 -29.87
C TRP A 712 14.20 17.00 -29.99
N MET A 713 14.99 17.28 -28.95
CA MET A 713 16.42 16.96 -28.98
C MET A 713 16.64 15.46 -28.84
N ARG A 714 15.79 14.77 -28.09
CA ARG A 714 15.92 13.32 -27.98
C ARG A 714 15.46 12.64 -29.26
N LEU A 715 14.33 13.07 -29.82
CA LEU A 715 13.76 12.41 -30.99
C LEU A 715 14.49 12.80 -32.27
N VAL A 716 14.46 14.09 -32.62
CA VAL A 716 15.04 14.53 -33.87
C VAL A 716 16.55 14.71 -33.74
N GLY A 717 16.99 15.43 -32.71
CA GLY A 717 18.41 15.67 -32.50
C GLY A 717 18.85 17.00 -33.06
N TYR A 718 19.73 17.70 -32.34
CA TYR A 718 20.20 19.01 -32.78
C TYR A 718 21.13 18.93 -33.99
N ASP A 719 21.60 17.73 -34.34
CA ASP A 719 22.53 17.63 -35.46
C ASP A 719 21.87 17.98 -36.78
N GLU A 720 20.54 17.90 -36.86
CA GLU A 720 19.86 18.26 -38.08
C GLU A 720 20.11 19.73 -38.39
N ILE A 721 20.08 20.58 -37.36
CA ILE A 721 20.35 21.99 -37.59
C ILE A 721 21.77 22.16 -38.13
N SER A 722 22.71 21.41 -37.55
CA SER A 722 24.08 21.58 -38.00
C SER A 722 24.24 21.02 -39.40
N LYS A 723 23.51 19.95 -39.72
CA LYS A 723 23.57 19.42 -41.07
C LYS A 723 23.05 20.45 -42.05
N HIS A 724 22.00 21.18 -41.67
CA HIS A 724 21.46 22.19 -42.57
C HIS A 724 22.52 23.26 -42.81
N LEU A 725 23.22 23.66 -41.75
CA LEU A 725 24.18 24.73 -41.91
C LEU A 725 25.41 24.28 -42.67
N ASN A 726 25.63 22.96 -42.79
CA ASN A 726 26.84 22.50 -43.47
C ASN A 726 26.64 22.23 -44.95
N THR A 727 25.46 21.77 -45.36
CA THR A 727 25.23 21.39 -46.75
C THR A 727 24.30 22.34 -47.49
N GLU A 728 23.75 23.36 -46.84
CA GLU A 728 22.83 24.28 -47.49
C GLU A 728 23.20 25.72 -47.15
N LEU A 729 23.07 26.59 -48.15
CA LEU A 729 23.35 28.02 -47.98
C LEU A 729 22.07 28.76 -47.60
N GLY A 730 22.23 29.81 -46.79
CA GLY A 730 21.13 30.60 -46.31
C GLY A 730 21.15 30.71 -44.80
N LYS A 731 20.14 31.41 -44.28
CA LYS A 731 20.03 31.64 -42.85
C LYS A 731 19.22 30.55 -42.17
N VAL A 732 19.38 30.48 -40.84
CA VAL A 732 18.63 29.55 -40.00
C VAL A 732 18.24 30.28 -38.72
N VAL A 733 16.99 30.13 -38.31
CA VAL A 733 16.49 30.69 -37.06
C VAL A 733 15.97 29.54 -36.22
N VAL A 734 16.43 29.46 -34.97
CA VAL A 734 16.05 28.40 -34.04
C VAL A 734 15.23 29.01 -32.92
N PHE A 735 14.18 28.29 -32.50
CA PHE A 735 13.28 28.77 -31.45
C PHE A 735 13.34 27.79 -30.28
N SER A 736 14.13 28.10 -29.27
CA SER A 736 14.23 27.30 -28.05
C SER A 736 13.96 28.18 -26.84
N THR A 737 14.08 27.59 -25.66
CA THR A 737 13.81 28.27 -24.40
C THR A 737 15.03 28.21 -23.49
N TYR A 738 14.94 28.94 -22.37
CA TYR A 738 15.99 28.89 -21.36
C TYR A 738 16.09 27.50 -20.74
N ALA A 739 14.95 26.86 -20.49
CA ALA A 739 14.95 25.55 -19.83
C ALA A 739 15.59 24.47 -20.69
N SER A 740 15.62 24.64 -22.01
CA SER A 740 16.19 23.65 -22.92
C SER A 740 17.62 23.97 -23.33
N MET A 741 17.90 25.23 -23.68
CA MET A 741 19.20 25.61 -24.23
C MET A 741 19.92 26.66 -23.39
N GLY A 742 19.49 26.86 -22.14
CA GLY A 742 20.07 27.93 -21.35
C GLY A 742 21.52 27.68 -20.99
N ALA A 743 21.86 26.45 -20.60
CA ALA A 743 23.20 26.13 -20.13
C ALA A 743 23.59 24.75 -20.59
N GLY A 744 24.90 24.53 -20.69
CA GLY A 744 25.44 23.23 -21.02
C GLY A 744 25.43 22.90 -22.51
N LYS A 745 24.36 23.28 -23.20
CA LYS A 745 24.24 22.99 -24.62
C LYS A 745 25.39 23.64 -25.39
N ASN A 746 25.91 22.91 -26.38
CA ASN A 746 27.06 23.33 -27.17
C ASN A 746 26.61 23.48 -28.63
N PRO A 747 25.95 24.59 -28.97
CA PRO A 747 25.41 24.75 -30.33
C PRO A 747 26.51 25.06 -31.32
N ASP A 748 26.86 24.06 -32.14
CA ASP A 748 27.98 24.17 -33.05
C ASP A 748 27.61 23.50 -34.37
N TYR A 749 28.31 23.90 -35.43
CA TYR A 749 28.10 23.30 -36.74
C TYR A 749 29.43 23.30 -37.48
N ALA A 750 29.63 22.26 -38.29
CA ALA A 750 30.82 22.19 -39.13
C ALA A 750 30.77 23.28 -40.19
N VAL A 751 31.93 23.85 -40.50
CA VAL A 751 32.03 25.02 -41.37
C VAL A 751 32.63 24.59 -42.70
N ASN A 752 31.93 24.93 -43.78
CA ASN A 752 32.44 24.77 -45.14
C ASN A 752 32.64 26.15 -45.74
N LEU A 753 33.87 26.45 -46.14
CA LEU A 753 34.22 27.83 -46.53
C LEU A 753 33.44 28.30 -47.75
N ALA A 754 32.91 27.38 -48.57
CA ALA A 754 32.17 27.79 -49.76
C ALA A 754 30.84 28.43 -49.38
N LEU A 755 30.22 27.99 -48.29
CA LEU A 755 28.93 28.52 -47.87
C LEU A 755 29.04 29.65 -46.84
N GLU A 756 30.23 29.88 -46.30
CA GLU A 756 30.41 30.88 -45.26
C GLU A 756 30.93 32.21 -45.80
N GLY A 757 31.14 32.32 -47.12
CA GLY A 757 31.63 33.57 -47.66
C GLY A 757 33.03 33.87 -47.18
N GLU A 758 33.23 35.08 -46.66
CA GLU A 758 34.54 35.54 -46.20
C GLU A 758 34.45 36.22 -44.84
N SER A 759 33.35 36.00 -44.12
CA SER A 759 33.06 36.73 -42.89
C SER A 759 33.55 36.03 -41.63
N LEU A 760 34.18 34.87 -41.75
CA LEU A 760 34.64 34.11 -40.59
C LEU A 760 36.12 34.37 -40.36
N ILE A 761 36.50 34.57 -39.10
CA ILE A 761 37.88 34.85 -38.73
C ILE A 761 38.21 34.14 -37.44
N SER A 762 39.47 33.71 -37.31
CA SER A 762 39.94 33.03 -36.12
C SER A 762 40.45 34.04 -35.09
N VAL A 763 39.95 33.93 -33.86
CA VAL A 763 40.32 34.86 -32.79
C VAL A 763 41.38 34.31 -31.86
N ALA A 764 41.72 33.03 -31.96
CA ALA A 764 42.77 32.46 -31.14
C ALA A 764 44.14 32.88 -31.66
N ASP A 765 45.04 33.23 -30.74
CA ASP A 765 46.41 33.57 -31.12
C ASP A 765 47.14 32.37 -31.70
N VAL A 766 46.94 31.19 -31.12
CA VAL A 766 47.51 29.96 -31.63
C VAL A 766 46.38 28.96 -31.82
N THR A 767 46.19 28.49 -33.05
CA THR A 767 45.10 27.58 -33.36
C THR A 767 45.22 26.30 -32.56
N TYR A 768 44.10 25.85 -31.98
CA TYR A 768 44.09 24.72 -31.07
C TYR A 768 43.09 23.64 -31.46
N SER A 769 42.43 23.79 -32.61
CA SER A 769 41.33 22.91 -33.00
C SER A 769 41.68 22.16 -34.28
N THR A 770 41.32 20.88 -34.30
CA THR A 770 41.52 20.06 -35.50
C THR A 770 40.46 20.35 -36.55
N GLN A 771 39.19 20.24 -36.18
CA GLN A 771 38.10 20.50 -37.10
C GLN A 771 37.84 22.01 -37.19
N LEU A 772 36.99 22.39 -38.13
CA LEU A 772 36.58 23.78 -38.32
C LEU A 772 35.12 23.91 -37.91
N ARG A 773 34.87 24.66 -36.85
CA ARG A 773 33.53 24.87 -36.32
C ARG A 773 33.30 26.34 -36.03
N SER A 774 32.04 26.75 -36.14
CA SER A 774 31.59 28.08 -35.73
C SER A 774 30.35 27.93 -34.87
N ASP A 775 30.01 29.00 -34.17
CA ASP A 775 28.88 29.01 -33.24
C ASP A 775 27.85 30.03 -33.70
N ILE A 776 26.85 30.25 -32.85
CA ILE A 776 25.75 31.16 -33.18
C ILE A 776 26.31 32.55 -33.39
N ASP A 777 25.79 33.24 -34.41
CA ASP A 777 26.21 34.59 -34.75
C ASP A 777 25.14 35.65 -34.49
N SER A 778 23.97 35.25 -34.00
CA SER A 778 22.92 36.20 -33.68
C SER A 778 22.03 35.60 -32.61
N ILE A 779 21.72 36.39 -31.59
CA ILE A 779 20.94 35.89 -30.45
C ILE A 779 19.89 36.91 -30.07
N TYR A 780 18.70 36.42 -29.72
CA TYR A 780 17.65 37.23 -29.11
C TYR A 780 17.36 36.69 -27.71
N LEU A 781 17.44 37.56 -26.71
CA LEU A 781 17.28 37.18 -25.31
C LEU A 781 16.07 37.89 -24.71
N GLU A 782 15.04 37.10 -24.37
CA GLU A 782 13.93 37.58 -23.57
C GLU A 782 14.33 37.70 -22.10
N LYS A 783 13.50 38.41 -21.34
CA LYS A 783 13.66 38.45 -19.89
C LYS A 783 13.06 37.20 -19.28
N PRO A 784 13.81 36.42 -18.50
CA PRO A 784 13.21 35.27 -17.82
C PRO A 784 12.11 35.70 -16.88
N THR A 785 11.05 34.90 -16.80
CA THR A 785 9.83 35.34 -16.13
C THR A 785 9.55 34.61 -14.82
N GLN A 786 9.36 33.30 -14.86
CA GLN A 786 8.87 32.57 -13.68
C GLN A 786 10.06 32.20 -12.81
N LEU A 787 10.59 33.20 -12.11
CA LEU A 787 11.84 33.03 -11.38
C LEU A 787 11.63 32.53 -9.96
N LEU A 788 10.42 32.63 -9.42
CA LEU A 788 10.10 31.93 -8.17
C LEU A 788 9.77 30.49 -8.50
N LEU A 789 10.48 29.56 -7.89
CA LEU A 789 10.26 28.15 -8.17
C LEU A 789 8.86 27.73 -7.73
N SER A 790 8.30 26.76 -8.45
CA SER A 790 7.02 26.17 -8.10
C SER A 790 7.13 24.66 -8.27
N ASP A 791 6.12 23.94 -7.79
CA ASP A 791 6.08 22.49 -7.88
C ASP A 791 4.69 22.05 -8.29
N ASP A 792 4.58 21.36 -9.42
CA ASP A 792 3.31 20.86 -9.92
C ASP A 792 3.01 19.45 -9.44
N TYR A 793 3.88 18.86 -8.63
CA TYR A 793 3.66 17.50 -8.15
C TYR A 793 2.37 17.40 -7.36
N SER A 794 2.13 18.35 -6.46
CA SER A 794 0.91 18.40 -5.67
C SER A 794 0.77 19.81 -5.11
N HIS A 795 -0.27 20.00 -4.30
CA HIS A 795 -0.44 21.26 -3.58
C HIS A 795 0.52 21.36 -2.41
N THR A 796 0.72 20.25 -1.70
CA THR A 796 1.66 20.24 -0.59
C THR A 796 3.08 20.52 -1.04
N ALA A 797 3.49 19.95 -2.18
CA ALA A 797 4.84 20.19 -2.68
C ALA A 797 5.03 21.65 -3.05
N ASN A 798 4.01 22.29 -3.63
CA ASN A 798 4.15 23.70 -3.96
C ASN A 798 4.16 24.56 -2.71
N GLN A 799 3.43 24.15 -1.67
CA GLN A 799 3.45 24.91 -0.43
C GLN A 799 4.81 24.80 0.25
N LEU A 800 5.40 23.60 0.24
CA LEU A 800 6.71 23.43 0.82
C LEU A 800 7.77 24.20 0.03
N CYS A 801 7.64 24.25 -1.29
CA CYS A 801 8.62 24.99 -2.09
C CYS A 801 8.51 26.49 -1.87
N GLN A 802 7.30 26.99 -1.61
CA GLN A 802 7.15 28.42 -1.39
C GLN A 802 7.64 28.79 -0.01
N PHE A 803 7.43 27.91 0.97
CA PHE A 803 7.88 28.25 2.31
C PHE A 803 9.39 28.08 2.41
N HIS A 804 9.95 27.15 1.64
CA HIS A 804 11.40 27.01 1.60
C HIS A 804 12.03 28.27 1.02
N GLN A 805 11.39 28.86 0.00
CA GLN A 805 12.03 30.02 -0.62
C GLN A 805 11.89 31.24 0.27
N ILE A 806 10.81 31.35 1.03
CA ILE A 806 10.70 32.46 1.97
C ILE A 806 11.70 32.30 3.11
N LEU A 807 11.90 31.06 3.58
CA LEU A 807 12.82 30.89 4.69
C LEU A 807 14.28 30.98 4.24
N SER A 808 14.57 30.68 2.98
CA SER A 808 15.92 30.89 2.47
C SER A 808 16.20 32.37 2.30
N LEU A 809 15.18 33.16 1.93
CA LEU A 809 15.41 34.59 1.78
C LEU A 809 15.53 35.26 3.15
N GLN A 810 14.85 34.72 4.16
CA GLN A 810 15.03 35.25 5.51
C GLN A 810 16.38 34.84 6.09
N GLU A 811 16.83 33.61 5.80
CA GLU A 811 18.10 33.12 6.32
C GLU A 811 19.28 33.85 5.71
N ASN A 812 19.19 34.23 4.43
CA ASN A 812 20.31 34.93 3.81
C ASN A 812 20.43 36.36 4.32
N GLY A 813 19.32 37.02 4.59
CA GLY A 813 19.33 38.43 4.96
C GLY A 813 18.64 39.34 3.97
N GLU A 814 18.10 38.81 2.87
CA GLU A 814 17.42 39.64 1.90
C GLU A 814 16.07 40.13 2.41
N LEU A 815 15.49 39.45 3.39
CA LEU A 815 14.22 39.83 3.99
C LEU A 815 14.39 40.08 5.47
N SER A 816 13.73 41.11 5.97
CA SER A 816 13.64 41.30 7.41
C SER A 816 12.68 40.27 8.00
N PRO A 817 12.83 39.93 9.28
CA PRO A 817 11.94 38.93 9.88
C PRO A 817 10.47 39.29 9.83
N LYS A 818 10.13 40.59 9.86
CA LYS A 818 8.72 40.96 9.80
C LYS A 818 8.17 40.83 8.39
N SER A 819 8.99 41.08 7.37
CA SER A 819 8.51 40.93 6.00
C SER A 819 8.40 39.46 5.63
N ALA A 820 9.32 38.63 6.14
CA ALA A 820 9.21 37.19 5.90
C ALA A 820 8.05 36.59 6.67
N GLU A 821 7.79 37.09 7.89
CA GLU A 821 6.63 36.62 8.65
C GLU A 821 5.33 37.01 7.96
N ASN A 822 5.27 38.22 7.40
CA ASN A 822 4.07 38.64 6.68
C ASN A 822 3.89 37.85 5.39
N TRP A 823 4.98 37.58 4.67
CA TRP A 823 4.89 36.77 3.46
C TRP A 823 4.50 35.33 3.79
N CYS A 824 4.96 34.80 4.93
CA CYS A 824 4.57 33.44 5.31
C CYS A 824 3.11 33.39 5.74
N ARG A 825 2.60 34.50 6.29
CA ARG A 825 1.19 34.52 6.67
C ARG A 825 0.32 34.62 5.44
N GLN A 826 0.72 35.43 4.46
CA GLN A 826 -0.05 35.53 3.23
C GLN A 826 0.04 34.25 2.43
N GLN A 827 1.15 33.51 2.56
CA GLN A 827 1.28 32.23 1.87
C GLN A 827 0.40 31.17 2.51
N LEU A 828 0.29 31.20 3.85
CA LEU A 828 -0.62 30.28 4.51
C LEU A 828 -2.06 30.62 4.21
N MET A 829 -2.38 31.91 4.04
CA MET A 829 -3.72 32.33 3.71
C MET A 829 -4.12 32.02 2.27
N GLY A 830 -3.17 31.68 1.41
CA GLY A 830 -3.49 31.38 0.03
C GLY A 830 -3.35 32.55 -0.93
N MET A 831 -2.17 33.17 -0.98
CA MET A 831 -1.92 34.21 -1.96
C MET A 831 -1.79 33.62 -3.36
N SER A 832 -1.94 34.48 -4.35
CA SER A 832 -1.85 34.08 -5.75
C SER A 832 -0.39 34.13 -6.22
N ARG A 833 -0.09 33.31 -7.22
CA ARG A 833 1.28 33.25 -7.76
C ARG A 833 1.77 34.61 -8.23
N GLU A 834 0.87 35.48 -8.70
CA GLU A 834 1.30 36.79 -9.15
C GLU A 834 1.61 37.73 -7.99
N ARG A 835 1.18 37.43 -6.82
CA ARG A 835 1.42 38.20 -5.65
C ARG A 835 2.65 37.72 -5.02
N SER A 836 3.03 36.44 -5.07
CA SER A 836 4.34 35.93 -4.71
C SER A 836 5.40 36.50 -5.64
N LEU A 837 5.13 36.50 -6.95
CA LEU A 837 6.09 37.05 -7.90
C LEU A 837 6.29 38.55 -7.69
N GLN A 838 5.21 39.27 -7.34
CA GLN A 838 5.36 40.69 -7.02
C GLN A 838 6.24 40.90 -5.79
N GLN A 839 6.06 40.05 -4.78
CA GLN A 839 6.84 40.21 -3.55
C GLN A 839 8.30 39.83 -3.77
N TYR A 840 8.55 38.83 -4.62
CA TYR A 840 9.93 38.41 -4.91
C TYR A 840 10.64 39.42 -5.81
N HIS A 841 9.90 40.17 -6.62
CA HIS A 841 10.53 41.15 -7.50
C HIS A 841 11.17 42.32 -6.73
N GLN A 842 10.86 42.48 -5.46
CA GLN A 842 11.40 43.59 -4.66
C GLN A 842 12.74 43.26 -4.02
N THR A 843 13.27 42.05 -4.20
CA THR A 843 14.51 41.63 -3.59
C THR A 843 15.67 41.76 -4.58
N SER A 844 16.88 41.89 -4.05
CA SER A 844 18.09 41.84 -4.88
C SER A 844 18.42 40.42 -5.32
N ASP A 845 17.82 39.42 -4.66
CA ASP A 845 18.00 38.05 -5.10
C ASP A 845 17.43 37.87 -6.51
N TYR A 846 16.30 38.54 -6.78
CA TYR A 846 15.67 38.44 -8.09
C TYR A 846 16.59 39.01 -9.16
N GLN A 847 17.28 40.12 -8.86
CA GLN A 847 18.12 40.74 -9.85
C GLN A 847 19.40 39.95 -10.08
N SER A 848 19.89 39.27 -9.04
CA SER A 848 21.05 38.41 -9.27
C SER A 848 20.66 37.15 -10.01
N ALA A 849 19.40 36.72 -9.89
CA ALA A 849 18.94 35.57 -10.65
C ALA A 849 18.74 35.95 -12.11
N VAL A 850 18.22 37.16 -12.35
CA VAL A 850 18.02 37.62 -13.71
C VAL A 850 19.37 37.76 -14.41
N ARG A 851 20.35 38.35 -13.72
CA ARG A 851 21.64 38.53 -14.37
C ARG A 851 22.37 37.21 -14.53
N LYS A 852 22.08 36.22 -13.68
CA LYS A 852 22.70 34.91 -13.85
C LYS A 852 22.13 34.20 -15.07
N TYR A 853 20.81 34.32 -15.27
CA TYR A 853 20.20 33.69 -16.42
C TYR A 853 20.65 34.36 -17.70
N ILE A 854 20.73 35.69 -17.70
CA ILE A 854 21.17 36.40 -18.90
C ILE A 854 22.61 36.05 -19.24
N GLU A 855 23.49 36.00 -18.23
CA GLU A 855 24.89 35.74 -18.54
C GLU A 855 25.10 34.32 -19.03
N GLN A 856 24.35 33.36 -18.47
CA GLN A 856 24.46 31.99 -18.96
C GLN A 856 23.90 31.87 -20.38
N ALA A 857 22.77 32.52 -20.66
CA ALA A 857 22.18 32.42 -21.99
C ALA A 857 23.08 33.09 -23.03
N VAL A 858 23.60 34.28 -22.72
CA VAL A 858 24.51 34.95 -23.65
C VAL A 858 25.82 34.18 -23.80
N GLY A 859 26.13 33.27 -22.89
CA GLY A 859 27.35 32.51 -23.08
C GLY A 859 27.27 31.38 -24.08
N ARG A 860 26.10 31.19 -24.70
CA ARG A 860 25.92 30.18 -25.74
C ARG A 860 26.49 30.58 -27.09
N ALA A 861 26.88 31.85 -27.27
CA ALA A 861 27.46 32.32 -28.52
C ALA A 861 28.98 32.41 -28.48
N GLY A 862 29.62 31.85 -27.45
CA GLY A 862 31.06 31.94 -27.32
C GLY A 862 31.75 30.59 -27.25
N ARG A 863 31.32 29.64 -28.08
CA ARG A 863 31.82 28.28 -27.95
C ARG A 863 33.15 28.06 -28.68
N THR A 864 33.34 28.70 -29.84
CA THR A 864 34.49 28.41 -30.68
C THR A 864 35.35 29.66 -30.86
N SER A 865 36.48 29.49 -31.55
CA SER A 865 37.37 30.57 -31.89
C SER A 865 37.22 31.05 -33.33
N LEU A 866 36.27 30.49 -34.06
CA LEU A 866 35.93 30.96 -35.41
C LEU A 866 34.68 31.81 -35.30
N LYS A 867 34.82 33.12 -35.44
CA LYS A 867 33.75 34.06 -35.18
C LYS A 867 33.43 34.87 -36.44
N ARG A 868 32.15 35.20 -36.59
CA ARG A 868 31.74 36.19 -37.56
C ARG A 868 32.32 37.55 -37.18
N LYS A 869 32.65 38.35 -38.21
CA LYS A 869 33.23 39.66 -37.95
C LYS A 869 32.27 40.57 -37.21
N GLN A 870 30.96 40.36 -37.36
CA GLN A 870 29.96 41.08 -36.58
C GLN A 870 28.97 40.11 -35.97
N ILE A 871 28.71 40.27 -34.68
CA ILE A 871 27.76 39.44 -33.95
C ILE A 871 26.62 40.32 -33.45
N LEU A 872 25.39 39.92 -33.73
CA LEU A 872 24.21 40.70 -33.36
C LEU A 872 23.53 40.13 -32.12
N LEU A 873 23.42 40.94 -31.08
CA LEU A 873 22.74 40.60 -29.84
C LEU A 873 21.53 41.51 -29.71
N PHE A 874 20.33 40.92 -29.60
CA PHE A 874 19.09 41.65 -29.42
C PHE A 874 18.48 41.23 -28.09
N VAL A 875 18.51 42.14 -27.12
CA VAL A 875 18.07 41.84 -25.76
C VAL A 875 16.79 42.63 -25.47
N ASP A 876 15.88 42.02 -24.71
CA ASP A 876 14.67 42.69 -24.26
C ASP A 876 15.04 43.98 -23.53
N SER A 877 14.33 45.07 -23.86
CA SER A 877 14.65 46.33 -23.21
C SER A 877 14.26 46.34 -21.74
N GLY A 878 13.36 45.44 -21.33
CA GLY A 878 12.98 45.35 -19.95
C GLY A 878 14.01 44.66 -19.10
N LEU A 879 15.21 44.51 -19.65
CA LEU A 879 16.36 43.97 -18.96
C LEU A 879 17.45 45.00 -18.77
N LYS A 880 17.33 46.16 -19.42
CA LYS A 880 18.46 47.09 -19.44
C LYS A 880 18.75 47.62 -18.05
N GLU A 881 17.71 47.96 -17.29
CA GLU A 881 17.95 48.52 -15.97
C GLU A 881 18.57 47.48 -15.06
N ILE A 882 18.21 46.20 -15.25
CA ILE A 882 18.82 45.17 -14.44
C ILE A 882 20.29 45.05 -14.80
N LEU A 883 20.58 45.03 -16.10
CA LEU A 883 21.96 44.89 -16.50
C LEU A 883 22.75 46.14 -16.11
N ALA A 884 22.05 47.26 -15.87
CA ALA A 884 22.75 48.46 -15.49
C ALA A 884 23.31 48.38 -14.07
N GLU A 885 22.85 47.43 -13.26
CA GLU A 885 23.29 47.34 -11.87
C GLU A 885 24.30 46.23 -11.63
N GLU A 886 25.07 45.83 -12.63
CA GLU A 886 26.18 44.92 -12.39
C GLU A 886 27.30 45.64 -11.64
N SER A 887 27.81 45.01 -10.59
CA SER A 887 28.87 45.62 -9.80
C SER A 887 29.97 44.64 -9.43
N ARG A 888 29.94 43.40 -9.94
CA ARG A 888 31.00 42.46 -9.65
C ARG A 888 32.27 42.82 -10.42
N ASP A 889 33.34 42.10 -10.12
CA ASP A 889 34.59 42.28 -10.83
C ASP A 889 34.45 41.81 -12.27
N PRO A 890 34.67 42.67 -13.27
CA PRO A 890 34.48 42.25 -14.66
C PRO A 890 35.59 41.35 -15.19
N SER A 891 36.60 41.02 -14.38
CA SER A 891 37.69 40.18 -14.85
C SER A 891 37.30 38.74 -15.10
N LEU A 892 36.10 38.33 -14.69
CA LEU A 892 35.66 36.96 -14.85
C LEU A 892 34.54 36.82 -15.88
N PHE A 893 34.04 37.93 -16.41
CA PHE A 893 32.96 37.91 -17.38
C PHE A 893 33.48 37.50 -18.76
N SER A 894 32.53 37.19 -19.64
CA SER A 894 32.85 36.96 -21.04
C SER A 894 32.72 38.25 -21.83
N HIS A 895 33.11 38.20 -23.10
CA HIS A 895 33.11 39.42 -23.91
C HIS A 895 31.69 39.88 -24.23
N GLU A 896 30.78 38.93 -24.50
CA GLU A 896 29.41 39.32 -24.81
C GLU A 896 28.71 39.88 -23.58
N TYR A 897 29.00 39.34 -22.40
CA TYR A 897 28.36 39.85 -21.20
C TYR A 897 28.96 41.18 -20.78
N VAL A 898 30.26 41.36 -21.02
CA VAL A 898 30.88 42.66 -20.73
C VAL A 898 30.29 43.72 -21.64
N ALA A 899 30.01 43.36 -22.90
CA ALA A 899 29.45 44.34 -23.82
C ALA A 899 27.98 44.61 -23.50
N LEU A 900 27.25 43.59 -23.06
CA LEU A 900 25.87 43.79 -22.63
C LEU A 900 25.80 44.73 -21.43
N VAL A 901 26.72 44.55 -20.47
CA VAL A 901 26.74 45.40 -19.30
C VAL A 901 27.17 46.82 -19.68
N ASN A 902 28.21 46.95 -20.50
CA ASN A 902 28.68 48.28 -20.86
C ASN A 902 27.62 49.05 -21.63
N LYS A 903 26.84 48.36 -22.46
CA LYS A 903 25.78 49.03 -23.21
C LYS A 903 24.63 49.44 -22.31
N ALA A 904 24.22 48.58 -21.38
CA ALA A 904 23.17 48.98 -20.46
C ALA A 904 23.64 50.09 -19.53
N LYS A 905 24.88 50.01 -19.05
CA LYS A 905 25.51 51.01 -18.19
C LYS A 905 25.77 52.32 -18.91
N SER A 906 25.70 52.35 -20.24
CA SER A 906 25.99 53.58 -20.98
C SER A 906 25.08 54.73 -20.57
N ALA A 907 23.91 54.43 -19.99
CA ALA A 907 23.06 55.47 -19.45
C ALA A 907 23.61 56.07 -18.16
N GLY A 908 24.66 55.49 -17.59
CA GLY A 908 25.27 56.00 -16.38
C GLY A 908 25.03 55.13 -15.15
N LYS A 909 25.09 55.75 -13.97
CA LYS A 909 24.90 55.04 -12.71
C LYS A 909 23.64 55.55 -12.02
N SER A 910 22.90 54.63 -11.41
CA SER A 910 21.71 54.95 -10.64
C SER A 910 21.95 54.64 -9.17
N ILE A 911 21.40 55.48 -8.30
CA ILE A 911 21.63 55.35 -6.86
C ILE A 911 20.94 54.09 -6.36
N VAL A 912 21.69 53.21 -5.70
CA VAL A 912 21.16 51.99 -5.12
C VAL A 912 21.68 51.86 -3.69
N GLU A 913 20.92 51.11 -2.89
CA GLU A 913 21.34 50.80 -1.53
C GLU A 913 22.35 49.65 -1.52
N ASP A 914 23.39 49.80 -0.71
CA ASP A 914 24.36 48.73 -0.54
C ASP A 914 23.67 47.47 -0.02
N ARG A 915 23.96 46.34 -0.64
CA ARG A 915 23.35 45.08 -0.22
C ARG A 915 23.86 44.62 1.13
N ALA A 916 25.12 44.92 1.46
CA ALA A 916 25.67 44.47 2.74
C ALA A 916 25.07 45.22 3.92
N VAL A 917 24.74 46.50 3.75
CA VAL A 917 24.19 47.24 4.90
C VAL A 917 22.77 46.78 5.19
N ARG A 918 22.00 46.44 4.14
CA ARG A 918 20.65 45.98 4.38
C ARG A 918 20.68 44.56 4.91
N ARG A 919 21.62 43.75 4.44
CA ARG A 919 21.74 42.40 4.98
C ARG A 919 22.16 42.45 6.44
N LEU A 920 22.97 43.45 6.83
CA LEU A 920 23.36 43.59 8.23
C LEU A 920 22.19 44.01 9.10
N PHE A 921 21.34 44.92 8.59
CA PHE A 921 20.16 45.31 9.37
C PHE A 921 19.20 44.14 9.54
N ASN A 922 19.01 43.36 8.47
CA ASN A 922 18.10 42.23 8.52
C ASN A 922 18.65 41.14 9.41
N LEU A 923 19.95 40.87 9.36
CA LEU A 923 20.50 39.78 10.13
C LEU A 923 20.63 40.16 11.61
N ALA A 924 20.70 41.45 11.92
CA ALA A 924 20.62 41.87 13.32
C ALA A 924 19.23 41.66 13.86
N GLN A 925 18.20 42.03 13.07
CA GLN A 925 16.84 41.78 13.52
C GLN A 925 16.58 40.27 13.68
N ARG A 926 17.08 39.48 12.73
CA ARG A 926 16.87 38.04 12.77
C ARG A 926 17.51 37.43 14.00
N ASN A 927 18.78 37.77 14.26
CA ASN A 927 19.48 37.19 15.38
C ASN A 927 18.83 37.57 16.70
N ASN A 928 18.40 38.84 16.82
CA ASN A 928 17.74 39.26 18.06
C ASN A 928 16.41 38.53 18.27
N LYS A 929 15.61 38.37 17.21
CA LYS A 929 14.35 37.66 17.36
C LYS A 929 14.57 36.18 17.69
N ASP A 930 15.58 35.56 17.09
CA ASP A 930 15.90 34.18 17.42
C ASP A 930 16.33 34.06 18.87
N GLY A 931 17.11 35.01 19.36
CA GLY A 931 17.53 34.96 20.75
C GLY A 931 16.37 35.12 21.71
N MET A 932 15.44 36.03 21.40
CA MET A 932 14.30 36.22 22.29
C MET A 932 13.43 34.96 22.35
N LEU A 933 13.11 34.38 21.18
CA LEU A 933 12.25 33.20 21.19
C LEU A 933 12.95 32.01 21.85
N SER A 934 14.26 31.86 21.62
CA SER A 934 14.97 30.72 22.19
C SER A 934 15.10 30.88 23.69
N ILE A 935 15.32 32.10 24.18
CA ILE A 935 15.42 32.32 25.61
C ILE A 935 14.09 32.05 26.28
N LYS A 936 12.98 32.50 25.67
CA LYS A 936 11.68 32.24 26.26
C LYS A 936 11.38 30.74 26.32
N ALA A 937 11.72 30.00 25.27
CA ALA A 937 11.50 28.55 25.31
C ALA A 937 12.42 27.87 26.32
N LEU A 938 13.66 28.35 26.46
CA LEU A 938 14.56 27.79 27.45
C LEU A 938 14.02 28.00 28.85
N VAL A 939 13.53 29.20 29.14
CA VAL A 939 13.00 29.49 30.46
C VAL A 939 11.76 28.65 30.73
N HIS A 940 10.91 28.47 29.69
CA HIS A 940 9.75 27.61 29.85
C HIS A 940 10.15 26.18 30.20
N ARG A 941 11.18 25.65 29.53
CA ARG A 941 11.62 24.30 29.84
C ARG A 941 12.28 24.20 31.20
N LEU A 942 12.93 25.29 31.66
CA LEU A 942 13.50 25.28 33.00
C LEU A 942 12.42 25.31 34.08
N HIS A 943 11.35 26.07 33.84
CA HIS A 943 10.24 26.15 34.79
C HIS A 943 9.27 24.98 34.62
N ASN A 944 9.79 23.75 34.64
CA ASN A 944 8.97 22.56 34.52
C ASN A 944 9.49 21.49 35.45
N GLN A 945 8.58 20.77 36.10
CA GLN A 945 8.94 19.78 37.11
C GLN A 945 8.76 18.37 36.53
N PRO A 946 9.82 17.56 36.49
CA PRO A 946 11.21 17.88 36.86
C PRO A 946 11.95 18.57 35.72
N ALA A 947 13.03 19.29 36.01
CA ALA A 947 13.84 19.91 34.97
C ALA A 947 14.68 18.82 34.30
N SER A 948 15.60 19.24 33.43
CA SER A 948 16.46 18.30 32.73
C SER A 948 17.92 18.69 32.93
N LYS A 949 18.79 17.67 32.93
CA LYS A 949 20.23 17.92 33.02
C LYS A 949 20.73 18.69 31.80
N SER A 950 20.23 18.33 30.62
CA SER A 950 20.67 19.00 29.39
C SER A 950 20.22 20.45 29.36
N ASP A 951 18.99 20.74 29.79
CA ASP A 951 18.51 22.13 29.78
C ASP A 951 19.31 23.01 30.73
N ILE A 952 19.60 22.49 31.92
CA ILE A 952 20.41 23.24 32.88
C ILE A 952 21.82 23.43 32.35
N GLN A 953 22.41 22.38 31.77
CA GLN A 953 23.74 22.48 31.20
C GLN A 953 23.79 23.51 30.08
N GLU A 954 22.77 23.51 29.21
CA GLU A 954 22.71 24.49 28.12
C GLU A 954 22.59 25.91 28.65
N TRP A 955 21.75 26.12 29.67
CA TRP A 955 21.60 27.45 30.26
C TRP A 955 22.90 27.91 30.92
N GLN A 956 23.62 27.00 31.55
CA GLN A 956 24.90 27.36 32.13
C GLN A 956 25.92 27.64 31.04
N ASP A 957 25.90 26.85 29.96
CA ASP A 957 26.87 27.05 28.90
C ASP A 957 26.66 28.41 28.26
N ILE A 958 25.41 28.83 28.11
CA ILE A 958 25.13 30.16 27.58
C ILE A 958 25.71 31.22 28.50
N ARG A 959 25.52 31.03 29.82
CA ARG A 959 25.96 32.07 30.74
C ARG A 959 27.49 32.16 30.78
N THR A 960 28.17 31.03 30.82
CA THR A 960 29.63 31.07 30.88
C THR A 960 30.21 31.56 29.56
N GLN A 961 29.62 31.19 28.43
CA GLN A 961 30.12 31.66 27.15
C GLN A 961 29.97 33.17 27.03
N LEU A 962 28.80 33.70 27.41
CA LEU A 962 28.61 35.15 27.31
C LEU A 962 29.49 35.90 28.32
N LEU A 963 29.79 35.29 29.47
CA LEU A 963 30.68 35.94 30.43
C LEU A 963 32.13 35.93 29.93
N ARG A 964 32.58 34.78 29.42
CA ARG A 964 33.96 34.65 28.96
C ARG A 964 34.21 35.37 27.65
N TYR A 965 33.26 35.30 26.71
CA TYR A 965 33.40 35.91 25.39
C TYR A 965 32.20 36.79 25.10
N PRO A 966 32.12 37.98 25.71
CA PRO A 966 31.04 38.91 25.38
C PRO A 966 31.17 39.52 24.01
N THR A 967 32.32 39.35 23.35
CA THR A 967 32.55 39.84 22.00
C THR A 967 33.61 38.95 21.36
N VAL A 968 33.31 38.45 20.16
CA VAL A 968 34.20 37.51 19.49
C VAL A 968 34.78 38.17 18.25
N ALA A 969 35.91 37.64 17.80
CA ALA A 969 36.61 38.18 16.64
C ALA A 969 36.15 37.54 15.34
N PHE A 970 36.33 36.23 15.21
CA PHE A 970 35.83 35.51 14.06
C PHE A 970 34.33 35.27 14.21
N GLN A 971 33.70 34.90 13.09
CA GLN A 971 32.30 34.54 13.14
C GLN A 971 32.12 33.31 14.02
N PRO A 972 31.21 33.36 14.99
CA PRO A 972 31.04 32.20 15.89
C PRO A 972 30.53 30.98 15.15
N GLU A 973 30.94 29.81 15.63
CA GLU A 973 30.53 28.54 15.03
C GLU A 973 29.64 27.72 15.95
N ARG A 974 29.51 28.11 17.21
CA ARG A 974 28.72 27.40 18.20
C ARG A 974 27.64 28.26 18.83
N PHE A 975 27.91 29.54 19.09
CA PHE A 975 26.91 30.42 19.67
C PHE A 975 26.63 31.56 18.72
N ASN A 976 26.45 31.24 17.44
CA ASN A 976 26.37 32.27 16.41
C ASN A 976 25.14 33.15 16.57
N ARG A 977 24.09 32.65 17.21
CA ARG A 977 22.86 33.41 17.37
C ARG A 977 22.88 34.32 18.59
N LEU A 978 23.90 34.22 19.43
CA LEU A 978 24.04 35.13 20.56
C LEU A 978 24.59 36.48 20.13
N TYR A 979 25.22 36.55 18.96
CA TYR A 979 25.92 37.74 18.51
C TYR A 979 25.34 38.24 17.21
N LEU A 980 25.37 39.56 17.04
CA LEU A 980 25.12 40.23 15.78
C LEU A 980 26.40 40.93 15.33
N GLN A 981 26.45 41.27 14.04
CA GLN A 981 27.57 42.00 13.47
C GLN A 981 27.15 43.45 13.27
N SER A 982 27.94 44.38 13.79
CA SER A 982 27.59 45.79 13.78
C SER A 982 28.56 46.56 12.88
N MET A 983 28.13 47.75 12.47
CA MET A 983 28.99 48.63 11.69
C MET A 983 30.05 49.28 12.56
N THR A 984 29.75 49.53 13.84
CA THR A 984 30.74 50.05 14.77
C THR A 984 31.51 48.87 15.37
N LYS A 985 32.39 49.15 16.33
CA LYS A 985 33.24 48.14 16.92
C LYS A 985 32.98 48.08 18.42
N GLY A 986 32.48 46.94 18.89
CA GLY A 986 32.31 46.69 20.31
C GLY A 986 31.12 47.36 20.96
N TYR A 987 30.32 48.09 20.19
CA TYR A 987 29.15 48.79 20.73
C TYR A 987 28.21 49.14 19.59
N TYR A 988 26.94 49.30 19.91
CA TYR A 988 25.94 49.69 18.93
C TYR A 988 24.73 50.24 19.65
N ARG A 989 23.82 50.83 18.87
CA ARG A 989 22.59 51.42 19.38
C ARG A 989 21.38 50.66 18.84
N TYR A 990 20.30 50.64 19.61
CA TYR A 990 19.10 49.93 19.24
C TYR A 990 17.89 50.59 19.89
N GLN A 991 16.71 50.23 19.39
CA GLN A 991 15.43 50.64 19.95
C GLN A 991 14.45 49.49 19.85
N GLY A 992 13.79 49.19 20.96
CA GLY A 992 12.77 48.15 20.98
C GLY A 992 12.47 47.73 22.39
N ASN A 993 11.26 47.18 22.56
CA ASN A 993 10.81 46.68 23.85
C ASN A 993 11.26 45.23 23.99
N LEU A 994 12.02 44.95 25.05
CA LEU A 994 12.53 43.60 25.26
C LEU A 994 11.44 42.60 25.57
N ASP A 995 10.26 43.06 25.99
CA ASP A 995 9.13 42.19 26.26
C ASP A 995 7.97 42.49 25.32
N GLY A 996 8.28 42.97 24.12
CA GLY A 996 7.26 43.30 23.15
C GLY A 996 7.40 42.52 21.87
N ASP A 997 7.18 43.18 20.74
CA ASP A 997 7.29 42.49 19.44
C ASP A 997 8.75 42.41 19.04
N PRO A 998 9.28 41.20 18.79
CA PRO A 998 10.64 41.10 18.23
C PRO A 998 10.76 41.64 16.82
N ASN A 999 9.66 41.88 16.13
CA ASN A 999 9.68 42.34 14.74
C ASN A 999 9.77 43.86 14.62
N SER A 1000 9.76 44.58 15.74
CA SER A 1000 9.79 46.04 15.72
C SER A 1000 11.11 46.63 16.17
N PHE A 1001 12.14 45.82 16.32
CA PHE A 1001 13.45 46.33 16.73
C PHE A 1001 14.14 47.07 15.59
N GLU A 1002 14.90 48.10 15.95
CA GLU A 1002 15.75 48.82 15.02
C GLU A 1002 17.17 48.84 15.56
N PHE A 1003 18.14 49.02 14.66
CA PHE A 1003 19.55 48.89 15.02
C PHE A 1003 20.37 49.94 14.29
N PHE A 1004 21.59 50.13 14.80
CA PHE A 1004 22.69 50.80 14.09
C PHE A 1004 22.29 52.23 13.75
N ASP A 1005 22.32 52.64 12.47
CA ASP A 1005 22.15 54.02 12.08
C ASP A 1005 20.69 54.44 11.93
N ARG A 1006 19.75 53.50 11.98
CA ARG A 1006 18.34 53.86 11.89
C ARG A 1006 17.84 54.54 13.16
N VAL A 1007 18.55 54.39 14.27
CA VAL A 1007 18.16 54.99 15.54
C VAL A 1007 19.34 55.79 16.09
N PRO A 1008 19.46 57.08 15.76
CA PRO A 1008 20.60 57.85 16.27
C PRO A 1008 20.52 58.12 17.75
N TYR A 1009 19.35 57.99 18.36
CA TYR A 1009 19.17 58.08 19.80
C TYR A 1009 18.41 56.85 20.26
N GLY A 1010 19.02 56.09 21.15
CA GLY A 1010 18.44 54.83 21.59
C GLY A 1010 19.39 54.11 22.52
N ASP A 1011 18.89 53.03 23.10
CA ASP A 1011 19.67 52.31 24.10
C ASP A 1011 20.94 51.74 23.49
N MET A 1012 22.01 51.75 24.28
CA MET A 1012 23.32 51.33 23.81
C MET A 1012 23.70 49.99 24.41
N VAL A 1013 24.33 49.14 23.60
CA VAL A 1013 24.93 47.91 24.10
C VAL A 1013 26.44 48.09 24.10
N SER A 1014 26.98 48.55 25.21
CA SER A 1014 28.40 48.88 25.30
C SER A 1014 28.96 48.43 26.64
N GLU A 1015 30.29 48.32 26.69
CA GLU A 1015 30.96 47.91 27.91
C GLU A 1015 30.72 48.92 29.04
N GLU A 1016 30.80 50.22 28.72
CA GLU A 1016 30.58 51.24 29.74
C GLU A 1016 29.13 51.24 30.23
N ASP A 1017 28.18 50.95 29.33
CA ASP A 1017 26.78 50.87 29.74
C ASP A 1017 26.55 49.77 30.76
N CYS A 1018 27.30 48.67 30.65
CA CYS A 1018 27.20 47.58 31.60
C CYS A 1018 27.95 47.85 32.89
N SER A 1019 28.76 48.92 32.95
CA SER A 1019 29.54 49.26 34.14
C SER A 1019 30.45 48.12 34.56
N LEU A 1020 31.09 47.48 33.57
CA LEU A 1020 32.00 46.38 33.87
C LEU A 1020 33.24 46.85 34.61
N ALA A 1021 33.82 47.98 34.18
CA ALA A 1021 35.05 48.46 34.80
C ALA A 1021 34.80 48.86 36.26
N THR A 1022 33.68 49.51 36.53
CA THR A 1022 33.33 49.85 37.91
C THR A 1022 33.13 48.61 38.75
N LEU A 1023 32.46 47.60 38.18
CA LEU A 1023 32.19 46.36 38.91
C LEU A 1023 33.48 45.62 39.25
N VAL A 1024 34.41 45.52 38.31
CA VAL A 1024 35.62 44.73 38.54
C VAL A 1024 36.62 45.42 39.44
N GLN A 1025 36.46 46.72 39.72
CA GLN A 1025 37.39 47.42 40.60
C GLN A 1025 37.34 46.91 42.03
N ASN A 1026 36.33 46.12 42.40
CA ASN A 1026 36.28 45.53 43.73
C ASN A 1026 37.43 44.55 43.92
N GLN A 1027 37.98 44.54 45.14
CA GLN A 1027 39.18 43.76 45.42
C GLN A 1027 38.95 42.26 45.33
N TYR A 1028 37.69 41.82 45.41
CA TYR A 1028 37.38 40.39 45.39
C TYR A 1028 36.86 39.90 44.04
N VAL A 1029 36.43 40.81 43.16
CA VAL A 1029 35.90 40.40 41.85
C VAL A 1029 37.03 39.89 40.96
N ARG A 1030 38.16 40.59 40.92
CA ARG A 1030 39.24 40.20 40.01
C ARG A 1030 39.76 38.78 40.25
N PRO A 1031 40.13 38.37 41.46
CA PRO A 1031 40.63 36.98 41.60
C PRO A 1031 39.60 35.93 41.23
N TRP A 1032 38.32 36.16 41.52
CA TRP A 1032 37.28 35.20 41.12
C TRP A 1032 37.13 35.14 39.61
N PHE A 1033 37.13 36.30 38.95
CA PHE A 1033 36.98 36.32 37.50
C PHE A 1033 38.18 35.64 36.83
N GLU A 1034 39.39 36.02 37.25
CA GLU A 1034 40.60 35.45 36.65
C GLU A 1034 40.68 33.95 36.88
N ARG A 1035 40.33 33.49 38.09
CA ARG A 1035 40.32 32.06 38.36
C ARG A 1035 39.29 31.36 37.48
N LYS A 1036 38.12 31.97 37.31
CA LYS A 1036 37.09 31.40 36.45
C LYS A 1036 37.36 31.62 34.97
N GLY A 1037 38.27 32.53 34.63
CA GLY A 1037 38.60 32.81 33.26
C GLY A 1037 37.68 33.79 32.56
N PHE A 1038 36.79 34.44 33.30
CA PHE A 1038 35.88 35.40 32.71
C PHE A 1038 36.63 36.64 32.24
N ALA A 1039 36.09 37.31 31.24
CA ALA A 1039 36.69 38.51 30.71
C ALA A 1039 36.45 39.69 31.64
N CYS A 1040 37.50 40.47 31.88
CA CYS A 1040 37.40 41.69 32.68
C CYS A 1040 37.30 42.93 31.82
N SER A 1041 37.30 42.78 30.49
CA SER A 1041 37.19 43.90 29.58
C SER A 1041 36.59 43.41 28.27
N TRP A 1042 36.06 44.34 27.48
CA TRP A 1042 35.44 44.03 26.21
C TRP A 1042 36.41 44.26 25.07
N GLN A 1043 36.61 43.24 24.24
CA GLN A 1043 37.39 43.41 23.03
C GLN A 1043 36.63 44.30 22.05
N LYS A 1044 37.39 45.04 21.23
CA LYS A 1044 36.80 45.91 20.22
C LYS A 1044 36.70 45.13 18.92
N GLU A 1045 35.61 44.38 18.78
CA GLU A 1045 35.32 43.61 17.58
C GLU A 1045 33.89 43.88 17.14
N ALA A 1046 33.58 43.49 15.90
CA ALA A 1046 32.29 43.82 15.30
C ALA A 1046 31.18 42.85 15.68
N ASN A 1047 31.51 41.72 16.29
CA ASN A 1047 30.51 40.73 16.69
C ASN A 1047 30.18 40.95 18.17
N VAL A 1048 29.07 41.64 18.42
CA VAL A 1048 28.67 41.99 19.77
C VAL A 1048 27.37 41.27 20.11
N MET A 1049 27.07 41.16 21.40
CA MET A 1049 25.87 40.47 21.84
C MET A 1049 24.63 41.19 21.34
N THR A 1050 23.54 40.44 21.22
CA THR A 1050 22.24 41.01 20.88
C THR A 1050 21.61 41.64 22.12
N PRO A 1051 20.66 42.57 21.93
CA PRO A 1051 20.07 43.26 23.09
C PRO A 1051 19.41 42.34 24.09
N ILE A 1052 18.79 41.25 23.65
CA ILE A 1052 18.19 40.31 24.60
C ILE A 1052 19.25 39.66 25.47
N MET A 1053 20.36 39.25 24.87
CA MET A 1053 21.42 38.59 25.63
C MET A 1053 22.09 39.58 26.59
N PHE A 1054 22.25 40.83 26.16
CA PHE A 1054 22.87 41.84 27.01
C PHE A 1054 21.99 42.18 28.20
N THR A 1055 20.70 42.42 27.94
CA THR A 1055 19.81 42.87 29.01
C THR A 1055 19.41 41.74 29.95
N ASN A 1056 19.15 40.55 29.41
CA ASN A 1056 18.59 39.47 30.22
C ASN A 1056 19.64 38.54 30.81
N ILE A 1057 20.53 38.01 29.98
CA ILE A 1057 21.42 36.94 30.42
C ILE A 1057 22.74 37.47 30.94
N TYR A 1058 23.38 38.40 30.23
CA TYR A 1058 24.73 38.80 30.57
C TYR A 1058 24.78 39.57 31.88
N LYS A 1059 23.92 40.58 32.04
CA LYS A 1059 23.95 41.38 33.26
C LYS A 1059 23.53 40.57 34.48
N GLY A 1060 22.60 39.63 34.31
CA GLY A 1060 22.19 38.80 35.42
C GLY A 1060 23.32 37.91 35.90
N ALA A 1061 24.04 37.29 34.97
CA ALA A 1061 25.16 36.45 35.35
C ALA A 1061 26.29 37.27 35.95
N LEU A 1062 26.49 38.49 35.44
CA LEU A 1062 27.54 39.35 36.00
C LEU A 1062 27.23 39.75 37.43
N GLY A 1063 25.96 40.08 37.71
CA GLY A 1063 25.58 40.40 39.07
C GLY A 1063 25.66 39.20 39.99
N GLU A 1064 25.21 38.04 39.51
CA GLU A 1064 25.27 36.84 40.34
C GLU A 1064 26.71 36.47 40.65
N GLN A 1065 27.60 36.58 39.66
CA GLN A 1065 28.99 36.21 39.89
C GLN A 1065 29.66 37.19 40.85
N ALA A 1066 29.34 38.48 40.75
CA ALA A 1066 29.93 39.45 41.68
C ALA A 1066 29.45 39.18 43.11
N VAL A 1067 28.15 38.89 43.26
CA VAL A 1067 27.62 38.64 44.59
C VAL A 1067 28.24 37.38 45.17
N GLU A 1068 28.34 36.31 44.35
CA GLU A 1068 28.91 35.07 44.85
C GLU A 1068 30.39 35.26 45.19
N ALA A 1069 31.09 36.12 44.46
CA ALA A 1069 32.51 36.34 44.72
C ALA A 1069 32.70 37.03 46.06
N VAL A 1070 31.93 38.09 46.32
CA VAL A 1070 32.11 38.79 47.59
C VAL A 1070 31.63 37.94 48.75
N LEU A 1071 30.53 37.20 48.57
CA LEU A 1071 30.03 36.39 49.67
C LEU A 1071 30.99 35.25 49.97
N THR A 1072 31.58 34.62 48.94
CA THR A 1072 32.56 33.58 49.19
C THR A 1072 33.82 34.16 49.82
N ALA A 1073 34.14 35.41 49.51
CA ALA A 1073 35.25 36.06 50.21
C ALA A 1073 34.91 36.28 51.67
N PHE A 1074 33.63 36.39 52.01
CA PHE A 1074 33.19 36.51 53.39
C PHE A 1074 32.82 35.16 54.01
N ASP A 1075 33.42 34.07 53.54
CA ASP A 1075 33.23 32.73 54.10
C ASP A 1075 31.76 32.30 54.02
N PHE A 1076 31.24 32.27 52.80
CA PHE A 1076 29.92 31.73 52.50
C PHE A 1076 30.09 30.59 51.50
N THR A 1077 29.64 29.39 51.88
CA THR A 1077 29.70 28.24 50.99
C THR A 1077 28.38 28.09 50.25
N PHE A 1078 28.46 27.60 49.02
CA PHE A 1078 27.32 27.59 48.11
C PHE A 1078 27.11 26.18 47.56
N GLU A 1079 25.83 25.86 47.33
CA GLU A 1079 25.44 24.55 46.81
C GLU A 1079 24.51 24.74 45.62
N GLU A 1080 24.46 23.71 44.78
CA GLU A 1080 23.62 23.78 43.58
C GLU A 1080 22.14 23.71 43.95
N VAL A 1081 21.34 24.51 43.27
CA VAL A 1081 19.89 24.48 43.49
C VAL A 1081 19.30 23.21 42.88
N PRO A 1082 18.44 22.49 43.58
CA PRO A 1082 17.83 21.29 42.97
C PRO A 1082 16.93 21.66 41.79
N ASN A 1083 16.84 20.73 40.85
CA ASN A 1083 16.09 20.98 39.62
C ASN A 1083 14.60 21.17 39.85
N SER A 1084 14.09 20.81 41.03
CA SER A 1084 12.68 21.02 41.32
C SER A 1084 12.34 22.51 41.36
N ILE A 1085 13.24 23.34 41.89
CA ILE A 1085 12.99 24.76 42.02
C ILE A 1085 14.07 25.56 41.30
N TYR A 1086 14.59 24.99 40.21
CA TYR A 1086 15.68 25.64 39.49
C TYR A 1086 15.21 26.94 38.83
N GLU A 1087 16.12 27.91 38.79
CA GLU A 1087 15.94 29.19 38.12
C GLU A 1087 14.95 30.09 38.87
N ARG A 1088 14.31 29.56 39.91
CA ARG A 1088 13.42 30.38 40.72
C ARG A 1088 14.20 31.28 41.68
N PHE A 1089 15.36 30.81 42.14
CA PHE A 1089 16.23 31.61 42.99
C PHE A 1089 17.66 31.41 42.52
N ASP A 1090 18.52 32.37 42.84
CA ASP A 1090 19.88 32.37 42.32
C ASP A 1090 20.68 31.15 42.80
N ASN A 1091 20.95 31.03 44.09
CA ASN A 1091 21.70 29.88 44.57
C ASN A 1091 21.45 29.67 46.06
N ARG A 1092 22.23 28.77 46.66
CA ARG A 1092 22.07 28.38 48.06
C ARG A 1092 22.81 29.34 48.98
N VAL A 1093 22.58 29.19 50.29
CA VAL A 1093 23.32 29.93 51.30
C VAL A 1093 23.48 29.03 52.52
N ILE A 1094 24.73 28.77 52.91
CA ILE A 1094 25.03 28.06 54.15
C ILE A 1094 26.12 28.83 54.88
N PHE A 1095 25.87 29.16 56.15
CA PHE A 1095 26.79 29.96 56.95
C PHE A 1095 26.83 29.38 58.35
N ALA A 1096 27.97 28.80 58.73
CA ALA A 1096 28.29 28.32 60.07
C ALA A 1096 27.43 27.14 60.50
N GLY A 1097 26.48 26.70 59.67
CA GLY A 1097 25.63 25.57 60.01
C GLY A 1097 24.30 25.99 60.61
N ILE A 1098 23.25 25.92 59.81
CA ILE A 1098 21.89 26.20 60.26
C ILE A 1098 20.98 25.10 59.72
N GLU A 1099 20.09 24.59 60.59
CA GLU A 1099 19.15 23.57 60.16
C GLU A 1099 18.18 24.10 59.12
N GLN A 1100 17.81 25.37 59.22
CA GLN A 1100 16.87 25.97 58.27
C GLN A 1100 17.57 26.24 56.94
N PRO A 1101 17.00 25.85 55.82
CA PRO A 1101 17.60 26.19 54.52
C PRO A 1101 17.56 27.68 54.26
N ILE A 1102 18.55 28.16 53.50
CA ILE A 1102 18.63 29.57 53.12
C ILE A 1102 18.85 29.65 51.61
N TRP A 1103 18.03 30.46 50.94
CA TRP A 1103 18.16 30.67 49.51
C TRP A 1103 18.54 32.11 49.22
N LEU A 1104 19.22 32.32 48.09
CA LEU A 1104 19.73 33.62 47.70
C LEU A 1104 19.24 33.96 46.30
N ASP A 1105 18.85 35.22 46.13
CA ASP A 1105 18.46 35.81 44.85
C ASP A 1105 19.31 37.05 44.63
N SER A 1106 19.97 37.14 43.49
CA SER A 1106 20.95 38.18 43.22
C SER A 1106 20.59 38.94 41.95
N LYS A 1107 20.78 40.24 41.98
CA LYS A 1107 20.55 41.09 40.81
C LYS A 1107 21.75 42.00 40.61
N TYR A 1108 21.92 42.46 39.37
CA TYR A 1108 23.09 43.26 39.03
C TYR A 1108 22.96 44.66 39.63
N TRP A 1109 21.92 45.39 39.23
CA TRP A 1109 21.62 46.70 39.80
C TRP A 1109 20.12 46.81 40.10
N LYS A 1110 19.73 47.95 40.68
CA LYS A 1110 18.37 48.10 41.17
C LYS A 1110 17.34 48.16 40.04
N HIS A 1111 17.56 49.02 39.05
CA HIS A 1111 16.64 49.29 37.93
C HIS A 1111 15.19 48.91 38.20
N GLU A 1112 14.57 48.18 37.27
CA GLU A 1112 13.17 47.78 37.38
C GLU A 1112 13.11 46.26 37.33
N GLY A 1113 12.40 45.66 38.28
CA GLY A 1113 12.32 44.21 38.33
C GLY A 1113 10.91 43.70 38.51
N ASN A 1114 10.47 42.83 37.59
CA ASN A 1114 9.14 42.26 37.69
C ASN A 1114 9.12 41.23 38.81
N GLU A 1115 9.15 41.71 40.04
CA GLU A 1115 9.19 40.91 41.25
C GLU A 1115 8.16 41.43 42.25
N SER A 1116 6.94 41.61 41.77
CA SER A 1116 5.85 42.07 42.61
C SER A 1116 5.55 41.05 43.71
N SER A 1117 4.66 41.44 44.62
CA SER A 1117 4.37 40.62 45.79
C SER A 1117 3.81 39.25 45.38
N GLU A 1118 2.98 39.22 44.35
CA GLU A 1118 2.40 37.95 43.90
C GLU A 1118 3.48 36.98 43.44
N GLY A 1119 4.46 37.47 42.67
CA GLY A 1119 5.55 36.61 42.25
C GLY A 1119 6.39 36.10 43.42
N TYR A 1120 6.70 36.98 44.37
CA TYR A 1120 7.47 36.56 45.53
C TYR A 1120 6.70 35.52 46.35
N SER A 1121 5.40 35.74 46.53
CA SER A 1121 4.59 34.76 47.25
C SER A 1121 4.54 33.43 46.53
N SER A 1122 4.48 33.46 45.19
CA SER A 1122 4.51 32.21 44.43
C SER A 1122 5.83 31.49 44.61
N LYS A 1123 6.94 32.22 44.54
CA LYS A 1123 8.25 31.60 44.67
C LYS A 1123 8.42 30.98 46.06
N ILE A 1124 8.02 31.71 47.10
CA ILE A 1124 8.13 31.19 48.45
C ILE A 1124 7.23 29.98 48.64
N ALA A 1125 6.01 30.03 48.11
CA ALA A 1125 5.12 28.88 48.28
C ALA A 1125 5.65 27.65 47.57
N LEU A 1126 6.19 27.83 46.35
CA LEU A 1126 6.67 26.68 45.60
C LEU A 1126 7.96 26.12 46.18
N VAL A 1127 8.74 26.94 46.87
CA VAL A 1127 9.96 26.44 47.47
C VAL A 1127 9.67 25.78 48.81
N GLU A 1128 8.90 26.47 49.66
CA GLU A 1128 8.59 25.95 50.99
C GLU A 1128 7.68 24.73 50.93
N GLU A 1129 6.93 24.53 49.84
CA GLU A 1129 6.10 23.34 49.75
C GLU A 1129 6.95 22.08 49.75
N GLU A 1130 8.03 22.08 48.98
CA GLU A 1130 8.90 20.93 48.88
C GLU A 1130 10.09 20.98 49.82
N PHE A 1131 10.28 22.09 50.56
CA PHE A 1131 11.46 22.21 51.40
C PHE A 1131 11.17 22.81 52.77
N GLY A 1132 9.90 23.06 53.12
CA GLY A 1132 9.56 23.56 54.43
C GLY A 1132 9.99 25.01 54.61
N PRO A 1133 9.97 25.48 55.86
CA PRO A 1133 10.35 26.87 56.11
C PRO A 1133 11.82 27.12 55.75
N SER A 1134 12.10 28.35 55.33
CA SER A 1134 13.44 28.71 54.91
C SER A 1134 13.61 30.22 54.99
N LYS A 1135 14.86 30.67 54.91
CA LYS A 1135 15.20 32.08 54.86
C LYS A 1135 15.53 32.47 53.43
N PHE A 1136 15.31 33.74 53.12
CA PHE A 1136 15.55 34.25 51.77
C PHE A 1136 16.34 35.55 51.82
N ILE A 1137 17.37 35.63 50.98
CA ILE A 1137 18.21 36.81 50.82
C ILE A 1137 17.99 37.35 49.41
N TYR A 1138 17.78 38.65 49.29
CA TYR A 1138 17.56 39.32 48.01
C TYR A 1138 18.52 40.50 47.94
N VAL A 1139 19.55 40.40 47.11
CA VAL A 1139 20.62 41.39 47.10
C VAL A 1139 20.86 41.90 45.70
N ASN A 1140 21.05 43.23 45.58
CA ASN A 1140 21.53 43.81 44.33
C ASN A 1140 23.04 43.92 44.36
N ALA A 1141 23.69 43.46 43.28
CA ALA A 1141 25.14 43.45 43.23
C ALA A 1141 25.71 44.87 43.28
N LEU A 1142 25.09 45.80 42.56
CA LEU A 1142 25.57 47.17 42.47
C LEU A 1142 24.50 48.15 42.95
N GLY A 1143 24.93 49.19 43.64
CA GLY A 1143 24.01 50.17 44.17
C GLY A 1143 24.71 51.04 45.18
N ASP A 1144 23.93 51.96 45.77
CA ASP A 1144 24.47 52.90 46.74
C ASP A 1144 24.51 52.26 48.11
N THR A 1145 25.68 52.27 48.74
CA THR A 1145 25.83 51.71 50.07
C THR A 1145 25.22 52.59 51.15
N SER A 1146 24.91 53.85 50.83
CA SER A 1146 24.26 54.72 51.82
C SER A 1146 22.81 54.31 52.08
N LYS A 1147 22.17 53.66 51.11
CA LYS A 1147 20.79 53.23 51.30
C LYS A 1147 20.74 52.17 52.40
N PRO A 1148 19.67 52.14 53.19
CA PRO A 1148 19.63 51.20 54.32
C PRO A 1148 19.21 49.81 53.90
N ILE A 1149 19.83 48.82 54.54
CA ILE A 1149 19.43 47.43 54.37
C ILE A 1149 18.01 47.25 54.89
N ARG A 1150 17.23 46.40 54.21
CA ARG A 1150 15.82 46.25 54.52
C ARG A 1150 15.47 44.83 54.95
N TYR A 1151 14.37 44.74 55.71
CA TYR A 1151 13.84 43.46 56.17
C TYR A 1151 12.34 43.43 55.87
N LEU A 1152 11.91 42.47 55.05
CA LEU A 1152 10.53 42.37 54.61
C LEU A 1152 10.03 40.95 54.84
N ASN A 1153 8.72 40.81 55.01
CA ASN A 1153 8.12 39.50 55.24
C ASN A 1153 7.93 38.79 53.91
N SER A 1154 7.23 37.66 53.93
CA SER A 1154 6.98 36.88 52.73
C SER A 1154 6.03 37.55 51.74
N CYS A 1155 5.36 38.62 52.15
CA CYS A 1155 4.43 39.34 51.29
C CYS A 1155 5.00 40.66 50.78
N PHE A 1156 6.32 40.84 50.87
CA PHE A 1156 7.00 42.05 50.44
C PHE A 1156 6.39 43.28 51.12
N VAL A 1157 6.22 43.18 52.43
CA VAL A 1157 5.69 44.26 53.27
C VAL A 1157 6.71 44.53 54.38
N GLU A 1158 6.99 45.80 54.62
CA GLU A 1158 7.90 46.17 55.69
C GLU A 1158 7.35 45.71 57.05
N THR A 1159 8.24 45.19 57.88
CA THR A 1159 7.86 44.67 59.18
C THR A 1159 9.10 44.60 60.06
N SER A 1160 8.92 44.14 61.29
CA SER A 1160 10.03 44.02 62.22
C SER A 1160 10.99 42.92 61.77
N PRO A 1161 12.29 43.08 62.03
CA PRO A 1161 13.25 42.03 61.68
C PRO A 1161 12.98 40.70 62.37
N GLN A 1162 12.46 40.73 63.59
CA GLN A 1162 12.23 39.51 64.35
C GLN A 1162 11.18 38.61 63.71
N LEU A 1163 10.36 39.15 62.82
CA LEU A 1163 9.32 38.38 62.15
C LEU A 1163 9.52 38.24 60.65
N ALA A 1164 10.32 39.10 60.04
CA ALA A 1164 10.49 39.06 58.59
C ALA A 1164 11.23 37.80 58.16
N LYS A 1165 10.85 37.27 57.00
CA LYS A 1165 11.47 36.08 56.44
C LYS A 1165 12.42 36.37 55.30
N VAL A 1166 12.45 37.61 54.81
CA VAL A 1166 13.28 37.98 53.65
C VAL A 1166 14.14 39.18 54.03
N ILE A 1167 15.45 39.05 53.85
CA ILE A 1167 16.37 40.15 54.07
C ILE A 1167 16.80 40.69 52.70
N GLU A 1168 16.79 42.02 52.55
CA GLU A 1168 17.09 42.68 51.29
C GLU A 1168 18.33 43.54 51.47
N ILE A 1169 19.27 43.39 50.55
CA ILE A 1169 20.53 44.13 50.52
C ILE A 1169 20.50 45.06 49.31
N PRO A 1170 20.44 46.38 49.53
CA PRO A 1170 20.43 47.31 48.38
C PRO A 1170 21.69 47.23 47.54
N ALA A 1171 22.83 46.95 48.15
CA ALA A 1171 24.08 46.86 47.41
C ALA A 1171 25.07 46.00 48.17
N LEU A 1172 26.06 45.49 47.44
CA LEU A 1172 27.15 44.72 48.03
C LEU A 1172 28.47 45.29 47.59
N ILE A 1173 28.50 45.91 46.42
CA ILE A 1173 29.65 46.62 45.90
C ILE A 1173 29.22 48.05 45.57
N ASP A 1174 30.01 49.02 46.02
CA ASP A 1174 29.70 50.42 45.78
C ASP A 1174 30.01 50.79 44.33
N ASP A 1175 29.19 51.68 43.78
CA ASP A 1175 29.37 52.14 42.40
C ASP A 1175 30.24 53.39 42.29
N SER A 1176 30.81 53.85 43.40
CA SER A 1176 31.70 55.01 43.40
C SER A 1176 33.15 54.65 43.66
N ASN A 1177 33.42 53.65 44.49
CA ASN A 1177 34.79 53.22 44.74
C ASN A 1177 34.95 51.70 44.76
N ALA A 1178 33.90 50.94 44.52
CA ALA A 1178 33.93 49.47 44.52
C ALA A 1178 34.46 48.93 45.85
N ASP A 1179 33.77 49.33 46.92
CA ASP A 1179 34.11 48.92 48.28
C ASP A 1179 33.05 47.96 48.79
N THR A 1180 33.50 46.82 49.31
CA THR A 1180 32.58 45.81 49.82
C THR A 1180 31.81 46.34 51.03
N ASN A 1181 30.59 45.84 51.20
CA ASN A 1181 29.73 46.20 52.33
C ASN A 1181 29.98 45.22 53.47
N ARG A 1182 30.90 45.57 54.36
CA ARG A 1182 31.13 44.75 55.54
C ARG A 1182 29.96 44.83 56.52
N THR A 1183 29.28 45.98 56.57
CA THR A 1183 28.14 46.12 57.48
C THR A 1183 27.02 45.16 57.11
N ALA A 1184 26.78 45.01 55.81
CA ALA A 1184 25.72 44.12 55.35
C ALA A 1184 26.02 42.68 55.74
N VAL A 1185 27.28 42.28 55.60
CA VAL A 1185 27.69 40.94 56.02
C VAL A 1185 27.52 40.76 57.53
N GLN A 1186 27.92 41.75 58.32
CA GLN A 1186 27.71 41.64 59.76
C GLN A 1186 26.23 41.53 60.14
N GLU A 1187 25.37 42.32 59.49
CA GLU A 1187 23.93 42.19 59.72
C GLU A 1187 23.43 40.81 59.32
N LEU A 1188 23.90 40.29 58.18
CA LEU A 1188 23.45 38.97 57.75
C LEU A 1188 23.92 37.91 58.73
N ILE A 1189 25.12 38.06 59.28
CA ILE A 1189 25.63 37.11 60.26
C ILE A 1189 24.72 37.11 61.48
N LYS A 1190 24.39 38.31 61.98
CA LYS A 1190 23.54 38.41 63.16
C LYS A 1190 22.13 37.90 62.88
N TRP A 1191 21.61 38.16 61.68
CA TRP A 1191 20.29 37.66 61.29
C TRP A 1191 20.26 36.14 61.23
N LEU A 1192 21.30 35.53 60.66
CA LEU A 1192 21.33 34.09 60.55
C LEU A 1192 21.53 33.44 61.92
N HIS A 1193 22.37 34.03 62.76
CA HIS A 1193 22.62 33.49 64.09
C HIS A 1193 21.42 33.66 65.02
N HIS A 1194 20.46 34.50 64.64
CA HIS A 1194 19.27 34.76 65.46
C HIS A 1194 18.09 33.89 65.08
N SER A 1195 18.25 32.97 64.12
CA SER A 1195 17.17 32.10 63.70
C SER A 1195 16.79 31.11 64.79
N MET B 6 -34.75 12.10 -24.62
CA MET B 6 -36.17 12.32 -24.43
C MET B 6 -36.54 11.81 -23.03
N ASN B 7 -36.85 12.74 -22.12
CA ASN B 7 -37.17 12.38 -20.74
C ASN B 7 -38.52 11.68 -20.69
N VAL B 8 -38.51 10.40 -20.33
CA VAL B 8 -39.72 9.60 -20.27
C VAL B 8 -40.13 9.44 -18.81
N SER B 9 -41.38 9.76 -18.51
CA SER B 9 -41.95 9.64 -17.18
C SER B 9 -42.83 8.40 -17.11
N ILE B 10 -43.56 8.24 -16.01
CA ILE B 10 -44.49 7.13 -15.85
C ILE B 10 -45.92 7.55 -16.22
N GLU B 11 -46.09 8.78 -16.70
CA GLU B 11 -47.41 9.31 -17.03
C GLU B 11 -48.05 8.61 -18.22
N GLU B 12 -47.29 7.90 -19.04
CA GLU B 12 -47.88 7.20 -20.18
C GLU B 12 -48.31 5.78 -19.85
N PHE B 13 -48.13 5.34 -18.60
CA PHE B 13 -48.60 4.04 -18.15
C PHE B 13 -49.93 4.12 -17.41
N THR B 14 -50.54 5.30 -17.32
CA THR B 14 -51.79 5.44 -16.58
C THR B 14 -52.91 4.65 -17.23
N HIS B 15 -53.04 4.73 -18.55
CA HIS B 15 -54.08 4.02 -19.27
C HIS B 15 -53.72 2.57 -19.56
N PHE B 16 -52.51 2.14 -19.20
CA PHE B 16 -52.10 0.76 -19.42
C PHE B 16 -52.94 -0.18 -18.57
N ASP B 17 -53.41 -1.27 -19.18
CA ASP B 17 -54.23 -2.26 -18.50
C ASP B 17 -53.30 -3.31 -17.90
N PHE B 18 -53.06 -3.21 -16.60
CA PHE B 18 -52.11 -4.10 -15.92
C PHE B 18 -52.69 -5.48 -15.65
N GLN B 19 -53.99 -5.68 -15.81
CA GLN B 19 -54.60 -6.97 -15.55
C GLN B 19 -54.65 -7.86 -16.78
N LEU B 20 -54.33 -7.34 -17.96
CA LEU B 20 -54.27 -8.14 -19.18
C LEU B 20 -52.85 -8.69 -19.29
N VAL B 21 -52.69 -9.97 -19.00
CA VAL B 21 -51.38 -10.62 -18.99
C VAL B 21 -51.33 -11.69 -20.08
N PRO B 22 -50.16 -12.02 -20.60
CA PRO B 22 -50.07 -13.10 -21.60
C PRO B 22 -50.41 -14.44 -20.98
N GLU B 23 -50.61 -15.42 -21.85
CA GLU B 23 -50.97 -16.76 -21.41
C GLU B 23 -49.87 -17.35 -20.54
N PRO B 24 -50.17 -17.79 -19.32
CA PRO B 24 -49.15 -18.40 -18.46
C PRO B 24 -48.87 -19.84 -18.87
N SER B 25 -47.62 -20.10 -19.26
CA SER B 25 -47.17 -21.45 -19.57
C SER B 25 -46.97 -22.23 -18.28
N PRO B 26 -46.87 -23.57 -18.36
CA PRO B 26 -46.59 -24.35 -17.15
C PRO B 26 -45.33 -23.92 -16.42
N LEU B 27 -44.29 -23.48 -17.12
CA LEU B 27 -43.10 -22.97 -16.45
C LEU B 27 -43.41 -21.69 -15.69
N ASP B 28 -44.29 -20.85 -16.24
CA ASP B 28 -44.64 -19.62 -15.57
C ASP B 28 -45.43 -19.94 -14.30
N LEU B 29 -46.32 -20.91 -14.37
CA LEU B 29 -47.05 -21.29 -13.17
C LEU B 29 -46.13 -21.96 -12.17
N VAL B 30 -45.05 -22.58 -12.66
CA VAL B 30 -44.11 -23.23 -11.76
C VAL B 30 -43.39 -22.19 -10.92
N ILE B 31 -43.02 -21.07 -11.54
CA ILE B 31 -42.36 -20.01 -10.76
C ILE B 31 -43.37 -19.28 -9.89
N THR B 32 -44.55 -18.99 -10.44
CA THR B 32 -45.50 -18.11 -9.76
C THR B 32 -46.16 -18.79 -8.56
N GLU B 33 -46.59 -20.04 -8.72
CA GLU B 33 -47.31 -20.69 -7.63
C GLU B 33 -46.38 -20.93 -6.45
N SER B 34 -45.14 -21.34 -6.73
CA SER B 34 -44.19 -21.58 -5.65
C SER B 34 -43.84 -20.28 -4.95
N LEU B 35 -43.72 -19.18 -5.71
CA LEU B 35 -43.33 -17.95 -5.02
C LEU B 35 -44.49 -17.37 -4.23
N LYS B 36 -45.72 -17.54 -4.72
CA LYS B 36 -46.86 -17.03 -3.97
C LYS B 36 -47.11 -17.87 -2.72
N ASN B 37 -46.86 -19.18 -2.79
CA ASN B 37 -46.98 -19.99 -1.58
C ASN B 37 -45.91 -19.62 -0.57
N HIS B 38 -44.69 -19.35 -1.06
CA HIS B 38 -43.62 -18.97 -0.14
C HIS B 38 -43.97 -17.66 0.55
N ILE B 39 -44.50 -16.69 -0.20
CA ILE B 39 -44.83 -15.41 0.42
C ILE B 39 -45.98 -15.59 1.42
N GLU B 40 -47.00 -16.39 1.05
CA GLU B 40 -48.12 -16.58 1.95
C GLU B 40 -47.79 -17.45 3.16
N VAL B 41 -46.62 -18.09 3.20
CA VAL B 41 -46.25 -18.96 4.32
C VAL B 41 -45.12 -18.35 5.16
N ASN B 42 -43.95 -18.13 4.55
CA ASN B 42 -42.80 -17.62 5.28
C ASN B 42 -42.83 -16.10 5.49
N GLY B 43 -43.74 -15.39 4.86
CA GLY B 43 -43.84 -13.95 5.00
C GLY B 43 -43.27 -13.21 3.81
N VAL B 44 -43.60 -11.92 3.75
CA VAL B 44 -43.19 -11.09 2.62
C VAL B 44 -41.69 -10.82 2.64
N LYS B 45 -41.10 -10.68 3.83
CA LYS B 45 -39.70 -10.29 3.94
C LYS B 45 -38.74 -11.47 3.92
N SER B 46 -39.25 -12.70 3.85
CA SER B 46 -38.41 -13.89 3.91
C SER B 46 -37.75 -14.15 2.57
N GLY B 47 -36.52 -14.66 2.62
CA GLY B 47 -35.83 -15.08 1.42
C GLY B 47 -36.21 -16.49 1.00
N ALA B 48 -35.80 -16.84 -0.22
CA ALA B 48 -36.12 -18.16 -0.75
C ALA B 48 -35.09 -18.54 -1.80
N LEU B 49 -35.00 -19.84 -2.06
CA LEU B 49 -34.16 -20.39 -3.12
C LEU B 49 -34.98 -21.42 -3.88
N LEU B 50 -35.23 -21.17 -5.16
CA LEU B 50 -36.06 -22.03 -6.00
C LEU B 50 -35.25 -22.56 -7.17
N PRO B 51 -34.72 -23.78 -7.08
CA PRO B 51 -34.07 -24.38 -8.25
C PRO B 51 -35.09 -24.90 -9.24
N LEU B 52 -34.77 -24.78 -10.53
CA LEU B 52 -35.67 -25.17 -11.61
C LEU B 52 -34.93 -26.14 -12.51
N PRO B 53 -34.81 -27.40 -12.09
CA PRO B 53 -34.01 -28.38 -12.85
C PRO B 53 -34.81 -29.14 -13.90
N PHE B 54 -35.09 -28.47 -15.02
CA PHE B 54 -35.85 -29.05 -16.11
C PHE B 54 -34.94 -29.26 -17.31
N GLN B 55 -35.51 -29.88 -18.35
CA GLN B 55 -34.73 -30.26 -19.51
C GLN B 55 -34.10 -29.06 -20.20
N THR B 56 -32.99 -29.29 -20.86
CA THR B 56 -32.34 -28.24 -21.64
C THR B 56 -33.20 -27.85 -22.83
N GLY B 57 -33.28 -26.56 -23.10
CA GLY B 57 -34.02 -26.07 -24.25
C GLY B 57 -35.52 -26.07 -24.09
N ILE B 58 -36.03 -26.17 -22.86
CA ILE B 58 -37.47 -26.21 -22.65
C ILE B 58 -38.10 -24.82 -22.52
N GLY B 59 -37.31 -23.79 -22.21
CA GLY B 59 -37.85 -22.45 -22.10
C GLY B 59 -37.71 -21.82 -20.72
N LYS B 60 -36.67 -22.20 -19.99
CA LYS B 60 -36.50 -21.68 -18.63
C LYS B 60 -35.97 -20.25 -18.61
N THR B 61 -35.09 -19.90 -19.55
CA THR B 61 -34.60 -18.52 -19.60
C THR B 61 -35.64 -17.58 -20.20
N TYR B 62 -36.38 -18.04 -21.22
CA TYR B 62 -37.48 -17.25 -21.73
C TYR B 62 -38.51 -16.99 -20.64
N THR B 63 -38.70 -17.95 -19.74
CA THR B 63 -39.64 -17.78 -18.65
C THR B 63 -39.07 -16.88 -17.56
N ALA B 64 -37.75 -16.89 -17.39
CA ALA B 64 -37.17 -16.00 -16.38
C ALA B 64 -37.18 -14.55 -16.87
N LEU B 65 -37.09 -14.35 -18.19
CA LEU B 65 -37.15 -12.99 -18.70
C LEU B 65 -38.57 -12.48 -18.80
N ASN B 66 -39.55 -13.39 -18.96
CA ASN B 66 -40.94 -12.96 -18.83
C ASN B 66 -41.30 -12.66 -17.38
N PHE B 67 -40.71 -13.40 -16.44
CA PHE B 67 -40.91 -13.10 -15.02
C PHE B 67 -40.27 -11.77 -14.65
N LEU B 68 -39.10 -11.47 -15.21
CA LEU B 68 -38.47 -10.18 -14.97
C LEU B 68 -39.30 -9.04 -15.55
N LEU B 69 -39.88 -9.24 -16.74
CA LEU B 69 -40.73 -8.21 -17.32
C LEU B 69 -41.99 -8.00 -16.49
N GLN B 70 -42.54 -9.08 -15.93
CA GLN B 70 -43.72 -8.91 -15.08
C GLN B 70 -43.38 -8.25 -13.76
N GLN B 71 -42.15 -8.44 -13.26
CA GLN B 71 -41.73 -7.72 -12.06
C GLN B 71 -41.57 -6.23 -12.35
N MET B 72 -41.05 -5.91 -13.53
CA MET B 72 -40.92 -4.50 -13.92
C MET B 72 -42.30 -3.85 -14.04
N LEU B 73 -43.26 -4.57 -14.61
CA LEU B 73 -44.60 -4.02 -14.74
C LEU B 73 -45.26 -3.86 -13.37
N GLU B 74 -45.02 -4.79 -12.45
CA GLU B 74 -45.57 -4.66 -11.12
C GLU B 74 -44.98 -3.46 -10.40
N GLN B 75 -43.69 -3.22 -10.59
CA GLN B 75 -43.06 -2.06 -9.98
C GLN B 75 -43.63 -0.76 -10.56
N VAL B 76 -43.87 -0.74 -11.87
CA VAL B 76 -44.45 0.46 -12.48
C VAL B 76 -45.85 0.70 -11.92
N ARG B 77 -46.63 -0.37 -11.75
CA ARG B 77 -47.95 -0.22 -11.15
C ARG B 77 -47.85 0.31 -9.72
N SER B 78 -46.84 -0.16 -8.98
CA SER B 78 -46.67 0.31 -7.61
C SER B 78 -46.37 1.81 -7.57
N GLU B 79 -45.52 2.28 -8.49
CA GLU B 79 -45.20 3.70 -8.50
C GLU B 79 -46.39 4.54 -8.99
N LEU B 80 -47.20 3.99 -9.90
CA LEU B 80 -48.42 4.67 -10.30
C LEU B 80 -49.40 4.80 -9.14
N LYS B 81 -49.58 3.74 -8.36
CA LYS B 81 -50.50 3.80 -7.22
C LYS B 81 -50.01 4.78 -6.16
N GLU B 82 -48.72 4.81 -5.89
CA GLU B 82 -48.18 5.72 -4.88
C GLU B 82 -48.10 7.15 -5.42
N LYS B 88 -41.38 5.26 -2.11
CA LYS B 88 -40.66 4.01 -1.81
C LYS B 88 -39.44 3.86 -2.72
N SER B 89 -38.53 2.99 -2.33
CA SER B 89 -37.34 2.68 -3.12
C SER B 89 -37.63 1.57 -4.11
N LYS B 90 -36.80 1.50 -5.15
CA LYS B 90 -37.00 0.52 -6.20
C LYS B 90 -36.54 -0.86 -5.75
N ARG B 91 -37.30 -1.88 -6.16
CA ARG B 91 -36.91 -3.25 -5.92
C ARG B 91 -35.89 -3.68 -6.96
N LEU B 92 -34.74 -4.18 -6.51
CA LEU B 92 -33.63 -4.49 -7.38
C LEU B 92 -33.75 -5.90 -7.95
N LEU B 93 -33.67 -6.00 -9.27
CA LEU B 93 -33.67 -7.28 -9.97
C LEU B 93 -32.31 -7.49 -10.62
N TYR B 94 -31.70 -8.63 -10.34
CA TYR B 94 -30.40 -8.97 -10.92
C TYR B 94 -30.56 -10.18 -11.82
N TYR B 95 -29.90 -10.14 -12.98
CA TYR B 95 -29.69 -11.31 -13.80
C TYR B 95 -28.19 -11.61 -13.84
N VAL B 96 -27.82 -12.78 -13.34
CA VAL B 96 -26.42 -13.15 -13.16
C VAL B 96 -26.19 -14.49 -13.84
N THR B 97 -25.11 -14.57 -14.62
CA THR B 97 -24.59 -15.83 -15.13
C THR B 97 -23.07 -15.68 -15.21
N ASP B 98 -22.38 -16.80 -15.44
CA ASP B 98 -20.93 -16.79 -15.32
C ASP B 98 -20.22 -16.23 -16.55
N SER B 99 -20.84 -16.27 -17.72
CA SER B 99 -20.19 -15.89 -18.96
C SER B 99 -20.77 -14.58 -19.49
N VAL B 100 -19.89 -13.76 -20.10
CA VAL B 100 -20.31 -12.47 -20.62
C VAL B 100 -21.26 -12.63 -21.80
N ASP B 101 -21.02 -13.66 -22.61
CA ASP B 101 -21.85 -13.86 -23.80
C ASP B 101 -23.29 -14.16 -23.40
N ASN B 102 -23.48 -14.90 -22.31
CA ASN B 102 -24.85 -15.21 -21.90
C ASN B 102 -25.51 -13.99 -21.28
N VAL B 103 -24.72 -13.10 -20.68
CA VAL B 103 -25.28 -11.85 -20.15
C VAL B 103 -25.81 -10.99 -21.28
N VAL B 104 -24.99 -10.80 -22.32
CA VAL B 104 -25.42 -9.91 -23.39
C VAL B 104 -26.52 -10.55 -24.23
N SER B 105 -26.50 -11.88 -24.36
CA SER B 105 -27.58 -12.55 -25.09
C SER B 105 -28.90 -12.46 -24.32
N ALA B 106 -28.85 -12.58 -23.00
CA ALA B 106 -30.09 -12.47 -22.23
C ALA B 106 -30.61 -11.04 -22.22
N LYS B 107 -29.71 -10.05 -22.20
CA LYS B 107 -30.17 -8.67 -22.25
C LYS B 107 -30.82 -8.38 -23.60
N ALA B 108 -30.21 -8.85 -24.69
CA ALA B 108 -30.82 -8.63 -26.00
C ALA B 108 -32.12 -9.42 -26.15
N ASP B 109 -32.25 -10.54 -25.44
CA ASP B 109 -33.49 -11.30 -25.50
C ASP B 109 -34.60 -10.60 -24.73
N LEU B 110 -34.26 -9.95 -23.62
CA LEU B 110 -35.27 -9.19 -22.89
C LEU B 110 -35.70 -7.97 -23.68
N LEU B 111 -34.75 -7.28 -24.32
CA LEU B 111 -35.13 -6.15 -25.15
C LEU B 111 -35.99 -6.57 -26.34
N LYS B 112 -35.67 -7.71 -26.95
CA LYS B 112 -36.53 -8.26 -28.00
C LYS B 112 -37.90 -8.64 -27.46
N LEU B 113 -37.97 -9.07 -26.19
CA LEU B 113 -39.26 -9.39 -25.59
C LEU B 113 -40.10 -8.13 -25.44
N ILE B 114 -39.47 -7.03 -24.98
CA ILE B 114 -40.19 -5.79 -24.82
C ILE B 114 -40.66 -5.27 -26.18
N GLU B 115 -39.79 -5.34 -27.19
CA GLU B 115 -40.13 -4.79 -28.49
C GLU B 115 -41.23 -5.59 -29.18
N LYS B 116 -41.10 -6.91 -29.23
CA LYS B 116 -41.90 -7.74 -30.12
C LYS B 116 -43.02 -8.50 -29.42
N GLN B 117 -43.32 -8.17 -28.17
CA GLN B 117 -44.44 -8.81 -27.48
C GLN B 117 -45.75 -8.19 -27.95
N THR B 118 -46.65 -9.01 -28.47
CA THR B 118 -47.94 -8.58 -28.96
C THR B 118 -49.05 -9.34 -28.24
N VAL B 119 -50.10 -8.62 -27.85
CA VAL B 119 -51.26 -9.22 -27.19
C VAL B 119 -52.43 -9.11 -28.15
N LYS B 120 -52.92 -10.26 -28.61
CA LYS B 120 -54.12 -10.34 -29.44
C LYS B 120 -54.00 -9.49 -30.71
N GLY B 121 -52.89 -9.66 -31.41
CA GLY B 121 -52.70 -9.02 -32.70
C GLY B 121 -52.20 -7.60 -32.67
N GLU B 122 -51.94 -7.04 -31.49
CA GLU B 122 -51.46 -5.67 -31.39
C GLU B 122 -50.29 -5.61 -30.42
N PRO B 123 -49.30 -4.75 -30.66
CA PRO B 123 -48.17 -4.65 -29.74
C PRO B 123 -48.62 -4.31 -28.34
N ARG B 124 -47.95 -4.92 -27.36
CA ARG B 124 -48.33 -4.71 -25.97
C ARG B 124 -47.97 -3.31 -25.48
N PHE B 125 -46.79 -2.81 -25.86
CA PHE B 125 -46.27 -1.56 -25.37
C PHE B 125 -46.08 -0.57 -26.51
N THR B 126 -46.54 0.67 -26.31
CA THR B 126 -46.29 1.72 -27.28
C THR B 126 -44.80 2.08 -27.27
N LEU B 127 -44.41 2.92 -28.24
CA LEU B 127 -42.98 3.24 -28.39
C LEU B 127 -42.44 3.97 -27.18
N GLU B 128 -43.25 4.83 -26.55
CA GLU B 128 -42.80 5.54 -25.36
C GLU B 128 -42.73 4.59 -24.16
N GLN B 129 -43.70 3.67 -24.05
CA GLN B 129 -43.63 2.67 -23.00
C GLN B 129 -42.43 1.76 -23.19
N GLN B 130 -42.16 1.38 -24.44
CA GLN B 130 -40.98 0.57 -24.73
C GLN B 130 -39.70 1.31 -24.38
N GLU B 131 -39.65 2.62 -24.65
CA GLU B 131 -38.43 3.37 -24.38
C GLU B 131 -38.22 3.55 -22.88
N TYR B 132 -39.30 3.69 -22.11
CA TYR B 132 -39.17 3.78 -20.66
C TYR B 132 -38.70 2.44 -20.10
N LEU B 133 -39.32 1.35 -20.56
CA LEU B 133 -38.97 0.04 -20.03
C LEU B 133 -37.51 -0.28 -20.36
N LYS B 134 -37.07 0.07 -21.58
CA LYS B 134 -35.68 -0.16 -21.92
C LYS B 134 -34.77 0.72 -21.08
N ALA B 135 -35.26 1.90 -20.68
CA ALA B 135 -34.44 2.78 -19.85
C ALA B 135 -34.29 2.23 -18.44
N GLN B 136 -35.13 1.26 -18.06
CA GLN B 136 -35.03 0.68 -16.72
C GLN B 136 -34.00 -0.42 -16.60
N ILE B 137 -33.42 -0.91 -17.70
CA ILE B 137 -32.49 -2.02 -17.70
C ILE B 137 -31.08 -1.50 -17.95
N VAL B 138 -30.12 -1.92 -17.12
CA VAL B 138 -28.72 -1.59 -17.31
C VAL B 138 -27.90 -2.87 -17.44
N HIS B 139 -26.69 -2.70 -17.96
CA HIS B 139 -25.70 -3.77 -18.11
C HIS B 139 -24.37 -3.27 -17.56
N LEU B 140 -23.74 -4.08 -16.71
CA LEU B 140 -22.55 -3.68 -15.97
C LEU B 140 -21.37 -4.56 -16.35
N PRO B 141 -20.57 -4.15 -17.35
CA PRO B 141 -19.41 -4.95 -17.73
C PRO B 141 -18.16 -4.58 -16.93
N ASN B 142 -17.03 -5.18 -17.27
CA ASN B 142 -15.78 -4.81 -16.62
C ASN B 142 -15.43 -3.36 -16.95
N GLN B 143 -14.49 -2.81 -16.18
CA GLN B 143 -14.21 -1.38 -16.26
C GLN B 143 -13.52 -1.01 -17.57
N SER B 144 -12.77 -1.95 -18.17
CA SER B 144 -12.18 -1.68 -19.47
C SER B 144 -13.25 -1.61 -20.55
N GLU B 145 -14.25 -2.49 -20.46
CA GLU B 145 -15.32 -2.46 -21.45
C GLU B 145 -16.23 -1.25 -21.22
N GLN B 146 -16.38 -0.84 -19.96
CA GLN B 146 -17.23 0.31 -19.69
C GLN B 146 -16.59 1.59 -20.18
N LEU B 147 -15.26 1.71 -20.04
CA LEU B 147 -14.59 2.91 -20.52
C LEU B 147 -14.48 2.91 -22.05
N LEU B 148 -14.15 1.77 -22.65
CA LEU B 148 -13.91 1.73 -24.09
C LEU B 148 -15.18 1.84 -24.92
N GLN B 149 -16.35 1.65 -24.32
CA GLN B 149 -17.60 1.68 -25.08
C GLN B 149 -18.28 3.04 -25.09
N CYS B 150 -17.73 4.02 -24.38
CA CYS B 150 -18.30 5.36 -24.32
C CYS B 150 -17.39 6.35 -25.02
N SER B 151 -17.99 7.27 -25.77
CA SER B 151 -17.28 8.05 -26.76
C SER B 151 -16.39 9.12 -26.12
N ASP B 152 -15.59 9.76 -26.97
CA ASP B 152 -14.67 10.80 -26.50
C ASP B 152 -15.42 12.05 -26.05
N ALA B 153 -16.61 12.29 -26.62
CA ALA B 153 -17.41 13.42 -26.17
C ALA B 153 -17.89 13.21 -24.74
N VAL B 154 -18.21 11.96 -24.37
CA VAL B 154 -18.64 11.68 -23.01
C VAL B 154 -17.52 11.95 -22.02
N LEU B 155 -16.30 11.50 -22.35
CA LEU B 155 -15.17 11.73 -21.46
C LEU B 155 -14.84 13.21 -21.35
N ASN B 156 -14.83 13.94 -22.47
CA ASN B 156 -14.53 15.35 -22.39
C ASN B 156 -15.60 16.12 -21.62
N ASP B 157 -16.87 15.72 -21.77
CA ASP B 157 -17.94 16.30 -20.98
C ASP B 157 -17.75 16.04 -19.50
N VAL B 158 -17.35 14.82 -19.14
CA VAL B 158 -17.19 14.49 -17.73
C VAL B 158 -16.00 15.24 -17.14
N LEU B 159 -14.88 15.28 -17.88
CA LEU B 159 -13.69 15.96 -17.39
C LEU B 159 -13.93 17.47 -17.24
N ILE B 160 -14.63 18.07 -18.19
CA ILE B 160 -14.93 19.49 -18.08
C ILE B 160 -15.92 19.75 -16.94
N GLY B 161 -16.97 18.94 -16.84
CA GLY B 161 -17.98 19.16 -15.82
C GLY B 161 -17.45 18.99 -14.41
N PHE B 162 -16.55 18.03 -14.22
CA PHE B 162 -15.97 17.80 -12.91
C PHE B 162 -14.64 18.52 -12.71
N ASN B 163 -14.17 19.27 -13.71
CA ASN B 163 -12.94 20.06 -13.63
C ASN B 163 -11.75 19.18 -13.27
N LEU B 164 -11.47 18.21 -14.15
CA LEU B 164 -10.37 17.27 -13.94
C LEU B 164 -9.26 17.41 -14.97
N ASN B 165 -9.49 18.11 -16.09
CA ASN B 165 -8.43 18.34 -17.06
C ASN B 165 -7.35 19.26 -16.54
N ALA B 166 -7.61 19.98 -15.44
CA ALA B 166 -6.56 20.79 -14.82
C ALA B 166 -5.43 19.93 -14.28
N GLU B 167 -5.76 18.75 -13.77
CA GLU B 167 -4.76 17.84 -13.26
C GLU B 167 -3.88 17.32 -14.40
N ARG B 168 -2.59 17.10 -14.09
CA ARG B 168 -1.63 16.76 -15.14
C ARG B 168 -1.64 15.27 -15.47
N ASP B 169 -1.66 14.41 -14.45
CA ASP B 169 -1.61 12.98 -14.71
C ASP B 169 -2.87 12.50 -15.41
N VAL B 170 -4.02 13.07 -15.05
CA VAL B 170 -5.28 12.65 -15.64
C VAL B 170 -5.30 12.98 -17.12
N GLN B 171 -4.90 14.19 -17.48
CA GLN B 171 -4.89 14.57 -18.88
C GLN B 171 -3.83 13.82 -19.67
N ALA B 172 -2.68 13.53 -19.05
CA ALA B 172 -1.67 12.73 -19.74
C ALA B 172 -2.18 11.32 -20.02
N GLU B 173 -2.87 10.72 -19.05
CA GLU B 173 -3.39 9.37 -19.25
C GLU B 173 -4.52 9.37 -20.26
N TRP B 174 -5.39 10.38 -20.23
CA TRP B 174 -6.49 10.40 -21.17
C TRP B 174 -5.99 10.66 -22.59
N SER B 175 -4.96 11.50 -22.74
CA SER B 175 -4.40 11.73 -24.07
C SER B 175 -3.75 10.46 -24.60
N ALA B 176 -3.08 9.71 -23.72
CA ALA B 176 -2.51 8.42 -24.15
C ALA B 176 -3.61 7.45 -24.56
N ILE B 177 -4.71 7.43 -23.81
CA ILE B 177 -5.80 6.51 -24.12
C ILE B 177 -6.42 6.85 -25.47
N SER B 178 -6.72 8.13 -25.69
CA SER B 178 -7.33 8.53 -26.96
C SER B 178 -6.38 8.27 -28.13
N GLY B 179 -5.09 8.51 -27.94
CA GLY B 179 -4.15 8.22 -29.00
C GLY B 179 -4.06 6.75 -29.32
N LEU B 180 -4.00 5.90 -28.29
CA LEU B 180 -3.89 4.47 -28.53
C LEU B 180 -5.17 3.93 -29.18
N ARG B 181 -6.33 4.42 -28.74
CA ARG B 181 -7.58 3.93 -29.29
C ARG B 181 -7.89 4.49 -30.67
N ARG B 182 -7.19 5.54 -31.10
CA ARG B 182 -7.42 6.03 -32.46
C ARG B 182 -6.88 5.06 -33.50
N HIS B 183 -5.65 4.57 -33.30
CA HIS B 183 -5.07 3.56 -34.19
C HIS B 183 -5.33 2.15 -33.64
N ALA B 184 -6.61 1.85 -33.44
CA ALA B 184 -7.02 0.59 -32.84
C ALA B 184 -7.31 -0.51 -33.87
N SER B 185 -7.04 -0.25 -35.15
CA SER B 185 -7.30 -1.25 -36.18
C SER B 185 -6.44 -2.49 -35.97
N ASN B 186 -5.18 -2.30 -35.61
CA ASN B 186 -4.29 -3.42 -35.38
C ASN B 186 -4.78 -4.26 -34.21
N PRO B 187 -4.66 -5.58 -34.25
CA PRO B 187 -5.20 -6.41 -33.17
C PRO B 187 -4.29 -6.60 -31.96
N GLU B 188 -3.05 -6.11 -31.98
CA GLU B 188 -2.19 -6.13 -30.80
C GLU B 188 -2.24 -4.81 -30.05
N VAL B 189 -2.78 -3.75 -30.65
CA VAL B 189 -3.07 -2.53 -29.92
C VAL B 189 -4.24 -2.74 -28.98
N LYS B 190 -5.22 -3.58 -29.36
CA LYS B 190 -6.39 -3.81 -28.52
C LYS B 190 -5.97 -4.37 -27.17
N ILE B 191 -5.09 -5.36 -27.16
CA ILE B 191 -4.40 -5.72 -25.92
C ILE B 191 -3.42 -4.60 -25.59
N SER B 192 -3.30 -4.27 -24.31
CA SER B 192 -2.59 -3.12 -23.76
C SER B 192 -3.40 -1.84 -23.96
N LEU B 193 -4.53 -1.90 -24.64
CA LEU B 193 -5.52 -0.83 -24.56
C LEU B 193 -6.59 -1.14 -23.50
N ASN B 194 -6.95 -2.41 -23.33
CA ASN B 194 -7.82 -2.80 -22.24
C ASN B 194 -7.16 -2.57 -20.88
N ARG B 195 -5.86 -2.88 -20.78
CA ARG B 195 -5.15 -2.68 -19.52
C ARG B 195 -5.13 -1.21 -19.13
N GLN B 196 -4.83 -0.34 -20.10
CA GLN B 196 -4.75 1.07 -19.79
C GLN B 196 -6.14 1.65 -19.59
N ALA B 197 -7.14 1.09 -20.27
CA ALA B 197 -8.50 1.57 -20.07
C ALA B 197 -8.97 1.24 -18.67
N GLY B 198 -8.61 0.07 -18.15
CA GLY B 198 -8.99 -0.27 -16.80
C GLY B 198 -8.28 0.58 -15.76
N TYR B 199 -6.98 0.82 -15.95
CA TYR B 199 -6.26 1.65 -14.98
C TYR B 199 -6.75 3.09 -15.00
N PHE B 200 -7.00 3.63 -16.19
CA PHE B 200 -7.54 4.99 -16.28
C PHE B 200 -8.93 5.06 -15.67
N TYR B 201 -9.77 4.04 -15.88
CA TYR B 201 -11.10 4.05 -15.29
C TYR B 201 -11.01 4.04 -13.77
N ARG B 202 -10.08 3.25 -13.23
CA ARG B 202 -9.83 3.28 -11.78
C ARG B 202 -9.52 4.68 -11.31
N ASN B 203 -8.55 5.33 -11.95
CA ASN B 203 -8.10 6.64 -11.47
C ASN B 203 -9.21 7.68 -11.60
N LEU B 204 -9.85 7.73 -12.76
CA LEU B 204 -10.88 8.73 -13.00
C LEU B 204 -12.05 8.55 -12.04
N ILE B 205 -12.47 7.32 -11.79
CA ILE B 205 -13.58 7.12 -10.86
C ILE B 205 -13.16 7.43 -9.43
N ASP B 206 -11.89 7.15 -9.07
CA ASP B 206 -11.44 7.45 -7.73
C ASP B 206 -11.47 8.95 -7.47
N ARG B 207 -11.03 9.75 -8.43
CA ARG B 207 -11.06 11.19 -8.24
C ARG B 207 -12.48 11.74 -8.36
N LEU B 208 -13.32 11.16 -9.22
CA LEU B 208 -14.69 11.60 -9.31
C LEU B 208 -15.43 11.37 -8.01
N GLN B 209 -15.19 10.23 -7.36
CA GLN B 209 -15.83 9.95 -6.07
C GLN B 209 -15.29 10.82 -4.97
N LYS B 210 -13.96 11.07 -4.98
CA LYS B 210 -13.38 11.94 -3.97
C LYS B 210 -13.94 13.35 -4.09
N LYS B 211 -14.11 13.84 -5.32
CA LYS B 211 -14.72 15.15 -5.51
C LYS B 211 -16.18 15.15 -5.07
N GLN B 212 -16.92 14.07 -5.37
CA GLN B 212 -18.34 14.06 -5.09
C GLN B 212 -18.65 13.87 -3.61
N LYS B 213 -17.69 13.41 -2.82
CA LYS B 213 -17.95 13.17 -1.41
C LYS B 213 -17.69 14.39 -0.54
N GLY B 214 -16.90 15.35 -1.02
CA GLY B 214 -16.57 16.53 -0.26
C GLY B 214 -17.65 17.60 -0.31
N ALA B 215 -17.32 18.75 0.28
CA ALA B 215 -18.25 19.88 0.29
C ALA B 215 -18.40 20.50 -1.10
N ASP B 216 -17.39 20.36 -1.95
CA ASP B 216 -17.46 20.85 -3.33
C ASP B 216 -18.09 19.82 -4.26
N ARG B 217 -19.28 19.35 -3.88
CA ARG B 217 -19.99 18.33 -4.64
C ARG B 217 -20.69 18.97 -5.82
N VAL B 218 -20.38 18.49 -7.03
CA VAL B 218 -20.95 19.05 -8.25
C VAL B 218 -22.43 18.69 -8.34
N LEU B 219 -23.21 19.55 -8.97
CA LEU B 219 -24.61 19.27 -9.25
C LEU B 219 -24.71 18.62 -10.63
N LEU B 220 -25.36 17.46 -10.68
CA LEU B 220 -25.46 16.67 -11.90
C LEU B 220 -26.86 16.74 -12.47
N SER B 221 -26.96 17.24 -13.70
CA SER B 221 -28.24 17.30 -14.40
C SER B 221 -27.95 17.54 -15.88
N GLY B 222 -28.96 17.27 -16.70
CA GLY B 222 -28.85 17.54 -18.13
C GLY B 222 -27.79 16.69 -18.80
N SER B 223 -26.89 17.36 -19.54
CA SER B 223 -25.88 16.65 -20.31
C SER B 223 -24.84 16.03 -19.39
N LEU B 224 -24.49 16.70 -18.30
CA LEU B 224 -23.48 16.14 -17.40
C LEU B 224 -24.02 14.89 -16.72
N LEU B 225 -25.31 14.91 -16.34
CA LEU B 225 -25.91 13.72 -15.74
C LEU B 225 -25.98 12.60 -16.76
N ALA B 226 -26.39 12.88 -17.99
CA ALA B 226 -26.46 11.81 -18.98
C ALA B 226 -25.08 11.25 -19.30
N SER B 227 -24.04 12.08 -19.24
CA SER B 227 -22.70 11.59 -19.54
C SER B 227 -22.13 10.79 -18.38
N VAL B 228 -22.47 11.15 -17.15
CA VAL B 228 -21.91 10.39 -16.03
C VAL B 228 -22.73 9.14 -15.78
N GLU B 229 -23.99 9.12 -16.23
CA GLU B 229 -24.76 7.88 -16.20
C GLU B 229 -24.33 6.95 -17.31
N THR B 230 -23.83 7.50 -18.42
CA THR B 230 -23.25 6.66 -19.46
C THR B 230 -21.92 6.08 -19.02
N LEU B 231 -21.11 6.88 -18.32
CA LEU B 231 -19.82 6.38 -17.85
C LEU B 231 -19.95 5.47 -16.64
N LEU B 232 -20.94 5.70 -15.79
CA LEU B 232 -21.19 4.91 -14.58
C LEU B 232 -22.62 4.40 -14.61
N PRO B 233 -22.85 3.20 -15.16
CA PRO B 233 -24.22 2.66 -15.17
C PRO B 233 -24.79 2.41 -13.78
N GLY B 234 -23.94 2.21 -12.77
CA GLY B 234 -24.45 2.06 -11.42
C GLY B 234 -24.95 3.35 -10.79
N GLU B 235 -24.61 4.49 -11.39
CA GLU B 235 -25.19 5.76 -10.95
C GLU B 235 -26.68 5.82 -11.27
N LYS B 236 -27.10 5.13 -12.34
CA LYS B 236 -28.53 5.06 -12.64
C LYS B 236 -29.27 4.26 -11.58
N ILE B 237 -28.63 3.22 -11.04
CA ILE B 237 -29.23 2.44 -9.98
C ILE B 237 -29.24 3.22 -8.68
N ARG B 238 -28.16 3.96 -8.41
CA ARG B 238 -28.06 4.70 -7.15
C ARG B 238 -29.14 5.78 -7.03
N ASN B 239 -29.41 6.49 -8.13
CA ASN B 239 -30.35 7.59 -8.09
C ASN B 239 -31.78 7.17 -8.43
N GLY B 240 -32.03 5.89 -8.65
CA GLY B 240 -33.38 5.40 -8.84
C GLY B 240 -33.89 5.41 -10.26
N SER B 241 -33.03 5.63 -11.25
CA SER B 241 -33.50 5.62 -12.63
C SER B 241 -33.72 4.20 -13.15
N ALA B 242 -32.93 3.24 -12.68
CA ALA B 242 -33.02 1.85 -13.13
C ALA B 242 -33.03 0.94 -11.93
N HIS B 243 -33.68 -0.22 -12.08
CA HIS B 243 -33.66 -1.23 -11.03
C HIS B 243 -33.47 -2.65 -11.57
N VAL B 244 -33.09 -2.80 -12.83
CA VAL B 244 -32.79 -4.10 -13.41
C VAL B 244 -31.35 -4.08 -13.89
N ALA B 245 -30.55 -5.04 -13.44
CA ALA B 245 -29.14 -5.10 -13.76
C ALA B 245 -28.81 -6.45 -14.39
N PHE B 246 -28.01 -6.42 -15.45
CA PHE B 246 -27.48 -7.63 -16.07
C PHE B 246 -25.97 -7.64 -15.88
N LEU B 247 -25.44 -8.71 -15.29
CA LEU B 247 -24.01 -8.75 -15.01
C LEU B 247 -23.58 -10.19 -14.76
N THR B 248 -22.27 -10.37 -14.64
CA THR B 248 -21.71 -11.69 -14.37
C THR B 248 -21.63 -11.95 -12.87
N THR B 249 -21.32 -13.21 -12.54
CA THR B 249 -21.15 -13.58 -11.14
C THR B 249 -19.94 -12.89 -10.51
N SER B 250 -18.82 -12.82 -11.22
CA SER B 250 -17.63 -12.17 -10.66
C SER B 250 -17.85 -10.67 -10.48
N LYS B 251 -18.55 -10.05 -11.43
CA LYS B 251 -18.91 -8.64 -11.26
C LYS B 251 -19.87 -8.46 -10.09
N PHE B 252 -20.79 -9.42 -9.90
CA PHE B 252 -21.72 -9.34 -8.79
C PHE B 252 -21.00 -9.50 -7.46
N LEU B 253 -19.94 -10.30 -7.43
CA LEU B 253 -19.17 -10.51 -6.21
C LEU B 253 -18.19 -9.39 -5.95
N LYS B 254 -17.88 -8.57 -6.96
CA LYS B 254 -17.01 -7.42 -6.76
C LYS B 254 -17.78 -6.12 -6.59
N GLY B 255 -19.01 -6.04 -7.10
CA GLY B 255 -19.78 -4.81 -7.04
C GLY B 255 -19.39 -3.86 -8.14
N PHE B 256 -20.08 -2.72 -8.16
CA PHE B 256 -19.85 -1.70 -9.17
C PHE B 256 -19.76 -0.34 -8.52
N HIS B 257 -19.53 0.68 -9.33
CA HIS B 257 -19.26 2.03 -8.88
C HIS B 257 -20.43 2.95 -9.20
N ASN B 258 -20.74 3.85 -8.28
CA ASN B 258 -21.55 5.03 -8.56
C ASN B 258 -20.71 6.26 -8.23
N THR B 259 -21.35 7.43 -8.30
CA THR B 259 -20.61 8.67 -8.06
C THR B 259 -20.14 8.81 -6.61
N ARG B 260 -20.74 8.08 -5.68
CA ARG B 260 -20.40 8.21 -4.27
C ARG B 260 -19.34 7.21 -3.82
N SER B 261 -19.56 5.93 -4.07
CA SER B 261 -18.65 4.89 -3.62
C SER B 261 -18.86 3.64 -4.48
N ARG B 262 -18.27 2.53 -4.06
CA ARG B 262 -18.48 1.25 -4.70
C ARG B 262 -19.63 0.52 -4.01
N TYR B 263 -20.62 0.12 -4.80
CA TYR B 263 -21.82 -0.53 -4.28
C TYR B 263 -21.62 -2.03 -4.30
N SER B 264 -21.71 -2.66 -3.14
CA SER B 264 -21.60 -4.12 -3.04
C SER B 264 -22.99 -4.70 -2.93
N PRO B 265 -23.47 -5.44 -3.94
CA PRO B 265 -24.84 -5.98 -3.87
C PRO B 265 -25.04 -7.01 -2.78
N LEU B 266 -23.97 -7.62 -2.26
CA LEU B 266 -24.11 -8.65 -1.24
C LEU B 266 -24.47 -8.09 0.12
N ARG B 267 -24.25 -6.79 0.34
CA ARG B 267 -24.59 -6.15 1.60
C ARG B 267 -26.00 -5.59 1.63
N ASP B 268 -26.71 -5.60 0.50
CA ASP B 268 -28.03 -4.97 0.38
C ASP B 268 -28.98 -5.91 -0.34
N LEU B 269 -29.02 -7.17 0.09
CA LEU B 269 -29.80 -8.20 -0.59
C LEU B 269 -31.21 -8.34 -0.05
N SER B 270 -31.59 -7.57 0.96
CA SER B 270 -32.91 -7.72 1.56
C SER B 270 -33.99 -7.25 0.59
N GLY B 271 -34.84 -8.18 0.16
CA GLY B 271 -35.91 -7.87 -0.76
C GLY B 271 -35.56 -7.99 -2.23
N ALA B 272 -34.29 -8.17 -2.56
CA ALA B 272 -33.88 -8.26 -3.95
C ALA B 272 -34.32 -9.59 -4.57
N VAL B 273 -34.40 -9.59 -5.89
CA VAL B 273 -34.66 -10.80 -6.67
C VAL B 273 -33.46 -11.08 -7.54
N LEU B 274 -32.88 -12.27 -7.39
CA LEU B 274 -31.74 -12.73 -8.16
C LEU B 274 -32.19 -13.84 -9.09
N ILE B 275 -31.83 -13.74 -10.36
CA ILE B 275 -32.02 -14.82 -11.32
C ILE B 275 -30.62 -15.29 -11.71
N ILE B 276 -30.21 -16.42 -11.15
CA ILE B 276 -28.89 -16.99 -11.42
C ILE B 276 -29.06 -18.12 -12.42
N ASP B 277 -28.58 -17.89 -13.64
CA ASP B 277 -28.70 -18.87 -14.70
C ASP B 277 -27.47 -19.77 -14.68
N GLU B 278 -27.69 -21.07 -14.81
CA GLU B 278 -26.65 -22.08 -14.64
C GLU B 278 -26.01 -21.92 -13.26
N ILE B 279 -26.84 -22.12 -12.23
CA ILE B 279 -26.41 -21.83 -10.87
C ILE B 279 -25.29 -22.75 -10.43
N ASP B 280 -25.26 -23.97 -10.96
CA ASP B 280 -24.25 -24.93 -10.52
C ASP B 280 -22.85 -24.50 -10.92
N LYS B 281 -22.70 -23.87 -12.09
CA LYS B 281 -21.38 -23.43 -12.49
C LYS B 281 -20.91 -22.24 -11.68
N GLN B 282 -21.81 -21.61 -10.92
CA GLN B 282 -21.39 -20.50 -10.08
C GLN B 282 -20.68 -21.00 -8.84
N ASN B 283 -20.81 -22.29 -8.52
CA ASN B 283 -20.09 -22.84 -7.38
C ASN B 283 -18.60 -22.61 -7.52
N GLN B 284 -18.06 -22.88 -8.70
CA GLN B 284 -16.63 -22.69 -8.88
C GLN B 284 -16.27 -21.21 -9.00
N VAL B 285 -17.17 -20.39 -9.55
CA VAL B 285 -16.85 -18.98 -9.69
C VAL B 285 -16.73 -18.33 -8.33
N ILE B 286 -17.67 -18.63 -7.43
CA ILE B 286 -17.59 -18.06 -6.10
C ILE B 286 -16.35 -18.59 -5.41
N LEU B 287 -16.02 -19.86 -5.64
CA LEU B 287 -14.83 -20.42 -5.02
C LEU B 287 -13.60 -19.67 -5.50
N SER B 288 -13.54 -19.36 -6.79
CA SER B 288 -12.37 -18.67 -7.31
C SER B 288 -12.21 -17.30 -6.67
N GLU B 289 -13.31 -16.70 -6.19
CA GLU B 289 -13.19 -15.42 -5.50
C GLU B 289 -12.76 -15.60 -4.05
N LEU B 290 -13.23 -16.68 -3.40
CA LEU B 290 -12.89 -16.87 -1.99
C LEU B 290 -11.41 -17.15 -1.81
N CYS B 291 -10.78 -17.75 -2.81
CA CYS B 291 -9.37 -18.09 -2.73
C CYS B 291 -8.48 -16.90 -3.04
N LYS B 292 -9.03 -15.77 -3.47
CA LYS B 292 -8.21 -14.62 -3.79
C LYS B 292 -7.90 -13.74 -2.58
N GLN B 293 -8.33 -14.13 -1.38
CA GLN B 293 -8.14 -13.31 -0.20
C GLN B 293 -6.66 -13.20 0.15
N GLN B 294 -6.31 -12.10 0.80
CA GLN B 294 -4.91 -11.81 1.12
C GLN B 294 -4.49 -12.51 2.41
N ALA B 295 -3.29 -13.06 2.41
CA ALA B 295 -2.74 -13.69 3.61
C ALA B 295 -2.42 -12.65 4.66
N GLN B 296 -2.51 -13.05 5.92
CA GLN B 296 -2.27 -12.18 7.06
C GLN B 296 -1.18 -12.77 7.95
N ASP B 297 -0.23 -11.93 8.36
CA ASP B 297 0.77 -12.32 9.35
C ASP B 297 0.11 -12.35 10.72
N LEU B 298 0.00 -13.54 11.30
CA LEU B 298 -0.76 -13.67 12.54
C LEU B 298 0.02 -13.13 13.74
N ILE B 299 1.35 -13.19 13.71
CA ILE B 299 2.13 -12.66 14.82
C ILE B 299 2.03 -11.14 14.86
N TRP B 300 2.16 -10.50 13.71
CA TRP B 300 2.03 -9.05 13.67
C TRP B 300 0.62 -8.63 14.03
N ALA B 301 -0.38 -9.37 13.55
CA ALA B 301 -1.76 -8.99 13.79
C ALA B 301 -2.12 -9.10 15.26
N ILE B 302 -1.63 -10.14 15.94
CA ILE B 302 -1.99 -10.30 17.33
C ILE B 302 -1.18 -9.36 18.22
N ARG B 303 0.08 -9.06 17.84
CA ARG B 303 0.85 -8.09 18.61
C ARG B 303 0.29 -6.68 18.44
N THR B 304 -0.26 -6.38 17.26
CA THR B 304 -0.87 -5.08 17.03
C THR B 304 -2.19 -4.96 17.79
N LEU B 305 -3.01 -6.01 17.74
CA LEU B 305 -4.28 -5.97 18.46
C LEU B 305 -4.05 -5.85 19.95
N ARG B 306 -3.03 -6.54 20.48
CA ARG B 306 -2.76 -6.48 21.91
C ARG B 306 -2.19 -5.12 22.32
N ALA B 307 -1.34 -4.53 21.46
CA ALA B 307 -0.74 -3.24 21.79
C ALA B 307 -1.76 -2.10 21.77
N ASN B 308 -2.66 -2.11 20.81
CA ASN B 308 -3.62 -1.01 20.63
C ASN B 308 -4.92 -1.21 21.39
N PHE B 309 -5.06 -2.27 22.17
CA PHE B 309 -6.25 -2.50 22.96
C PHE B 309 -5.98 -2.36 24.45
N ARG B 310 -4.75 -2.06 24.84
CA ARG B 310 -4.41 -1.86 26.24
C ARG B 310 -5.08 -0.63 26.81
N ASP B 311 -5.05 0.49 26.08
CA ASP B 311 -5.52 1.77 26.58
C ASP B 311 -6.61 2.42 25.74
N HIS B 312 -6.54 2.30 24.41
CA HIS B 312 -7.39 3.12 23.56
C HIS B 312 -8.86 2.90 23.86
N GLN B 313 -9.62 3.99 23.87
CA GLN B 313 -11.02 3.98 24.27
C GLN B 313 -11.87 4.69 23.24
N LEU B 314 -13.12 4.28 23.14
CA LEU B 314 -14.09 4.97 22.31
C LEU B 314 -14.64 6.19 23.05
N GLU B 315 -15.21 7.11 22.28
CA GLU B 315 -15.85 8.27 22.88
C GLU B 315 -17.11 7.85 23.62
N SER B 316 -17.40 8.54 24.72
CA SER B 316 -18.66 8.33 25.45
C SER B 316 -19.73 9.23 24.82
N SER B 317 -20.27 8.75 23.71
CA SER B 317 -21.26 9.45 22.92
C SER B 317 -22.45 8.54 22.67
N PRO B 318 -23.64 9.11 22.44
CA PRO B 318 -24.78 8.28 22.04
C PRO B 318 -24.54 7.54 20.74
N ARG B 319 -23.66 8.05 19.87
CA ARG B 319 -23.34 7.36 18.63
C ARG B 319 -22.64 6.04 18.89
N TYR B 320 -21.79 5.98 19.91
CA TYR B 320 -21.04 4.78 20.26
C TYR B 320 -21.68 4.04 21.43
N ASP B 321 -22.98 4.18 21.62
CA ASP B 321 -23.67 3.51 22.70
C ASP B 321 -23.69 2.00 22.47
N LYS B 322 -23.39 1.25 23.53
CA LYS B 322 -23.42 -0.21 23.59
C LYS B 322 -22.30 -0.88 22.80
N ILE B 323 -21.37 -0.10 22.23
CA ILE B 323 -20.31 -0.68 21.40
C ILE B 323 -19.10 -1.06 22.24
N GLU B 324 -18.78 -0.26 23.26
CA GLU B 324 -17.60 -0.54 24.07
C GLU B 324 -17.73 -1.84 24.85
N ASP B 325 -18.95 -2.28 25.15
CA ASP B 325 -19.16 -3.54 25.83
C ASP B 325 -19.00 -4.75 24.92
N LEU B 326 -18.98 -4.54 23.61
CA LEU B 326 -18.73 -5.62 22.68
C LEU B 326 -17.27 -6.05 22.67
N PHE B 327 -16.34 -5.13 22.94
CA PHE B 327 -14.92 -5.41 22.84
C PHE B 327 -14.26 -5.79 24.16
N GLU B 328 -14.98 -5.74 25.28
CA GLU B 328 -14.39 -6.09 26.56
C GLU B 328 -13.93 -7.55 26.65
N PRO B 329 -14.72 -8.55 26.25
CA PRO B 329 -14.20 -9.92 26.29
C PRO B 329 -12.98 -10.12 25.41
N LEU B 330 -12.94 -9.45 24.26
CA LEU B 330 -11.77 -9.57 23.39
C LEU B 330 -10.56 -8.91 24.03
N ARG B 331 -10.78 -7.89 24.85
CA ARG B 331 -9.67 -7.22 25.53
C ARG B 331 -9.10 -8.11 26.62
N GLU B 332 -9.97 -8.72 27.41
CA GLU B 332 -9.49 -9.62 28.46
C GLU B 332 -8.80 -10.84 27.85
N ARG B 333 -9.34 -11.34 26.74
CA ARG B 333 -8.72 -12.48 26.06
C ARG B 333 -7.35 -12.10 25.53
N LEU B 334 -7.20 -10.89 24.96
CA LEU B 334 -5.90 -10.49 24.45
C LEU B 334 -4.89 -10.31 25.57
N GLU B 335 -5.33 -9.79 26.72
CA GLU B 335 -4.42 -9.65 27.85
C GLU B 335 -3.94 -11.00 28.35
N GLU B 336 -4.84 -11.99 28.38
CA GLU B 336 -4.42 -13.28 28.90
C GLU B 336 -3.60 -14.06 27.87
N PHE B 337 -3.88 -13.85 26.59
CA PHE B 337 -3.10 -14.52 25.55
C PHE B 337 -1.69 -13.98 25.52
N GLY B 338 -1.54 -12.65 25.60
CA GLY B 338 -0.22 -12.06 25.56
C GLY B 338 0.58 -12.39 26.80
N THR B 339 -0.09 -12.55 27.94
CA THR B 339 0.61 -12.99 29.14
C THR B 339 1.07 -14.44 28.99
N ASN B 340 0.20 -15.33 28.51
CA ASN B 340 0.53 -16.74 28.42
C ASN B 340 1.64 -17.01 27.41
N TRP B 341 1.61 -16.37 26.25
CA TRP B 341 2.55 -16.68 25.18
C TRP B 341 3.72 -15.72 25.08
N ASN B 342 3.85 -14.78 26.02
CA ASN B 342 4.99 -13.86 26.08
C ASN B 342 5.17 -13.10 24.77
N LEU B 343 4.16 -12.27 24.47
CA LEU B 343 4.13 -11.52 23.23
C LEU B 343 5.02 -10.28 23.27
N ALA B 344 5.69 -10.00 24.40
CA ALA B 344 6.68 -8.94 24.42
C ALA B 344 7.88 -9.28 23.55
N PHE B 345 8.17 -10.55 23.35
CA PHE B 345 9.30 -11.00 22.54
C PHE B 345 8.84 -11.35 21.13
N ALA B 346 9.80 -11.43 20.22
CA ALA B 346 9.56 -11.87 18.85
C ALA B 346 9.92 -13.34 18.71
N PHE B 347 9.61 -13.90 17.56
CA PHE B 347 9.68 -15.33 17.33
C PHE B 347 10.78 -15.67 16.32
N ASN B 348 11.46 -16.79 16.56
CA ASN B 348 12.45 -17.32 15.65
C ASN B 348 12.50 -18.83 15.82
N THR B 349 13.03 -19.51 14.81
CA THR B 349 13.20 -20.96 14.88
C THR B 349 14.54 -21.30 15.52
N GLU B 350 14.71 -22.59 15.82
CA GLU B 350 15.93 -23.01 16.51
C GLU B 350 16.18 -24.48 16.21
N GLY B 351 17.41 -24.78 15.79
CA GLY B 351 17.84 -26.13 15.51
C GLY B 351 18.05 -26.37 14.04
N ALA B 352 18.06 -27.65 13.66
CA ALA B 352 18.27 -28.07 12.29
C ALA B 352 16.97 -28.55 11.67
N ASN B 353 16.98 -28.64 10.34
CA ASN B 353 15.87 -29.10 9.50
C ASN B 353 14.68 -28.14 9.52
N LEU B 354 14.74 -27.05 10.27
CA LEU B 354 13.70 -26.04 10.28
C LEU B 354 13.95 -24.91 9.30
N ASN B 355 15.12 -24.90 8.62
CA ASN B 355 15.47 -23.83 7.70
C ASN B 355 15.44 -24.26 6.24
N GLU B 356 15.62 -25.55 5.95
CA GLU B 356 15.66 -26.01 4.57
C GLU B 356 14.35 -25.72 3.85
N ARG B 357 13.23 -26.00 4.50
CA ARG B 357 11.90 -25.73 3.98
C ARG B 357 11.05 -25.15 5.11
N PRO B 358 10.21 -24.16 4.84
CA PRO B 358 9.41 -23.56 5.91
C PRO B 358 8.36 -24.54 6.41
N VAL B 359 7.82 -24.25 7.59
CA VAL B 359 6.84 -25.12 8.20
C VAL B 359 5.45 -24.77 7.67
N ARG B 360 4.73 -25.77 7.17
CA ARG B 360 3.36 -25.55 6.72
C ARG B 360 2.40 -26.35 7.60
N LEU B 361 1.34 -25.69 8.05
CA LEU B 361 0.33 -26.30 8.90
C LEU B 361 -1.04 -26.11 8.26
N PHE B 362 -1.84 -27.16 8.22
CA PHE B 362 -3.19 -27.11 7.67
C PHE B 362 -4.17 -27.52 8.75
N SER B 363 -5.25 -26.76 8.89
CA SER B 363 -6.29 -27.05 9.87
C SER B 363 -7.66 -26.92 9.22
N ASP B 364 -8.48 -27.97 9.38
CA ASP B 364 -9.90 -27.89 9.09
C ASP B 364 -10.60 -26.97 10.10
N ARG B 365 -9.98 -26.74 11.26
CA ARG B 365 -10.45 -26.00 12.43
C ARG B 365 -11.35 -26.86 13.30
N SER B 366 -11.68 -28.09 12.91
CA SER B 366 -12.43 -28.98 13.79
C SER B 366 -11.65 -30.24 14.16
N PHE B 367 -11.32 -31.09 13.21
CA PHE B 367 -10.68 -32.36 13.54
C PHE B 367 -9.60 -32.82 12.56
N THR B 368 -9.35 -32.09 11.47
CA THR B 368 -8.32 -32.45 10.52
C THR B 368 -7.16 -31.47 10.68
N HIS B 369 -6.02 -31.99 11.13
CA HIS B 369 -4.82 -31.18 11.36
C HIS B 369 -3.63 -31.92 10.75
N VAL B 370 -2.96 -31.28 9.80
CA VAL B 370 -1.80 -31.87 9.14
C VAL B 370 -0.63 -30.91 9.24
N SER B 371 0.53 -31.43 9.62
CA SER B 371 1.75 -30.62 9.72
C SER B 371 2.81 -31.18 8.80
N SER B 372 3.57 -30.30 8.16
CA SER B 372 4.65 -30.71 7.29
C SER B 372 5.91 -31.09 8.07
N ALA B 373 6.01 -30.67 9.31
CA ALA B 373 7.16 -31.01 10.14
C ALA B 373 7.14 -32.50 10.49
N THR B 374 8.31 -33.13 10.42
CA THR B 374 8.41 -34.55 10.78
C THR B 374 8.12 -34.76 12.25
N HIS B 375 8.65 -33.90 13.11
CA HIS B 375 8.42 -33.97 14.54
C HIS B 375 7.51 -32.82 14.97
N LYS B 376 6.77 -33.03 16.06
CA LYS B 376 5.92 -31.99 16.59
C LYS B 376 6.77 -30.84 17.10
N LEU B 377 6.50 -29.63 16.60
CA LEU B 377 7.29 -28.47 16.96
C LEU B 377 6.75 -27.82 18.23
N SER B 378 7.65 -27.57 19.18
CA SER B 378 7.30 -26.88 20.40
C SER B 378 7.66 -25.40 20.28
N LEU B 379 7.38 -24.66 21.33
CA LEU B 379 7.55 -23.21 21.36
C LEU B 379 7.80 -22.81 22.80
N LYS B 380 8.99 -22.28 23.07
CA LYS B 380 9.38 -21.93 24.42
C LYS B 380 9.89 -20.50 24.46
N SER B 381 9.82 -19.88 25.63
CA SER B 381 10.29 -18.51 25.81
C SER B 381 11.61 -18.52 26.56
N ASP B 382 12.61 -17.85 26.00
CA ASP B 382 13.92 -17.71 26.60
C ASP B 382 14.01 -16.28 27.14
N PHE B 383 13.86 -16.15 28.46
CA PHE B 383 13.86 -14.85 29.11
C PHE B 383 15.27 -14.28 29.20
N LEU B 384 16.29 -15.11 29.10
CA LEU B 384 17.66 -14.60 29.06
C LEU B 384 17.96 -13.99 27.70
N ARG B 385 17.53 -14.66 26.63
CA ARG B 385 17.72 -14.18 25.28
C ARG B 385 16.60 -13.25 24.84
N ARG B 386 15.51 -13.19 25.59
CA ARG B 386 14.33 -12.40 25.24
C ARG B 386 13.82 -12.79 23.85
N LYS B 387 13.59 -14.09 23.67
CA LYS B 387 13.11 -14.57 22.37
C LYS B 387 12.16 -15.74 22.55
N ASN B 388 11.23 -15.89 21.62
CA ASN B 388 10.36 -17.05 21.56
C ASN B 388 10.88 -17.99 20.48
N LEU B 389 11.22 -19.22 20.86
CA LEU B 389 11.94 -20.15 20.00
C LEU B 389 11.03 -21.30 19.62
N ILE B 390 10.94 -21.54 18.31
CA ILE B 390 10.20 -22.64 17.73
C ILE B 390 11.22 -23.76 17.51
N PHE B 391 11.16 -24.79 18.34
CA PHE B 391 12.19 -25.82 18.33
C PHE B 391 11.57 -27.20 18.26
N SER B 392 12.39 -28.19 17.94
CA SER B 392 11.96 -29.58 17.95
C SER B 392 12.52 -30.27 19.20
N ASP B 393 11.66 -31.04 19.87
CA ASP B 393 11.98 -31.60 21.17
C ASP B 393 12.46 -33.03 21.04
N GLU B 394 12.84 -33.63 22.16
CA GLU B 394 13.34 -35.00 22.23
C GLU B 394 12.59 -35.72 23.33
N LYS B 395 11.50 -36.39 22.97
CA LYS B 395 10.71 -37.17 23.92
C LYS B 395 9.79 -38.15 23.21
N LYS B 403 2.18 -30.35 25.43
CA LYS B 403 1.29 -29.68 26.37
C LYS B 403 0.87 -28.31 25.84
N HIS B 404 0.87 -27.31 26.72
CA HIS B 404 0.56 -25.94 26.32
C HIS B 404 1.82 -25.20 25.86
N GLY B 405 2.56 -25.83 24.96
CA GLY B 405 3.78 -25.24 24.42
C GLY B 405 3.99 -25.59 22.96
N LEU B 406 2.95 -26.09 22.30
CA LEU B 406 3.05 -26.50 20.91
C LEU B 406 2.77 -25.33 19.98
N LEU B 407 3.37 -25.39 18.79
CA LEU B 407 3.17 -24.33 17.80
C LEU B 407 1.76 -24.36 17.24
N THR B 408 1.16 -25.54 17.11
CA THR B 408 -0.20 -25.64 16.59
C THR B 408 -1.20 -25.01 17.54
N ARG B 409 -0.98 -25.14 18.84
CA ARG B 409 -1.87 -24.51 19.82
C ARG B 409 -1.80 -22.99 19.72
N PHE B 410 -0.60 -22.44 19.60
CA PHE B 410 -0.45 -21.00 19.45
C PHE B 410 -1.10 -20.50 18.18
N VAL B 411 -0.91 -21.24 17.07
CA VAL B 411 -1.45 -20.78 15.80
C VAL B 411 -2.96 -20.86 15.81
N ASN B 412 -3.52 -21.88 16.46
CA ASN B 412 -4.97 -22.02 16.50
C ASN B 412 -5.60 -20.93 17.37
N GLU B 413 -4.96 -20.59 18.50
CA GLU B 413 -5.52 -19.55 19.34
C GLU B 413 -5.39 -18.18 18.69
N ALA B 414 -4.31 -17.96 17.93
CA ALA B 414 -4.16 -16.67 17.28
C ALA B 414 -5.14 -16.52 16.12
N ASP B 415 -5.46 -17.61 15.43
CA ASP B 415 -6.49 -17.54 14.40
C ASP B 415 -7.86 -17.32 15.00
N VAL B 416 -8.12 -17.94 16.15
CA VAL B 416 -9.40 -17.72 16.84
C VAL B 416 -9.53 -16.25 17.24
N ILE B 417 -8.47 -15.67 17.80
CA ILE B 417 -8.52 -14.28 18.24
C ILE B 417 -8.71 -13.34 17.05
N TYR B 418 -8.04 -13.62 15.92
CA TYR B 418 -8.18 -12.77 14.75
C TYR B 418 -9.61 -12.82 14.19
N GLN B 419 -10.19 -14.02 14.11
CA GLN B 419 -11.56 -14.11 13.61
C GLN B 419 -12.55 -13.52 14.62
N TRP B 420 -12.21 -13.55 15.91
CA TRP B 420 -13.04 -12.91 16.91
C TRP B 420 -13.03 -11.40 16.75
N PHE B 421 -11.87 -10.85 16.40
CA PHE B 421 -11.80 -9.41 16.18
C PHE B 421 -12.62 -9.00 14.96
N LEU B 422 -12.54 -9.78 13.88
CA LEU B 422 -13.32 -9.41 12.70
C LEU B 422 -14.83 -9.59 12.92
N GLY B 423 -15.22 -10.60 13.71
CA GLY B 423 -16.64 -10.74 14.03
C GLY B 423 -17.15 -9.64 14.92
N THR B 424 -16.35 -9.20 15.89
CA THR B 424 -16.80 -8.13 16.76
C THR B 424 -16.81 -6.81 16.01
N MET B 425 -15.95 -6.66 14.99
CA MET B 425 -16.04 -5.48 14.14
C MET B 425 -17.34 -5.46 13.35
N ARG B 426 -17.78 -6.62 12.85
CA ARG B 426 -19.06 -6.66 12.14
C ARG B 426 -20.23 -6.34 13.08
N LYS B 427 -20.16 -6.85 14.32
CA LYS B 427 -21.22 -6.57 15.27
C LYS B 427 -21.24 -5.09 15.64
N ALA B 428 -20.08 -4.47 15.74
CA ALA B 428 -20.04 -3.08 16.17
C ALA B 428 -20.45 -2.16 15.04
N VAL B 429 -20.22 -2.56 13.79
CA VAL B 429 -20.69 -1.76 12.67
C VAL B 429 -22.22 -1.80 12.60
N PHE B 430 -22.82 -2.97 12.84
CA PHE B 430 -24.27 -3.04 12.84
C PHE B 430 -24.87 -2.26 14.01
N GLN B 431 -24.22 -2.29 15.18
CA GLN B 431 -24.70 -1.51 16.32
C GLN B 431 -24.53 -0.01 16.08
N TYR B 432 -23.46 0.38 15.39
CA TYR B 432 -23.27 1.77 15.03
C TYR B 432 -24.42 2.22 14.13
N TRP B 433 -24.81 1.36 13.18
CA TRP B 433 -25.88 1.75 12.28
C TRP B 433 -27.20 1.89 13.03
N GLU B 434 -27.44 1.05 14.05
CA GLU B 434 -28.64 1.23 14.85
C GLU B 434 -28.61 2.56 15.60
N ASN B 435 -27.46 2.92 16.17
CA ASN B 435 -27.39 4.16 16.93
C ASN B 435 -27.54 5.38 16.01
N VAL B 436 -26.99 5.32 14.82
CA VAL B 436 -26.95 6.49 13.94
C VAL B 436 -28.26 6.64 13.17
N ARG B 437 -29.02 5.55 12.97
CA ARG B 437 -30.36 5.70 12.43
C ARG B 437 -31.21 6.57 13.35
N GLY B 438 -31.19 6.27 14.64
CA GLY B 438 -31.95 7.08 15.59
C GLY B 438 -31.39 8.48 15.76
N LEU B 439 -30.07 8.62 15.73
CA LEU B 439 -29.48 9.95 15.88
C LEU B 439 -29.74 10.84 14.67
N GLU B 440 -29.76 10.28 13.47
CA GLU B 440 -29.87 11.09 12.26
C GLU B 440 -31.31 11.44 11.91
N ILE B 441 -32.28 11.10 12.74
CA ILE B 441 -33.67 11.45 12.48
C ILE B 441 -33.85 12.97 12.50
N ASN B 446 -33.49 7.50 6.54
CA ASN B 446 -33.58 6.63 5.38
C ASN B 446 -32.20 6.31 4.84
N ARG B 447 -31.25 6.06 5.74
CA ARG B 447 -29.89 5.74 5.38
C ARG B 447 -29.64 4.25 5.61
N SER B 448 -29.14 3.57 4.58
CA SER B 448 -29.02 2.12 4.59
C SER B 448 -27.85 1.66 5.45
N LEU B 449 -27.82 0.35 5.69
CA LEU B 449 -26.69 -0.25 6.39
C LEU B 449 -25.42 -0.19 5.57
N GLU B 450 -25.54 -0.24 4.24
CA GLU B 450 -24.37 -0.12 3.38
C GLU B 450 -23.92 1.33 3.21
N GLY B 451 -24.83 2.29 3.33
CA GLY B 451 -24.44 3.68 3.26
C GLY B 451 -23.54 4.13 4.40
N THR B 452 -23.82 3.66 5.61
CA THR B 452 -23.07 4.03 6.80
C THR B 452 -21.97 3.05 7.15
N PHE B 453 -21.79 1.97 6.37
CA PHE B 453 -20.82 0.94 6.73
C PHE B 453 -19.40 1.46 6.71
N GLN B 454 -19.05 2.28 5.71
CA GLN B 454 -17.68 2.77 5.60
C GLN B 454 -17.38 3.78 6.69
N GLU B 455 -18.37 4.61 7.04
CA GLU B 455 -18.18 5.58 8.12
C GLU B 455 -18.05 4.88 9.46
N ALA B 456 -18.79 3.79 9.66
CA ALA B 456 -18.69 3.05 10.91
C ALA B 456 -17.33 2.40 11.05
N VAL B 457 -16.83 1.79 9.97
CA VAL B 457 -15.53 1.15 10.03
C VAL B 457 -14.44 2.18 10.27
N GLN B 458 -14.51 3.31 9.54
CA GLN B 458 -13.48 4.34 9.70
C GLN B 458 -13.49 4.91 11.11
N SER B 459 -14.66 5.19 11.67
CA SER B 459 -14.73 5.78 13.00
C SER B 459 -14.24 4.81 14.06
N LEU B 460 -14.55 3.52 13.92
CA LEU B 460 -14.14 2.57 14.94
C LEU B 460 -12.64 2.32 14.87
N LEU B 461 -12.10 2.17 13.66
CA LEU B 461 -10.67 1.88 13.56
C LEU B 461 -9.84 3.11 13.90
N THR B 462 -10.34 4.31 13.59
CA THR B 462 -9.64 5.53 13.99
C THR B 462 -9.64 5.69 15.50
N HIS B 463 -10.76 5.37 16.16
CA HIS B 463 -10.79 5.48 17.61
C HIS B 463 -9.87 4.46 18.27
N PHE B 464 -9.74 3.27 17.69
CA PHE B 464 -8.89 2.25 18.29
C PHE B 464 -7.46 2.27 17.77
N ASN B 465 -7.15 3.16 16.83
CA ASN B 465 -5.81 3.26 16.23
C ASN B 465 -5.43 1.98 15.50
N LEU B 466 -6.41 1.35 14.87
CA LEU B 466 -6.23 0.12 14.13
C LEU B 466 -6.55 0.32 12.65
N GLN B 467 -6.08 1.42 12.08
CA GLN B 467 -6.34 1.71 10.68
C GLN B 467 -5.62 0.75 9.74
N GLU B 468 -4.62 0.02 10.23
CA GLU B 468 -3.92 -0.93 9.39
C GLU B 468 -4.77 -2.15 9.08
N PHE B 469 -5.85 -2.36 9.81
CA PHE B 469 -6.79 -3.42 9.55
C PHE B 469 -7.92 -2.98 8.64
N GLU B 470 -7.85 -1.75 8.11
CA GLU B 470 -8.96 -1.21 7.33
C GLU B 470 -9.25 -2.07 6.11
N SER B 471 -8.22 -2.50 5.40
CA SER B 471 -8.44 -3.40 4.28
C SER B 471 -8.98 -4.74 4.74
N ALA B 472 -8.41 -5.28 5.83
CA ALA B 472 -8.81 -6.61 6.29
C ALA B 472 -10.28 -6.63 6.69
N VAL B 473 -10.76 -5.55 7.32
CA VAL B 473 -12.16 -5.52 7.71
C VAL B 473 -13.04 -5.42 6.48
N TYR B 474 -12.61 -4.66 5.47
CA TYR B 474 -13.47 -4.46 4.30
C TYR B 474 -13.71 -5.76 3.56
N GLU B 475 -12.63 -6.49 3.25
CA GLU B 475 -12.82 -7.76 2.58
C GLU B 475 -13.55 -8.75 3.48
N SER B 476 -13.42 -8.58 4.80
CA SER B 476 -14.17 -9.45 5.71
C SER B 476 -15.66 -9.24 5.51
N PHE B 477 -16.09 -8.00 5.32
CA PHE B 477 -17.49 -7.74 5.01
C PHE B 477 -17.85 -8.30 3.63
N ASP B 478 -16.91 -8.27 2.68
CA ASP B 478 -17.21 -8.73 1.32
C ASP B 478 -17.55 -10.21 1.30
N THR B 479 -16.72 -11.05 1.92
CA THR B 479 -16.99 -12.49 1.84
C THR B 479 -17.89 -12.87 2.98
N ARG B 480 -17.41 -13.70 3.91
CA ARG B 480 -18.19 -14.10 5.12
C ARG B 480 -18.71 -12.85 5.86
N GLY B 481 -18.70 -11.69 5.22
CA GLY B 481 -19.33 -10.52 5.86
C GLY B 481 -20.80 -10.68 5.61
N LEU B 482 -21.13 -11.53 4.63
CA LEU B 482 -22.55 -11.85 4.35
C LEU B 482 -23.03 -12.67 5.56
N ARG B 483 -22.07 -13.14 6.36
CA ARG B 483 -22.41 -13.92 7.58
C ARG B 483 -22.77 -12.97 8.71
N GLN B 484 -24.05 -12.64 8.87
CA GLN B 484 -24.44 -11.86 10.07
C GLN B 484 -24.46 -12.89 11.20
N SER B 485 -23.28 -13.45 11.56
CA SER B 485 -23.21 -14.55 12.56
C SER B 485 -23.03 -14.04 13.99
N ALA B 486 -22.55 -14.89 14.89
CA ALA B 486 -22.27 -14.48 16.29
C ALA B 486 -20.97 -15.17 16.75
N ALA B 490 -20.46 -22.11 14.93
CA ALA B 490 -19.65 -21.43 15.92
C ALA B 490 -18.62 -22.37 16.52
N ASN B 491 -18.67 -23.65 16.09
CA ASN B 491 -17.68 -24.67 16.45
C ASN B 491 -17.86 -25.11 17.90
N LYS B 492 -19.09 -25.52 18.23
CA LYS B 492 -19.42 -26.08 19.53
C LYS B 492 -20.31 -27.29 19.32
N LEU B 493 -20.09 -28.34 20.11
CA LEU B 493 -20.86 -29.58 19.92
C LEU B 493 -22.34 -29.38 20.22
N SER B 494 -22.76 -28.14 20.47
CA SER B 494 -24.17 -27.83 20.72
C SER B 494 -24.80 -27.10 19.56
N SER B 495 -24.00 -26.59 18.62
CA SER B 495 -24.48 -25.91 17.44
C SER B 495 -24.57 -26.92 16.30
N SER B 496 -25.04 -26.48 15.14
CA SER B 496 -24.94 -27.30 13.95
C SER B 496 -23.55 -27.13 13.37
N LYS B 497 -22.84 -28.23 13.18
CA LYS B 497 -21.47 -28.19 12.72
C LYS B 497 -21.41 -28.59 11.26
N SER B 498 -20.64 -27.84 10.48
CA SER B 498 -20.47 -28.13 9.06
C SER B 498 -19.22 -27.45 8.56
N TYR B 499 -18.60 -28.06 7.56
CA TYR B 499 -17.45 -27.44 6.91
C TYR B 499 -17.84 -26.16 6.19
N HIS B 500 -19.11 -26.04 5.78
CA HIS B 500 -19.50 -24.97 4.88
C HIS B 500 -19.60 -23.61 5.58
N HIS B 501 -19.81 -23.58 6.88
CA HIS B 501 -19.73 -22.34 7.64
C HIS B 501 -18.59 -22.34 8.64
N THR B 502 -17.60 -23.22 8.45
CA THR B 502 -16.40 -23.24 9.28
C THR B 502 -15.16 -22.88 8.48
N GLY B 503 -14.89 -23.59 7.39
CA GLY B 503 -13.78 -23.27 6.52
C GLY B 503 -12.51 -24.03 6.87
N LEU B 504 -11.38 -23.48 6.42
CA LEU B 504 -10.08 -24.10 6.62
C LEU B 504 -9.04 -23.00 6.75
N LYS B 505 -7.82 -23.42 7.11
CA LYS B 505 -6.74 -22.48 7.36
C LYS B 505 -5.41 -23.12 7.00
N LEU B 506 -4.56 -22.35 6.33
CA LEU B 506 -3.23 -22.79 5.91
C LEU B 506 -2.22 -21.77 6.38
N VAL B 507 -1.30 -22.17 7.25
CA VAL B 507 -0.34 -21.27 7.87
C VAL B 507 1.06 -21.69 7.44
N GLU B 508 1.84 -20.72 6.96
CA GLU B 508 3.23 -20.94 6.64
C GLU B 508 4.10 -20.16 7.63
N VAL B 509 5.03 -20.87 8.25
CA VAL B 509 5.96 -20.30 9.21
C VAL B 509 7.30 -20.24 8.50
N ALA B 510 7.71 -19.02 8.15
CA ALA B 510 8.95 -18.82 7.41
C ALA B 510 9.64 -17.56 7.90
N HIS B 511 10.93 -17.44 7.60
CA HIS B 511 11.68 -16.27 8.02
C HIS B 511 11.17 -15.01 7.32
N ASN B 512 11.22 -13.90 8.03
CA ASN B 512 10.81 -12.61 7.47
C ASN B 512 11.77 -12.21 6.36
N GLN B 513 11.25 -11.41 5.42
CA GLN B 513 12.07 -10.96 4.31
C GLN B 513 13.16 -10.03 4.81
N GLY B 514 14.39 -10.26 4.36
CA GLY B 514 15.50 -9.44 4.82
C GLY B 514 16.13 -9.94 6.10
N THR B 515 15.33 -10.12 7.14
CA THR B 515 15.84 -10.55 8.44
C THR B 515 16.19 -12.03 8.42
N ARG B 516 17.13 -12.41 9.28
CA ARG B 516 17.53 -13.79 9.43
C ARG B 516 17.37 -14.27 10.86
N ASP B 517 16.60 -13.54 11.68
CA ASP B 517 16.42 -13.91 13.08
C ASP B 517 14.97 -13.77 13.55
N THR B 518 14.02 -13.54 12.65
CA THR B 518 12.61 -13.54 12.99
C THR B 518 11.83 -14.34 11.97
N VAL B 519 10.70 -14.90 12.39
CA VAL B 519 9.82 -15.63 11.51
C VAL B 519 8.44 -14.97 11.54
N ASN B 520 7.67 -15.22 10.48
CA ASN B 520 6.27 -14.85 10.43
C ASN B 520 5.42 -16.09 10.21
N CYS B 521 4.16 -15.97 10.61
CA CYS B 521 3.13 -16.97 10.44
C CYS B 521 2.08 -16.42 9.47
N LYS B 522 2.35 -16.56 8.18
CA LYS B 522 1.42 -16.07 7.16
C LYS B 522 0.28 -17.06 7.01
N ALA B 523 -0.93 -16.62 7.34
CA ALA B 523 -2.10 -17.50 7.37
C ALA B 523 -3.09 -17.10 6.28
N SER B 524 -3.57 -18.10 5.56
CA SER B 524 -4.62 -17.93 4.56
C SER B 524 -5.84 -18.71 5.02
N PHE B 525 -7.00 -18.07 4.99
CA PHE B 525 -8.22 -18.65 5.53
C PHE B 525 -9.28 -18.76 4.44
N LEU B 526 -10.06 -19.83 4.50
CA LEU B 526 -11.40 -19.85 3.94
C LEU B 526 -12.37 -19.88 5.11
N ASN B 527 -13.22 -18.86 5.21
CA ASN B 527 -14.15 -18.82 6.32
C ASN B 527 -15.51 -19.42 5.99
N THR B 528 -15.72 -19.78 4.72
CA THR B 528 -16.99 -20.32 4.27
C THR B 528 -16.78 -20.93 2.90
N SER B 529 -17.66 -21.83 2.53
CA SER B 529 -17.69 -22.44 1.21
C SER B 529 -18.69 -21.70 0.33
N PRO B 530 -18.70 -21.98 -0.98
CA PRO B 530 -19.74 -21.37 -1.83
C PRO B 530 -21.16 -21.70 -1.37
N SER B 531 -21.40 -22.91 -0.84
CA SER B 531 -22.73 -23.23 -0.35
C SER B 531 -23.07 -22.41 0.89
N GLY B 532 -22.05 -22.08 1.70
CA GLY B 532 -22.28 -21.16 2.80
C GLY B 532 -22.64 -19.77 2.31
N VAL B 533 -21.96 -19.29 1.27
CA VAL B 533 -22.26 -17.97 0.74
C VAL B 533 -23.69 -17.93 0.21
N LEU B 534 -24.10 -18.96 -0.53
CA LEU B 534 -25.47 -19.01 -1.04
C LEU B 534 -26.49 -19.07 0.09
N ALA B 535 -26.19 -19.84 1.15
CA ALA B 535 -27.14 -19.95 2.25
C ALA B 535 -27.25 -18.62 3.01
N ASP B 536 -26.13 -17.92 3.19
CA ASP B 536 -26.19 -16.60 3.82
C ASP B 536 -26.88 -15.59 2.91
N MET B 537 -26.83 -15.80 1.59
CA MET B 537 -27.53 -14.90 0.68
C MET B 537 -29.03 -15.08 0.82
N VAL B 538 -29.48 -16.32 0.97
CA VAL B 538 -30.90 -16.58 1.16
C VAL B 538 -31.34 -16.08 2.55
N ASP B 539 -30.49 -16.27 3.55
CA ASP B 539 -30.79 -15.78 4.89
C ASP B 539 -30.81 -14.25 4.96
N ALA B 540 -30.11 -13.57 4.05
CA ALA B 540 -30.17 -12.12 4.03
C ALA B 540 -31.51 -11.59 3.54
N GLY B 541 -32.28 -12.40 2.82
CA GLY B 541 -33.59 -11.96 2.37
C GLY B 541 -33.77 -11.94 0.87
N ALA B 542 -32.78 -12.46 0.14
CA ALA B 542 -32.88 -12.52 -1.31
C ALA B 542 -33.75 -13.69 -1.74
N VAL B 543 -34.51 -13.48 -2.81
CA VAL B 543 -35.22 -14.56 -3.48
C VAL B 543 -34.42 -14.92 -4.72
N ILE B 544 -33.96 -16.16 -4.80
CA ILE B 544 -33.02 -16.59 -5.82
C ILE B 544 -33.65 -17.67 -6.67
N LEU B 545 -33.66 -17.46 -7.97
CA LEU B 545 -34.13 -18.44 -8.95
C LEU B 545 -32.91 -19.10 -9.55
N GLY B 546 -32.70 -20.37 -9.24
CA GLY B 546 -31.59 -21.11 -9.79
C GLY B 546 -31.98 -21.87 -11.03
N ILE B 547 -31.56 -21.41 -12.21
CA ILE B 547 -32.00 -22.00 -13.47
C ILE B 547 -30.84 -22.77 -14.09
N SER B 548 -31.02 -24.08 -14.19
CA SER B 548 -30.07 -24.99 -14.82
C SER B 548 -30.70 -26.37 -14.88
N ALA B 549 -30.32 -27.13 -15.90
CA ALA B 549 -30.76 -28.52 -15.99
C ALA B 549 -30.02 -29.39 -14.99
N THR B 550 -28.80 -29.01 -14.62
CA THR B 550 -28.00 -29.72 -13.63
C THR B 550 -28.03 -29.03 -12.27
N ALA B 551 -29.15 -28.41 -11.90
CA ALA B 551 -29.25 -27.75 -10.61
C ALA B 551 -29.19 -28.73 -9.45
N ARG B 552 -29.46 -30.01 -9.69
CA ARG B 552 -29.45 -31.02 -8.65
C ARG B 552 -28.51 -32.16 -9.03
N ALA B 553 -27.35 -31.82 -9.61
CA ALA B 553 -26.30 -32.80 -9.82
C ALA B 553 -25.74 -33.26 -8.48
N ASP B 554 -25.30 -34.52 -8.44
CA ASP B 554 -24.89 -35.15 -7.19
C ASP B 554 -23.40 -35.00 -6.93
N THR B 555 -22.80 -33.89 -7.34
CA THR B 555 -21.41 -33.59 -7.08
C THR B 555 -21.30 -32.36 -6.19
N VAL B 556 -20.27 -32.34 -5.35
CA VAL B 556 -19.98 -31.18 -4.52
C VAL B 556 -18.79 -30.39 -5.02
N ILE B 557 -18.14 -30.85 -6.08
CA ILE B 557 -17.05 -30.10 -6.71
C ILE B 557 -17.58 -29.19 -7.80
N HIS B 558 -18.52 -29.67 -8.61
CA HIS B 558 -19.09 -28.92 -9.72
C HIS B 558 -20.54 -28.53 -9.47
N ASN B 559 -20.96 -28.51 -8.21
CA ASN B 559 -22.27 -28.05 -7.82
C ASN B 559 -22.24 -27.76 -6.33
N PHE B 560 -23.25 -27.03 -5.86
CA PHE B 560 -23.37 -26.78 -4.44
C PHE B 560 -23.73 -28.07 -3.70
N ASP B 561 -23.52 -28.06 -2.39
CA ASP B 561 -23.96 -29.16 -1.53
C ASP B 561 -25.41 -28.89 -1.16
N PHE B 562 -26.33 -29.54 -1.87
CA PHE B 562 -27.74 -29.32 -1.62
C PHE B 562 -28.28 -30.11 -0.44
N LYS B 563 -27.53 -31.09 0.08
CA LYS B 563 -27.92 -31.69 1.35
C LYS B 563 -27.66 -30.72 2.50
N TYR B 564 -26.58 -29.94 2.40
CA TYR B 564 -26.32 -28.91 3.40
C TYR B 564 -27.32 -27.77 3.26
N LEU B 565 -27.64 -27.39 2.02
CA LEU B 565 -28.57 -26.28 1.84
C LEU B 565 -29.98 -26.70 2.26
N ASN B 566 -30.35 -27.95 2.02
CA ASN B 566 -31.64 -28.43 2.48
C ASN B 566 -31.70 -28.42 4.01
N GLU B 567 -30.64 -28.90 4.67
CA GLU B 567 -30.65 -28.97 6.13
C GLU B 567 -30.61 -27.58 6.75
N ARG B 568 -29.97 -26.62 6.10
CA ARG B 568 -29.81 -25.30 6.69
C ARG B 568 -31.01 -24.39 6.39
N LEU B 569 -31.51 -24.39 5.15
CA LEU B 569 -32.61 -23.53 4.79
C LEU B 569 -33.97 -24.08 5.19
N GLY B 570 -34.13 -25.40 5.32
CA GLY B 570 -35.42 -25.90 5.76
C GLY B 570 -36.49 -25.78 4.69
N ASN B 571 -37.53 -25.00 4.97
CA ASN B 571 -38.60 -24.78 4.02
C ASN B 571 -38.40 -23.53 3.16
N LYS B 572 -37.32 -22.79 3.37
CA LYS B 572 -36.95 -21.72 2.46
C LYS B 572 -36.40 -22.26 1.13
N LEU B 573 -36.06 -23.54 1.06
CA LEU B 573 -35.65 -24.18 -0.18
C LEU B 573 -36.91 -24.72 -0.85
N LEU B 574 -37.49 -23.91 -1.72
CA LEU B 574 -38.81 -24.23 -2.28
C LEU B 574 -38.74 -25.44 -3.20
N SER B 575 -39.74 -26.30 -3.10
CA SER B 575 -39.82 -27.52 -3.89
C SER B 575 -41.07 -27.49 -4.75
N LEU B 576 -41.02 -28.25 -5.84
CA LEU B 576 -42.13 -28.34 -6.78
C LEU B 576 -42.87 -29.65 -6.59
N SER B 577 -44.20 -29.58 -6.58
CA SER B 577 -45.02 -30.75 -6.33
C SER B 577 -44.97 -31.73 -7.50
N ARG B 578 -45.50 -32.92 -7.26
CA ARG B 578 -45.54 -33.95 -8.29
C ARG B 578 -46.43 -33.54 -9.45
N GLU B 579 -47.55 -32.87 -9.16
CA GLU B 579 -48.43 -32.41 -10.23
C GLU B 579 -47.73 -31.37 -11.10
N GLN B 580 -47.00 -30.44 -10.49
CA GLN B 580 -46.32 -29.41 -11.27
C GLN B 580 -45.23 -30.01 -12.15
N LYS B 581 -44.51 -31.00 -11.62
CA LYS B 581 -43.47 -31.65 -12.42
C LYS B 581 -44.08 -32.47 -13.53
N GLN B 582 -45.29 -33.01 -13.31
CA GLN B 582 -45.95 -33.75 -14.38
C GLN B 582 -46.43 -32.81 -15.46
N ARG B 583 -46.90 -31.62 -15.06
CA ARG B 583 -47.33 -30.63 -16.04
C ARG B 583 -46.15 -30.16 -16.89
N VAL B 584 -44.98 -29.97 -16.25
CA VAL B 584 -43.79 -29.57 -17.01
C VAL B 584 -43.35 -30.70 -17.94
N ASN B 585 -43.41 -31.95 -17.48
CA ASN B 585 -43.01 -33.05 -18.34
C ASN B 585 -43.95 -33.20 -19.54
N ASN B 586 -45.25 -33.04 -19.32
CA ASN B 586 -46.20 -33.05 -20.43
C ASN B 586 -45.95 -31.87 -21.37
N TYR B 587 -45.56 -30.72 -20.81
CA TYR B 587 -45.24 -29.57 -21.65
C TYR B 587 -44.04 -29.87 -22.54
N TYR B 588 -43.02 -30.53 -21.98
CA TYR B 588 -41.82 -30.80 -22.77
C TYR B 588 -42.08 -31.86 -23.83
N HIS B 589 -42.81 -32.91 -23.48
CA HIS B 589 -43.03 -34.00 -24.43
C HIS B 589 -44.07 -33.66 -25.48
N SER B 590 -44.80 -32.56 -25.32
CA SER B 590 -45.74 -32.11 -26.34
C SER B 590 -45.12 -31.12 -27.31
N ARG B 591 -43.88 -30.68 -27.07
CA ARG B 591 -43.17 -29.80 -27.99
C ARG B 591 -41.93 -30.45 -28.58
N ARG B 592 -41.62 -31.69 -28.19
CA ARG B 592 -40.45 -32.42 -28.67
C ARG B 592 -40.85 -33.85 -29.01
N ASN B 593 -41.93 -34.00 -29.77
CA ASN B 593 -42.46 -35.32 -30.12
C ASN B 593 -41.61 -35.90 -31.24
N TYR B 594 -40.48 -36.51 -30.85
CA TYR B 594 -39.59 -37.12 -31.83
C TYR B 594 -40.20 -38.38 -32.44
N LYS B 595 -40.83 -39.22 -31.62
CA LYS B 595 -41.26 -40.53 -32.07
C LYS B 595 -42.38 -40.43 -33.11
N ASP B 596 -43.28 -39.46 -32.96
CA ASP B 596 -44.40 -39.33 -33.88
C ASP B 596 -44.05 -38.56 -35.15
N ASN B 597 -42.87 -37.92 -35.20
CA ASN B 597 -42.47 -37.14 -36.35
C ASN B 597 -41.34 -37.79 -37.14
N GLY B 598 -41.01 -39.04 -36.85
CA GLY B 598 -39.98 -39.74 -37.58
C GLY B 598 -38.58 -39.16 -37.47
N VAL B 599 -38.15 -38.84 -36.25
CA VAL B 599 -36.83 -38.30 -35.99
C VAL B 599 -36.01 -39.37 -35.28
N VAL B 600 -34.80 -39.61 -35.77
CA VAL B 600 -33.95 -40.69 -35.30
C VAL B 600 -32.61 -40.11 -34.85
N LEU B 601 -32.20 -40.47 -33.64
CA LEU B 601 -30.91 -40.09 -33.10
C LEU B 601 -29.95 -41.27 -33.25
N THR B 602 -28.86 -41.07 -33.98
CA THR B 602 -27.89 -42.13 -34.26
C THR B 602 -26.63 -41.84 -33.46
N VAL B 603 -26.33 -42.72 -32.51
CA VAL B 603 -25.21 -42.56 -31.58
C VAL B 603 -24.08 -43.49 -31.98
N LYS B 604 -22.86 -42.96 -31.98
CA LYS B 604 -21.66 -43.72 -32.33
C LYS B 604 -20.58 -43.41 -31.31
N TYR B 605 -19.97 -44.45 -30.75
CA TYR B 605 -18.85 -44.30 -29.83
C TYR B 605 -17.57 -44.61 -30.60
N LEU B 606 -16.65 -43.65 -30.62
CA LEU B 606 -15.48 -43.75 -31.49
C LEU B 606 -14.20 -43.99 -30.71
N ASN B 607 -13.38 -44.93 -31.22
CA ASN B 607 -12.10 -45.27 -30.63
C ASN B 607 -10.98 -44.48 -31.30
N SER B 608 -9.73 -44.78 -30.93
CA SER B 608 -8.59 -44.05 -31.46
C SER B 608 -8.36 -44.34 -32.95
N ARG B 609 -8.52 -45.59 -33.37
CA ARG B 609 -8.39 -46.03 -34.76
C ARG B 609 -7.21 -45.36 -35.49
N ASP B 610 -6.01 -45.61 -34.95
CA ASP B 610 -4.79 -44.96 -35.44
C ASP B 610 -4.36 -45.44 -36.82
N ALA B 611 -4.91 -46.56 -37.30
CA ALA B 611 -4.55 -47.06 -38.62
C ALA B 611 -5.12 -46.22 -39.75
N PHE B 612 -5.92 -45.21 -39.41
CA PHE B 612 -6.53 -44.31 -40.37
C PHE B 612 -5.91 -42.93 -40.28
N LEU B 613 -5.46 -42.56 -39.08
CA LEU B 613 -4.74 -41.30 -38.91
C LEU B 613 -3.36 -41.42 -39.54
N ASP B 614 -2.76 -42.63 -39.50
CA ASP B 614 -1.45 -42.80 -40.09
C ASP B 614 -1.51 -42.57 -41.61
N ALA B 615 -2.54 -43.13 -42.26
CA ALA B 615 -2.73 -42.90 -43.69
C ALA B 615 -3.04 -41.44 -43.98
N LEU B 616 -3.87 -40.81 -43.15
CA LEU B 616 -4.18 -39.39 -43.37
C LEU B 616 -2.93 -38.54 -43.29
N LEU B 617 -2.06 -38.82 -42.31
CA LEU B 617 -0.81 -38.08 -42.21
C LEU B 617 0.09 -38.37 -43.40
N GLU B 618 0.09 -39.61 -43.88
CA GLU B 618 0.92 -39.95 -45.03
C GLU B 618 0.50 -39.17 -46.26
N GLU B 619 -0.82 -39.07 -46.50
CA GLU B 619 -1.29 -38.30 -47.64
C GLU B 619 -1.13 -36.80 -47.42
N TYR B 620 -1.06 -36.34 -46.17
CA TYR B 620 -0.84 -34.92 -45.91
C TYR B 620 0.55 -34.48 -46.39
N LYS B 621 1.57 -35.27 -46.09
CA LYS B 621 2.94 -34.96 -46.49
C LYS B 621 3.61 -36.22 -47.03
N PRO B 622 3.41 -36.52 -48.32
CA PRO B 622 4.00 -37.75 -48.87
C PRO B 622 5.52 -37.75 -48.90
N GLU B 623 6.15 -36.57 -48.81
CA GLU B 623 7.61 -36.49 -48.91
C GLU B 623 8.31 -36.82 -47.61
N ALA B 624 7.59 -36.84 -46.49
CA ALA B 624 8.20 -37.09 -45.19
C ALA B 624 8.54 -38.56 -45.02
N ARG B 625 9.39 -38.84 -44.03
CA ARG B 625 9.83 -40.22 -43.77
C ARG B 625 8.67 -41.08 -43.29
N SER B 626 8.11 -40.71 -42.13
CA SER B 626 6.99 -41.46 -41.55
C SER B 626 6.16 -40.49 -40.73
N SER B 627 5.01 -40.99 -40.24
CA SER B 627 4.08 -40.14 -39.51
C SER B 627 4.70 -39.60 -38.23
N HIS B 628 5.66 -40.32 -37.65
CA HIS B 628 6.35 -39.80 -36.47
C HIS B 628 7.12 -38.53 -36.81
N PHE B 629 7.72 -38.49 -37.99
CA PHE B 629 8.44 -37.29 -38.42
C PHE B 629 7.46 -36.15 -38.67
N ILE B 630 6.31 -36.46 -39.26
CA ILE B 630 5.34 -35.42 -39.59
C ILE B 630 4.82 -34.78 -38.31
N LEU B 631 4.46 -35.61 -37.33
CA LEU B 631 3.99 -35.07 -36.05
C LEU B 631 5.09 -34.31 -35.34
N ASN B 632 6.32 -34.82 -35.36
CA ASN B 632 7.39 -34.19 -34.60
C ASN B 632 7.81 -32.85 -35.20
N HIS B 633 7.84 -32.76 -36.53
CA HIS B 633 8.38 -31.59 -37.21
C HIS B 633 7.31 -30.69 -37.79
N TYR B 634 6.42 -31.23 -38.63
CA TYR B 634 5.45 -30.40 -39.34
C TYR B 634 4.36 -29.90 -38.40
N LEU B 635 3.83 -30.75 -37.54
CA LEU B 635 2.77 -30.37 -36.63
C LEU B 635 3.28 -29.83 -35.29
N GLY B 636 4.57 -29.96 -35.01
CA GLY B 636 5.13 -29.40 -33.79
C GLY B 636 4.64 -30.01 -32.50
N ILE B 637 4.55 -31.33 -32.44
CA ILE B 637 4.14 -32.05 -31.24
C ILE B 637 5.33 -32.88 -30.77
N ALA B 638 5.69 -32.73 -29.49
CA ALA B 638 6.84 -33.43 -28.94
C ALA B 638 6.60 -34.94 -28.91
N GLU B 639 7.69 -35.69 -28.72
CA GLU B 639 7.62 -37.14 -28.77
C GLU B 639 6.81 -37.70 -27.61
N SER B 640 6.94 -37.12 -26.42
CA SER B 640 6.24 -37.64 -25.26
C SER B 640 4.73 -37.50 -25.40
N GLU B 641 4.27 -36.36 -25.88
CA GLU B 641 2.85 -36.06 -25.99
C GLU B 641 2.25 -36.48 -27.33
N GLN B 642 3.02 -37.19 -28.17
CA GLN B 642 2.49 -37.61 -29.46
C GLN B 642 1.34 -38.60 -29.30
N ALA B 643 1.47 -39.55 -28.38
CA ALA B 643 0.47 -40.60 -28.26
C ALA B 643 -0.88 -40.02 -27.87
N PHE B 644 -0.87 -39.03 -26.97
CA PHE B 644 -2.13 -38.43 -26.57
C PHE B 644 -2.72 -37.69 -27.76
N VAL B 645 -1.90 -36.89 -28.45
CA VAL B 645 -2.41 -36.20 -29.62
C VAL B 645 -2.85 -37.22 -30.66
N ARG B 646 -2.18 -38.36 -30.71
CA ARG B 646 -2.55 -39.39 -31.66
C ARG B 646 -3.94 -39.95 -31.39
N SER B 647 -4.41 -39.88 -30.14
CA SER B 647 -5.69 -40.48 -29.79
C SER B 647 -6.85 -39.50 -29.89
N TRP B 648 -6.70 -38.27 -29.38
CA TRP B 648 -7.80 -37.32 -29.40
C TRP B 648 -8.02 -36.69 -30.77
N LEU B 649 -6.96 -36.54 -31.56
CA LEU B 649 -7.14 -35.96 -32.89
C LEU B 649 -7.82 -36.95 -33.85
N SER B 650 -7.43 -38.22 -33.78
CA SER B 650 -7.99 -39.18 -34.72
C SER B 650 -9.46 -39.43 -34.44
N LYS B 651 -9.86 -39.42 -33.17
CA LYS B 651 -11.29 -39.55 -32.87
C LYS B 651 -12.04 -38.38 -33.48
N LEU B 652 -11.47 -37.18 -33.38
CA LEU B 652 -12.13 -36.02 -33.96
C LEU B 652 -12.26 -36.21 -35.46
N LEU B 653 -11.21 -36.72 -36.10
CA LEU B 653 -11.28 -36.87 -37.54
C LEU B 653 -12.32 -37.91 -37.91
N ALA B 654 -12.43 -38.97 -37.10
CA ALA B 654 -13.41 -40.00 -37.43
C ALA B 654 -14.81 -39.45 -37.34
N SER B 655 -15.04 -38.44 -36.49
CA SER B 655 -16.36 -37.83 -36.47
C SER B 655 -16.57 -36.90 -37.66
N ILE B 656 -15.53 -36.15 -38.03
CA ILE B 656 -15.68 -35.20 -39.14
C ILE B 656 -16.01 -35.94 -40.42
N LYS B 657 -15.31 -37.04 -40.68
CA LYS B 657 -15.57 -37.79 -41.90
C LYS B 657 -17.00 -38.29 -41.90
N ALA B 658 -17.46 -38.79 -40.76
CA ALA B 658 -18.81 -39.34 -40.71
C ALA B 658 -19.84 -38.24 -40.90
N PHE B 659 -19.50 -37.00 -40.50
CA PHE B 659 -20.42 -35.91 -40.76
C PHE B 659 -20.41 -35.54 -42.25
N ILE B 660 -19.22 -35.54 -42.86
CA ILE B 660 -19.12 -35.22 -44.28
C ILE B 660 -19.77 -36.31 -45.14
N SER B 661 -19.60 -37.57 -44.74
CA SER B 661 -20.27 -38.65 -45.45
C SER B 661 -21.80 -38.55 -45.38
N SER B 662 -22.32 -37.93 -44.33
CA SER B 662 -23.76 -37.75 -44.22
C SER B 662 -24.25 -36.71 -45.22
N PRO B 663 -25.19 -37.03 -46.10
CA PRO B 663 -25.54 -36.08 -47.17
C PRO B 663 -26.48 -34.98 -46.69
N ASP B 664 -27.31 -35.27 -45.69
CA ASP B 664 -28.37 -34.36 -45.29
C ASP B 664 -27.97 -33.41 -44.17
N ASN B 665 -26.98 -33.77 -43.35
CA ASN B 665 -26.59 -32.93 -42.23
C ASN B 665 -25.81 -31.71 -42.72
N ARG B 666 -26.07 -30.58 -42.10
CA ARG B 666 -25.47 -29.30 -42.48
C ARG B 666 -24.63 -28.68 -41.38
N TYR B 667 -25.07 -28.76 -40.13
CA TYR B 667 -24.47 -28.05 -39.01
C TYR B 667 -23.86 -29.06 -38.06
N MET B 668 -22.57 -28.92 -37.76
CA MET B 668 -21.88 -29.78 -36.81
C MET B 668 -21.13 -28.95 -35.78
N LEU B 669 -21.16 -29.41 -34.54
CA LEU B 669 -20.40 -28.81 -33.45
C LEU B 669 -19.52 -29.87 -32.81
N SER B 670 -18.23 -29.55 -32.65
CA SER B 670 -17.27 -30.43 -32.00
C SER B 670 -16.80 -29.77 -30.71
N LEU B 671 -17.14 -30.37 -29.58
CA LEU B 671 -16.79 -29.83 -28.26
C LEU B 671 -15.55 -30.55 -27.75
N LEU B 672 -14.45 -29.84 -27.64
CA LEU B 672 -13.19 -30.39 -27.15
C LEU B 672 -12.86 -29.74 -25.81
N ASN B 673 -11.70 -30.12 -25.28
CA ASN B 673 -11.21 -29.55 -24.02
C ASN B 673 -10.22 -28.41 -24.23
N ARG B 674 -9.61 -28.32 -25.42
CA ARG B 674 -8.62 -27.31 -25.71
C ARG B 674 -9.08 -26.47 -26.90
N THR B 675 -8.75 -25.19 -26.88
CA THR B 675 -9.10 -24.30 -27.97
C THR B 675 -8.16 -24.51 -29.14
N LEU B 676 -8.72 -24.64 -30.35
CA LEU B 676 -7.92 -24.79 -31.56
C LEU B 676 -7.66 -23.43 -32.21
N ASP B 677 -7.04 -22.55 -31.43
CA ASP B 677 -6.76 -21.19 -31.88
C ASP B 677 -5.49 -21.18 -32.70
N THR B 678 -4.96 -19.99 -32.98
CA THR B 678 -3.75 -19.88 -33.79
C THR B 678 -2.53 -20.49 -33.12
N THR B 679 -2.58 -20.72 -31.79
CA THR B 679 -1.45 -21.34 -31.11
C THR B 679 -1.17 -22.73 -31.67
N ARG B 680 -2.23 -23.48 -31.97
CA ARG B 680 -2.10 -24.81 -32.57
C ARG B 680 -2.40 -24.72 -34.06
N GLN B 681 -1.97 -23.63 -34.70
CA GLN B 681 -2.31 -23.42 -36.11
C GLN B 681 -1.80 -24.53 -37.01
N ASN B 682 -0.68 -25.15 -36.65
CA ASN B 682 -0.18 -26.24 -37.49
C ASN B 682 -1.16 -27.40 -37.49
N ILE B 683 -1.73 -27.71 -36.33
CA ILE B 683 -2.69 -28.80 -36.31
C ILE B 683 -3.95 -28.37 -37.03
N ASN B 684 -4.28 -27.08 -36.97
CA ASN B 684 -5.44 -26.59 -37.69
C ASN B 684 -5.25 -26.82 -39.18
N ASP B 685 -4.03 -26.60 -39.66
CA ASP B 685 -3.80 -26.81 -41.09
C ASP B 685 -4.03 -28.26 -41.46
N PHE B 686 -3.58 -29.18 -40.60
CA PHE B 686 -3.81 -30.58 -40.89
C PHE B 686 -5.30 -30.87 -40.93
N ILE B 687 -6.03 -30.32 -39.96
CA ILE B 687 -7.46 -30.57 -39.94
C ILE B 687 -8.10 -29.95 -41.17
N GLN B 688 -7.67 -28.74 -41.52
CA GLN B 688 -8.27 -28.11 -42.69
C GLN B 688 -7.98 -28.91 -43.93
N PHE B 689 -6.75 -29.46 -44.03
CA PHE B 689 -6.44 -30.28 -45.19
C PHE B 689 -7.37 -31.47 -45.27
N CYS B 690 -7.61 -32.13 -44.13
CA CYS B 690 -8.44 -33.32 -44.16
C CYS B 690 -9.85 -32.95 -44.57
N CYS B 691 -10.35 -31.82 -44.07
CA CYS B 691 -11.71 -31.44 -44.43
C CYS B 691 -11.79 -31.16 -45.93
N ASP B 692 -10.77 -30.50 -46.48
CA ASP B 692 -10.81 -30.23 -47.90
C ASP B 692 -10.80 -31.52 -48.70
N LYS B 693 -10.04 -32.51 -48.23
CA LYS B 693 -10.02 -33.78 -48.95
C LYS B 693 -11.40 -34.40 -48.95
N TRP B 694 -12.06 -34.39 -47.80
CA TRP B 694 -13.38 -35.01 -47.76
C TRP B 694 -14.38 -34.18 -48.53
N ALA B 695 -14.17 -32.86 -48.57
CA ALA B 695 -15.06 -32.03 -49.38
C ALA B 695 -14.94 -32.43 -50.84
N LYS B 696 -13.72 -32.70 -51.30
CA LYS B 696 -13.56 -33.19 -52.66
C LYS B 696 -14.19 -34.57 -52.84
N GLU B 697 -14.04 -35.45 -51.84
CA GLU B 697 -14.49 -36.82 -52.00
C GLU B 697 -16.01 -36.93 -52.18
N PHE B 698 -16.77 -36.05 -51.53
CA PHE B 698 -18.23 -36.13 -51.60
C PHE B 698 -18.86 -34.96 -52.33
N ASN B 699 -18.07 -34.02 -52.83
CA ASN B 699 -18.57 -32.87 -53.60
C ASN B 699 -19.60 -32.07 -52.78
N VAL B 700 -19.24 -31.80 -51.54
CA VAL B 700 -20.04 -30.95 -50.66
C VAL B 700 -19.16 -29.80 -50.18
N LYS B 701 -19.66 -28.57 -50.31
CA LYS B 701 -18.93 -27.43 -49.79
C LYS B 701 -18.97 -27.42 -48.27
N THR B 702 -17.81 -27.22 -47.65
CA THR B 702 -17.67 -27.24 -46.21
C THR B 702 -16.89 -26.02 -45.74
N LYS B 703 -17.35 -25.40 -44.66
CA LYS B 703 -16.62 -24.32 -44.03
C LYS B 703 -16.35 -24.66 -42.56
N THR B 704 -15.12 -24.43 -42.11
CA THR B 704 -14.72 -24.72 -40.74
C THR B 704 -14.50 -23.42 -39.98
N PHE B 705 -15.02 -23.35 -38.76
CA PHE B 705 -14.85 -22.21 -37.86
C PHE B 705 -13.98 -22.66 -36.70
N PHE B 706 -12.75 -22.15 -36.67
CA PHE B 706 -11.76 -22.52 -35.67
C PHE B 706 -11.65 -21.44 -34.60
N GLY B 707 -11.24 -21.87 -33.40
CA GLY B 707 -11.00 -20.94 -32.32
C GLY B 707 -12.23 -20.18 -31.85
N VAL B 708 -13.36 -20.86 -31.75
CA VAL B 708 -14.60 -20.24 -31.30
C VAL B 708 -14.64 -20.25 -29.77
N ASN B 709 -14.14 -19.18 -29.16
CA ASN B 709 -14.06 -19.03 -27.71
C ASN B 709 -14.76 -17.75 -27.29
N ALA B 710 -14.58 -17.38 -26.01
CA ALA B 710 -15.22 -16.18 -25.49
C ALA B 710 -14.73 -14.92 -26.18
N ASP B 711 -13.41 -14.79 -26.36
CA ASP B 711 -12.88 -13.60 -27.01
C ASP B 711 -13.32 -13.55 -28.46
N TRP B 712 -13.35 -14.69 -29.14
CA TRP B 712 -13.86 -14.72 -30.50
C TRP B 712 -15.32 -14.32 -30.52
N MET B 713 -16.10 -14.80 -29.54
CA MET B 713 -17.54 -14.54 -29.51
C MET B 713 -17.83 -13.08 -29.24
N ARG B 714 -16.93 -12.38 -28.57
CA ARG B 714 -17.18 -10.96 -28.34
C ARG B 714 -16.66 -10.12 -29.50
N LEU B 715 -15.53 -10.49 -30.10
CA LEU B 715 -15.05 -9.77 -31.27
C LEU B 715 -15.89 -10.09 -32.49
N VAL B 716 -15.91 -11.36 -32.90
CA VAL B 716 -16.71 -11.84 -34.02
C VAL B 716 -17.95 -12.53 -33.46
N GLY B 717 -19.13 -11.96 -33.70
CA GLY B 717 -20.33 -12.56 -33.15
C GLY B 717 -20.60 -13.94 -33.73
N TYR B 718 -21.33 -14.74 -32.96
CA TYR B 718 -21.74 -16.06 -33.43
C TYR B 718 -22.75 -15.98 -34.58
N ASP B 719 -23.32 -14.81 -34.83
CA ASP B 719 -24.28 -14.67 -35.92
C ASP B 719 -23.62 -14.89 -37.28
N GLU B 720 -22.30 -14.77 -37.35
CA GLU B 720 -21.62 -15.04 -38.61
C GLU B 720 -21.84 -16.47 -39.03
N ILE B 721 -21.77 -17.42 -38.08
CA ILE B 721 -22.08 -18.80 -38.42
C ILE B 721 -23.53 -18.89 -38.87
N SER B 722 -24.41 -18.19 -38.16
CA SER B 722 -25.82 -18.22 -38.51
C SER B 722 -26.04 -17.53 -39.84
N LYS B 723 -25.25 -16.50 -40.13
CA LYS B 723 -25.35 -15.88 -41.44
C LYS B 723 -24.95 -16.85 -42.54
N HIS B 724 -23.88 -17.63 -42.31
CA HIS B 724 -23.41 -18.52 -43.37
C HIS B 724 -24.46 -19.56 -43.72
N LEU B 725 -25.09 -20.16 -42.70
CA LEU B 725 -26.06 -21.21 -42.96
C LEU B 725 -27.29 -20.62 -43.59
N ASN B 726 -27.54 -19.33 -43.39
CA ASN B 726 -28.71 -18.71 -43.99
C ASN B 726 -28.49 -18.43 -45.46
N THR B 727 -27.26 -18.12 -45.87
CA THR B 727 -27.01 -17.75 -47.27
C THR B 727 -26.27 -18.80 -48.06
N GLU B 728 -25.11 -19.25 -47.59
CA GLU B 728 -24.31 -20.18 -48.35
C GLU B 728 -24.88 -21.59 -48.25
N LEU B 729 -24.56 -22.41 -49.25
CA LEU B 729 -25.05 -23.78 -49.35
C LEU B 729 -23.88 -24.72 -49.09
N GLY B 730 -24.08 -25.67 -48.18
CA GLY B 730 -23.07 -26.64 -47.85
C GLY B 730 -23.09 -26.96 -46.38
N LYS B 731 -21.97 -27.45 -45.89
CA LYS B 731 -21.82 -27.87 -44.50
C LYS B 731 -20.96 -26.89 -43.72
N VAL B 732 -21.11 -26.92 -42.40
CA VAL B 732 -20.34 -26.07 -41.50
C VAL B 732 -19.91 -26.92 -40.31
N VAL B 733 -18.64 -26.82 -39.94
CA VAL B 733 -18.10 -27.47 -38.76
C VAL B 733 -17.53 -26.40 -37.84
N VAL B 734 -17.96 -26.42 -36.58
CA VAL B 734 -17.54 -25.44 -35.58
C VAL B 734 -16.69 -26.16 -34.54
N PHE B 735 -15.57 -25.53 -34.16
CA PHE B 735 -14.67 -26.09 -33.15
C PHE B 735 -14.69 -25.19 -31.93
N SER B 736 -15.38 -25.61 -30.87
CA SER B 736 -15.44 -24.87 -29.62
C SER B 736 -15.12 -25.79 -28.45
N THR B 737 -15.23 -25.29 -27.23
CA THR B 737 -14.90 -26.04 -26.03
C THR B 737 -16.09 -26.07 -25.08
N TYR B 738 -15.96 -26.88 -24.03
CA TYR B 738 -16.97 -26.93 -22.98
C TYR B 738 -17.06 -25.60 -22.25
N ALA B 739 -15.92 -24.97 -21.99
CA ALA B 739 -15.88 -23.73 -21.22
C ALA B 739 -16.54 -22.57 -21.93
N SER B 740 -16.73 -22.64 -23.25
CA SER B 740 -17.32 -21.55 -24.01
C SER B 740 -18.70 -21.86 -24.56
N MET B 741 -19.01 -23.11 -24.89
CA MET B 741 -20.23 -23.44 -25.62
C MET B 741 -20.93 -24.64 -25.01
N GLY B 742 -21.03 -24.69 -23.68
CA GLY B 742 -21.57 -25.88 -23.08
C GLY B 742 -22.74 -25.72 -22.11
N ALA B 743 -23.10 -24.50 -21.74
CA ALA B 743 -24.05 -24.34 -20.64
C ALA B 743 -25.32 -23.60 -21.02
N GLY B 744 -25.23 -22.49 -21.74
CA GLY B 744 -26.43 -21.69 -21.95
C GLY B 744 -26.60 -21.08 -23.33
N LYS B 745 -25.72 -21.41 -24.26
CA LYS B 745 -25.81 -20.84 -25.59
C LYS B 745 -27.00 -21.41 -26.35
N ASN B 746 -27.66 -20.56 -27.15
CA ASN B 746 -28.65 -20.99 -28.11
C ASN B 746 -28.03 -20.91 -29.51
N PRO B 747 -27.35 -21.96 -29.96
CA PRO B 747 -26.63 -21.92 -31.24
C PRO B 747 -27.49 -22.36 -32.42
N ASP B 748 -28.65 -21.73 -32.58
CA ASP B 748 -29.55 -22.01 -33.68
C ASP B 748 -29.34 -20.98 -34.80
N TYR B 749 -29.88 -21.31 -35.98
CA TYR B 749 -29.71 -20.47 -37.15
C TYR B 749 -31.04 -20.31 -37.87
N ALA B 750 -31.20 -19.21 -38.58
CA ALA B 750 -32.40 -18.97 -39.36
C ALA B 750 -32.42 -19.87 -40.58
N VAL B 751 -33.56 -20.50 -40.84
CA VAL B 751 -33.67 -21.53 -41.85
C VAL B 751 -34.11 -20.92 -43.17
N ASN B 752 -33.33 -21.19 -44.22
CA ASN B 752 -33.69 -20.82 -45.58
C ASN B 752 -34.20 -22.08 -46.28
N LEU B 753 -35.50 -22.09 -46.62
CA LEU B 753 -36.11 -23.31 -47.13
C LEU B 753 -35.49 -23.77 -48.44
N ALA B 754 -34.94 -22.84 -49.21
CA ALA B 754 -34.31 -23.22 -50.48
C ALA B 754 -32.98 -23.93 -50.28
N LEU B 755 -32.34 -23.77 -49.12
CA LEU B 755 -31.07 -24.42 -48.85
C LEU B 755 -31.23 -25.74 -48.10
N GLU B 756 -32.46 -26.13 -47.77
CA GLU B 756 -32.73 -27.39 -47.10
C GLU B 756 -33.77 -28.16 -47.89
N GLY B 757 -33.50 -29.43 -48.18
CA GLY B 757 -34.43 -30.25 -48.93
C GLY B 757 -35.54 -30.79 -48.06
N GLU B 758 -35.94 -32.04 -48.29
CA GLU B 758 -36.95 -32.69 -47.47
C GLU B 758 -36.31 -33.31 -46.22
N SER B 759 -35.68 -32.45 -45.43
CA SER B 759 -34.92 -32.87 -44.26
C SER B 759 -35.49 -32.34 -42.96
N LEU B 760 -35.95 -31.09 -42.92
CA LEU B 760 -36.45 -30.52 -41.68
C LEU B 760 -37.91 -30.88 -41.47
N ILE B 761 -38.24 -31.26 -40.24
CA ILE B 761 -39.58 -31.64 -39.85
C ILE B 761 -39.90 -31.01 -38.51
N SER B 762 -41.12 -30.49 -38.36
CA SER B 762 -41.55 -29.88 -37.11
C SER B 762 -42.02 -30.97 -36.15
N VAL B 763 -41.50 -30.96 -34.93
CA VAL B 763 -41.76 -32.03 -33.97
C VAL B 763 -42.72 -31.61 -32.88
N ALA B 764 -43.04 -30.32 -32.78
CA ALA B 764 -44.06 -29.87 -31.86
C ALA B 764 -45.44 -30.23 -32.40
N ASP B 765 -46.41 -30.36 -31.51
CA ASP B 765 -47.73 -30.81 -31.92
C ASP B 765 -48.67 -29.65 -32.21
N VAL B 766 -48.32 -28.44 -31.77
CA VAL B 766 -49.07 -27.23 -32.03
C VAL B 766 -48.06 -26.09 -32.11
N THR B 767 -47.75 -25.65 -33.33
CA THR B 767 -46.73 -24.64 -33.59
C THR B 767 -46.79 -23.52 -32.55
N TYR B 768 -45.63 -23.17 -32.00
CA TYR B 768 -45.56 -22.22 -30.91
C TYR B 768 -44.62 -21.05 -31.16
N SER B 769 -44.03 -20.97 -32.35
CA SER B 769 -42.97 -19.99 -32.60
C SER B 769 -43.17 -19.33 -33.95
N THR B 770 -42.86 -18.04 -34.02
CA THR B 770 -42.72 -17.36 -35.29
C THR B 770 -41.27 -17.46 -35.74
N GLN B 771 -41.06 -17.33 -37.06
CA GLN B 771 -39.73 -17.46 -37.66
C GLN B 771 -39.31 -18.92 -37.64
N LEU B 772 -38.66 -19.39 -38.70
CA LEU B 772 -38.15 -20.76 -38.75
C LEU B 772 -36.69 -20.78 -38.31
N ARG B 773 -36.40 -21.59 -37.30
CA ARG B 773 -35.06 -21.79 -36.76
C ARG B 773 -34.80 -23.27 -36.58
N SER B 774 -33.56 -23.68 -36.85
CA SER B 774 -33.12 -25.04 -36.61
C SER B 774 -31.82 -25.00 -35.80
N ASP B 775 -31.52 -26.10 -35.14
CA ASP B 775 -30.41 -26.18 -34.21
C ASP B 775 -29.30 -27.04 -34.79
N ILE B 776 -28.27 -27.28 -33.97
CA ILE B 776 -27.14 -28.11 -34.38
C ILE B 776 -27.65 -29.50 -34.76
N ASP B 777 -27.10 -30.05 -35.85
CA ASP B 777 -27.58 -31.30 -36.40
C ASP B 777 -26.65 -32.47 -36.13
N SER B 778 -25.36 -32.22 -35.92
CA SER B 778 -24.41 -33.25 -35.55
C SER B 778 -23.49 -32.71 -34.48
N ILE B 779 -23.06 -33.60 -33.58
CA ILE B 779 -22.22 -33.18 -32.46
C ILE B 779 -21.17 -34.25 -32.20
N TYR B 780 -19.97 -33.81 -31.83
CA TYR B 780 -18.91 -34.67 -31.33
C TYR B 780 -18.57 -34.24 -29.91
N LEU B 781 -18.69 -35.17 -28.96
CA LEU B 781 -18.46 -34.91 -27.55
C LEU B 781 -17.22 -35.65 -27.08
N GLU B 782 -16.15 -34.89 -26.84
CA GLU B 782 -14.96 -35.41 -26.19
C GLU B 782 -15.24 -35.60 -24.70
N LYS B 783 -14.43 -36.44 -24.06
CA LYS B 783 -14.57 -36.65 -22.62
C LYS B 783 -13.91 -35.50 -21.86
N PRO B 784 -14.64 -34.81 -20.97
CA PRO B 784 -14.02 -33.72 -20.20
C PRO B 784 -12.89 -34.23 -19.33
N THR B 785 -11.83 -33.43 -19.20
CA THR B 785 -10.58 -33.93 -18.63
C THR B 785 -10.27 -33.32 -17.27
N GLN B 786 -10.10 -32.01 -17.18
CA GLN B 786 -9.57 -31.40 -15.95
C GLN B 786 -10.71 -31.05 -15.01
N LEU B 787 -11.29 -32.09 -14.41
CA LEU B 787 -12.48 -31.96 -13.61
C LEU B 787 -12.21 -31.57 -12.17
N LEU B 788 -10.96 -31.61 -11.73
CA LEU B 788 -10.58 -31.11 -10.41
C LEU B 788 -10.14 -29.66 -10.57
N LEU B 789 -10.79 -28.75 -9.87
CA LEU B 789 -10.58 -27.33 -10.09
C LEU B 789 -9.15 -26.93 -9.71
N SER B 790 -8.67 -25.87 -10.36
CA SER B 790 -7.37 -25.29 -10.07
C SER B 790 -7.52 -23.77 -9.97
N ASP B 791 -6.44 -23.12 -9.56
CA ASP B 791 -6.43 -21.66 -9.44
C ASP B 791 -5.06 -21.15 -9.88
N ASP B 792 -5.04 -20.35 -10.94
CA ASP B 792 -3.80 -19.79 -11.45
C ASP B 792 -3.47 -18.44 -10.85
N TYR B 793 -4.32 -17.92 -9.97
CA TYR B 793 -4.08 -16.60 -9.40
C TYR B 793 -2.76 -16.55 -8.65
N SER B 794 -2.50 -17.56 -7.82
CA SER B 794 -1.24 -17.68 -7.09
C SER B 794 -1.07 -19.14 -6.67
N HIS B 795 0.01 -19.41 -5.94
CA HIS B 795 0.22 -20.73 -5.37
C HIS B 795 -0.67 -20.95 -4.15
N THR B 796 -0.84 -19.92 -3.34
CA THR B 796 -1.71 -20.02 -2.17
C THR B 796 -3.15 -20.27 -2.59
N ALA B 797 -3.62 -19.60 -3.65
CA ALA B 797 -4.99 -19.80 -4.10
C ALA B 797 -5.21 -21.22 -4.58
N ASN B 798 -4.24 -21.80 -5.28
CA ASN B 798 -4.37 -23.19 -5.71
C ASN B 798 -4.33 -24.15 -4.53
N GLN B 799 -3.54 -23.84 -3.51
CA GLN B 799 -3.50 -24.69 -2.33
C GLN B 799 -4.84 -24.65 -1.61
N LEU B 800 -5.43 -23.45 -1.49
CA LEU B 800 -6.73 -23.33 -0.84
C LEU B 800 -7.81 -24.04 -1.63
N CYS B 801 -7.76 -23.96 -2.97
CA CYS B 801 -8.77 -24.64 -3.78
C CYS B 801 -8.64 -26.16 -3.68
N GLN B 802 -7.41 -26.67 -3.53
CA GLN B 802 -7.25 -28.11 -3.43
C GLN B 802 -7.70 -28.59 -2.06
N PHE B 803 -7.46 -27.79 -1.02
CA PHE B 803 -7.86 -28.25 0.30
C PHE B 803 -9.36 -28.09 0.47
N HIS B 804 -9.95 -27.10 -0.19
CA HIS B 804 -11.40 -26.97 -0.16
C HIS B 804 -12.06 -28.16 -0.81
N GLN B 805 -11.47 -28.67 -1.91
CA GLN B 805 -12.12 -29.79 -2.59
C GLN B 805 -11.96 -31.08 -1.81
N ILE B 806 -10.83 -31.25 -1.10
CA ILE B 806 -10.69 -32.43 -0.27
C ILE B 806 -11.64 -32.35 0.92
N LEU B 807 -11.82 -31.17 1.50
CA LEU B 807 -12.70 -31.08 2.66
C LEU B 807 -14.16 -31.13 2.27
N SER B 808 -14.51 -30.72 1.05
CA SER B 808 -15.88 -30.89 0.59
C SER B 808 -16.18 -32.36 0.30
N LEU B 809 -15.17 -33.10 -0.16
CA LEU B 809 -15.41 -34.52 -0.42
C LEU B 809 -15.48 -35.31 0.87
N GLN B 810 -14.75 -34.87 1.90
CA GLN B 810 -14.86 -35.54 3.19
C GLN B 810 -16.17 -35.18 3.88
N GLU B 811 -16.60 -33.91 3.77
CA GLU B 811 -17.82 -33.48 4.43
C GLU B 811 -19.06 -34.08 3.79
N ASN B 812 -19.06 -34.30 2.47
CA ASN B 812 -20.23 -34.89 1.85
C ASN B 812 -20.37 -36.37 2.19
N GLY B 813 -19.26 -37.08 2.33
CA GLY B 813 -19.29 -38.51 2.60
C GLY B 813 -18.63 -39.36 1.54
N GLU B 814 -18.15 -38.77 0.44
CA GLU B 814 -17.51 -39.55 -0.62
C GLU B 814 -16.15 -40.06 -0.21
N LEU B 815 -15.51 -39.44 0.78
CA LEU B 815 -14.18 -39.80 1.21
C LEU B 815 -14.20 -40.23 2.67
N SER B 816 -13.50 -41.32 2.97
CA SER B 816 -13.26 -41.70 4.34
C SER B 816 -12.36 -40.68 5.03
N PRO B 817 -12.51 -40.47 6.33
CA PRO B 817 -11.59 -39.55 7.03
C PRO B 817 -10.14 -39.96 6.93
N LYS B 818 -9.85 -41.26 6.86
CA LYS B 818 -8.48 -41.70 6.69
C LYS B 818 -7.95 -41.34 5.31
N SER B 819 -8.77 -41.54 4.27
CA SER B 819 -8.33 -41.22 2.92
C SER B 819 -8.26 -39.72 2.72
N ALA B 820 -9.14 -38.96 3.36
CA ALA B 820 -9.10 -37.51 3.24
C ALA B 820 -7.90 -36.94 3.97
N GLU B 821 -7.52 -37.54 5.10
CA GLU B 821 -6.32 -37.07 5.80
C GLU B 821 -5.06 -37.43 5.04
N ASN B 822 -5.02 -38.63 4.43
CA ASN B 822 -3.87 -39.00 3.61
C ASN B 822 -3.75 -38.11 2.38
N TRP B 823 -4.88 -37.75 1.76
CA TRP B 823 -4.83 -36.83 0.62
C TRP B 823 -4.45 -35.43 1.05
N CYS B 824 -4.88 -34.99 2.24
CA CYS B 824 -4.47 -33.67 2.73
C CYS B 824 -2.99 -33.65 3.08
N ARG B 825 -2.45 -34.80 3.50
CA ARG B 825 -1.03 -34.86 3.82
C ARG B 825 -0.20 -34.84 2.54
N GLN B 826 -0.63 -35.60 1.53
CA GLN B 826 0.10 -35.56 0.26
C GLN B 826 -0.03 -34.20 -0.41
N GLN B 827 -1.14 -33.49 -0.17
CA GLN B 827 -1.31 -32.16 -0.72
C GLN B 827 -0.40 -31.15 -0.01
N LEU B 828 -0.20 -31.32 1.30
CA LEU B 828 0.68 -30.40 2.02
C LEU B 828 2.14 -30.57 1.62
N MET B 829 2.55 -31.80 1.28
CA MET B 829 3.93 -32.07 0.88
C MET B 829 4.21 -31.74 -0.57
N GLY B 830 3.21 -31.35 -1.36
CA GLY B 830 3.45 -30.94 -2.73
C GLY B 830 3.30 -32.06 -3.74
N MET B 831 2.15 -32.72 -3.75
CA MET B 831 1.86 -33.73 -4.74
C MET B 831 1.59 -33.09 -6.10
N SER B 832 1.77 -33.88 -7.15
CA SER B 832 1.60 -33.42 -8.52
C SER B 832 0.12 -33.42 -8.92
N ARG B 833 -0.23 -32.53 -9.86
CA ARG B 833 -1.60 -32.41 -10.31
C ARG B 833 -2.12 -33.71 -10.90
N GLU B 834 -1.26 -34.51 -11.53
CA GLU B 834 -1.69 -35.79 -12.05
C GLU B 834 -2.03 -36.76 -10.93
N ARG B 835 -1.36 -36.65 -9.78
CA ARG B 835 -1.69 -37.50 -8.66
C ARG B 835 -3.01 -37.09 -8.04
N SER B 836 -3.28 -35.78 -8.00
CA SER B 836 -4.56 -35.29 -7.53
C SER B 836 -5.69 -35.79 -8.43
N LEU B 837 -5.51 -35.65 -9.74
CA LEU B 837 -6.55 -36.11 -10.65
C LEU B 837 -6.75 -37.62 -10.56
N GLN B 838 -5.67 -38.37 -10.28
CA GLN B 838 -5.81 -39.81 -10.09
C GLN B 838 -6.58 -40.13 -8.83
N GLN B 839 -6.44 -39.30 -7.78
CA GLN B 839 -7.17 -39.55 -6.56
C GLN B 839 -8.63 -39.13 -6.67
N TYR B 840 -8.92 -38.10 -7.45
CA TYR B 840 -10.30 -37.67 -7.67
C TYR B 840 -11.04 -38.60 -8.63
N HIS B 841 -10.33 -39.26 -9.54
CA HIS B 841 -10.98 -40.19 -10.46
C HIS B 841 -11.53 -41.42 -9.75
N GLN B 842 -11.17 -41.65 -8.49
CA GLN B 842 -11.59 -42.85 -7.77
C GLN B 842 -12.92 -42.67 -7.05
N THR B 843 -13.51 -41.48 -7.09
CA THR B 843 -14.76 -41.18 -6.40
C THR B 843 -15.94 -41.21 -7.37
N SER B 844 -17.14 -41.35 -6.81
CA SER B 844 -18.36 -41.24 -7.59
C SER B 844 -18.73 -39.80 -7.90
N ASP B 845 -18.12 -38.85 -7.19
CA ASP B 845 -18.31 -37.44 -7.51
C ASP B 845 -17.80 -37.15 -8.91
N TYR B 846 -16.70 -37.80 -9.29
CA TYR B 846 -16.14 -37.59 -10.63
C TYR B 846 -17.10 -38.08 -11.70
N GLN B 847 -17.77 -39.21 -11.44
CA GLN B 847 -18.69 -39.75 -12.43
C GLN B 847 -19.95 -38.91 -12.53
N SER B 848 -20.39 -38.31 -11.42
CA SER B 848 -21.55 -37.42 -11.52
C SER B 848 -21.17 -36.11 -12.18
N ALA B 849 -19.90 -35.71 -12.09
CA ALA B 849 -19.48 -34.50 -12.78
C ALA B 849 -19.34 -34.76 -14.28
N VAL B 850 -18.89 -35.96 -14.63
CA VAL B 850 -18.74 -36.32 -16.04
C VAL B 850 -20.12 -36.38 -16.68
N ARG B 851 -21.07 -37.02 -16.01
CA ARG B 851 -22.40 -37.14 -16.60
C ARG B 851 -23.10 -35.78 -16.63
N LYS B 852 -22.78 -34.89 -15.69
CA LYS B 852 -23.35 -33.55 -15.73
C LYS B 852 -22.84 -32.75 -16.93
N TYR B 853 -21.54 -32.88 -17.20
CA TYR B 853 -20.96 -32.16 -18.33
C TYR B 853 -21.48 -32.73 -19.65
N ILE B 854 -21.59 -34.05 -19.74
CA ILE B 854 -22.11 -34.66 -20.96
C ILE B 854 -23.55 -34.25 -21.20
N GLU B 855 -24.37 -34.24 -20.14
CA GLU B 855 -25.78 -33.94 -20.34
C GLU B 855 -25.98 -32.49 -20.74
N GLN B 856 -25.19 -31.57 -20.17
CA GLN B 856 -25.31 -30.18 -20.57
C GLN B 856 -24.79 -29.97 -21.99
N ALA B 857 -23.67 -30.60 -22.35
CA ALA B 857 -23.13 -30.42 -23.68
C ALA B 857 -24.04 -31.00 -24.75
N VAL B 858 -24.60 -32.19 -24.49
CA VAL B 858 -25.55 -32.78 -25.43
C VAL B 858 -26.86 -32.00 -25.46
N GLY B 859 -27.11 -31.13 -24.48
CA GLY B 859 -28.34 -30.38 -24.54
C GLY B 859 -28.31 -29.17 -25.46
N ARG B 860 -27.17 -28.89 -26.09
CA ARG B 860 -27.06 -27.79 -27.05
C ARG B 860 -27.67 -28.09 -28.40
N ALA B 861 -28.03 -29.34 -28.68
CA ALA B 861 -28.69 -29.70 -29.92
C ALA B 861 -30.18 -29.93 -29.76
N GLY B 862 -30.80 -29.33 -28.75
CA GLY B 862 -32.21 -29.50 -28.52
C GLY B 862 -32.96 -28.21 -28.28
N ARG B 863 -32.62 -27.15 -29.02
CA ARG B 863 -33.17 -25.83 -28.75
C ARG B 863 -34.48 -25.57 -29.49
N THR B 864 -34.60 -26.06 -30.72
CA THR B 864 -35.75 -25.73 -31.57
C THR B 864 -36.63 -26.95 -31.78
N SER B 865 -37.81 -26.70 -32.35
CA SER B 865 -38.75 -27.74 -32.73
C SER B 865 -38.64 -28.13 -34.19
N LEU B 866 -37.71 -27.55 -34.93
CA LEU B 866 -37.43 -27.95 -36.32
C LEU B 866 -36.23 -28.88 -36.29
N LYS B 867 -36.48 -30.16 -36.54
CA LYS B 867 -35.47 -31.20 -36.37
C LYS B 867 -35.14 -31.84 -37.71
N ARG B 868 -33.88 -32.26 -37.84
CA ARG B 868 -33.53 -33.15 -38.94
C ARG B 868 -34.05 -34.55 -38.65
N LYS B 869 -34.35 -35.29 -39.72
CA LYS B 869 -34.85 -36.65 -39.55
C LYS B 869 -33.83 -37.54 -38.86
N GLN B 870 -32.54 -37.33 -39.14
CA GLN B 870 -31.47 -38.06 -38.47
C GLN B 870 -30.51 -37.05 -37.85
N ILE B 871 -30.19 -37.26 -36.57
CA ILE B 871 -29.24 -36.43 -35.85
C ILE B 871 -28.08 -37.31 -35.42
N LEU B 872 -26.86 -36.89 -35.76
CA LEU B 872 -25.66 -37.69 -35.55
C LEU B 872 -24.94 -37.26 -34.28
N LEU B 873 -24.82 -38.18 -33.33
CA LEU B 873 -24.10 -37.96 -32.08
C LEU B 873 -22.89 -38.87 -32.08
N PHE B 874 -21.70 -38.28 -32.03
CA PHE B 874 -20.44 -39.02 -31.96
C PHE B 874 -19.80 -38.72 -30.62
N VAL B 875 -19.58 -39.77 -29.82
CA VAL B 875 -19.14 -39.62 -28.44
C VAL B 875 -17.82 -40.35 -28.25
N ASP B 876 -16.92 -39.76 -27.46
CA ASP B 876 -15.69 -40.42 -27.08
C ASP B 876 -16.02 -41.75 -26.40
N SER B 877 -15.33 -42.81 -26.79
CA SER B 877 -15.60 -44.11 -26.19
C SER B 877 -15.10 -44.19 -24.75
N GLY B 878 -14.30 -43.22 -24.31
CA GLY B 878 -13.90 -43.19 -22.93
C GLY B 878 -14.99 -42.76 -21.98
N LEU B 879 -16.14 -42.38 -22.53
CA LEU B 879 -17.32 -42.07 -21.74
C LEU B 879 -18.30 -43.22 -21.67
N LYS B 880 -18.03 -44.31 -22.41
CA LYS B 880 -19.02 -45.37 -22.52
C LYS B 880 -19.32 -46.03 -21.18
N GLU B 881 -18.29 -46.33 -20.39
CA GLU B 881 -18.57 -46.95 -19.10
C GLU B 881 -19.28 -45.97 -18.17
N ILE B 882 -18.89 -44.68 -18.22
CA ILE B 882 -19.47 -43.72 -17.29
C ILE B 882 -20.95 -43.53 -17.56
N LEU B 883 -21.31 -43.37 -18.84
CA LEU B 883 -22.72 -43.18 -19.15
C LEU B 883 -23.50 -44.46 -18.86
N ALA B 884 -22.82 -45.60 -18.81
CA ALA B 884 -23.50 -46.83 -18.45
C ALA B 884 -23.88 -46.88 -16.99
N GLU B 885 -23.22 -46.10 -16.14
CA GLU B 885 -23.49 -46.10 -14.70
C GLU B 885 -24.60 -45.15 -14.29
N GLU B 886 -25.24 -44.47 -15.23
CA GLU B 886 -26.34 -43.57 -14.87
C GLU B 886 -27.53 -44.37 -14.35
N SER B 887 -28.04 -44.01 -13.18
CA SER B 887 -29.12 -44.76 -12.57
C SER B 887 -30.22 -43.88 -11.99
N ARG B 888 -30.27 -42.60 -12.34
CA ARG B 888 -31.32 -41.72 -11.86
C ARG B 888 -32.63 -42.00 -12.59
N ASP B 889 -33.67 -41.28 -12.20
CA ASP B 889 -34.97 -41.42 -12.84
C ASP B 889 -34.93 -40.79 -14.22
N PRO B 890 -35.21 -41.55 -15.29
CA PRO B 890 -35.12 -41.00 -16.64
C PRO B 890 -36.26 -40.07 -17.03
N SER B 891 -37.12 -39.66 -16.10
CA SER B 891 -38.27 -38.83 -16.41
C SER B 891 -37.91 -37.35 -16.52
N LEU B 892 -36.64 -36.99 -16.34
CA LEU B 892 -36.23 -35.60 -16.40
C LEU B 892 -35.16 -35.36 -17.46
N PHE B 893 -34.68 -36.42 -18.11
CA PHE B 893 -33.64 -36.29 -19.11
C PHE B 893 -34.21 -35.80 -20.44
N SER B 894 -33.33 -35.28 -21.29
CA SER B 894 -33.69 -34.95 -22.65
C SER B 894 -33.61 -36.19 -23.53
N HIS B 895 -34.09 -36.06 -24.77
CA HIS B 895 -34.12 -37.21 -25.67
C HIS B 895 -32.73 -37.66 -26.07
N GLU B 896 -31.80 -36.71 -26.30
CA GLU B 896 -30.46 -37.08 -26.70
C GLU B 896 -29.71 -37.76 -25.56
N TYR B 897 -29.95 -37.32 -24.32
CA TYR B 897 -29.26 -37.94 -23.19
C TYR B 897 -29.81 -39.33 -22.94
N VAL B 898 -31.12 -39.52 -23.14
CA VAL B 898 -31.70 -40.85 -23.03
C VAL B 898 -31.14 -41.76 -24.12
N ALA B 899 -30.91 -41.20 -25.32
CA ALA B 899 -30.34 -42.01 -26.39
C ALA B 899 -28.90 -42.41 -26.08
N LEU B 900 -28.13 -41.49 -25.50
CA LEU B 900 -26.76 -41.81 -25.11
C LEU B 900 -26.74 -42.89 -24.03
N VAL B 901 -27.61 -42.76 -23.04
CA VAL B 901 -27.60 -43.72 -21.93
C VAL B 901 -28.07 -45.08 -22.41
N ASN B 902 -29.13 -45.11 -23.23
CA ASN B 902 -29.62 -46.38 -23.74
C ASN B 902 -28.58 -47.07 -24.60
N LYS B 903 -27.87 -46.31 -25.44
CA LYS B 903 -26.82 -46.91 -26.26
C LYS B 903 -25.69 -47.48 -25.39
N ALA B 904 -25.28 -46.72 -24.38
CA ALA B 904 -24.18 -47.18 -23.54
C ALA B 904 -24.57 -48.42 -22.74
N LYS B 905 -25.78 -48.43 -22.19
CA LYS B 905 -26.22 -49.59 -21.41
C LYS B 905 -26.41 -50.80 -22.31
N SER B 906 -27.04 -50.62 -23.47
CA SER B 906 -27.30 -51.74 -24.36
C SER B 906 -26.02 -52.27 -24.99
N ALA B 907 -24.93 -51.49 -24.96
CA ALA B 907 -23.69 -51.97 -25.56
C ALA B 907 -23.13 -53.18 -24.80
N GLY B 908 -23.16 -53.14 -23.47
CA GLY B 908 -22.60 -54.21 -22.66
C GLY B 908 -23.34 -54.36 -21.35
N LYS B 909 -22.58 -54.63 -20.28
CA LYS B 909 -23.14 -54.80 -18.95
C LYS B 909 -22.18 -54.22 -17.92
N SER B 910 -22.72 -53.60 -16.89
CA SER B 910 -21.93 -53.00 -15.82
C SER B 910 -22.43 -53.48 -14.46
N ILE B 911 -21.49 -53.61 -13.53
CA ILE B 911 -21.81 -53.95 -12.14
C ILE B 911 -22.11 -52.65 -11.40
N VAL B 912 -23.37 -52.46 -11.04
CA VAL B 912 -23.78 -51.25 -10.34
C VAL B 912 -23.40 -51.34 -8.87
N GLU B 913 -22.66 -50.36 -8.38
CA GLU B 913 -22.25 -50.28 -6.99
C GLU B 913 -23.10 -49.24 -6.26
N ASP B 914 -23.45 -49.57 -5.01
CA ASP B 914 -24.28 -48.67 -4.22
C ASP B 914 -23.44 -47.53 -3.65
N ARG B 915 -24.06 -46.35 -3.56
CA ARG B 915 -23.37 -45.15 -3.09
C ARG B 915 -23.85 -44.64 -1.74
N ALA B 916 -25.08 -44.97 -1.34
CA ALA B 916 -25.58 -44.51 -0.05
C ALA B 916 -24.98 -45.27 1.13
N VAL B 917 -24.62 -46.55 0.95
CA VAL B 917 -24.08 -47.29 2.08
C VAL B 917 -22.60 -46.97 2.28
N ARG B 918 -21.87 -46.66 1.21
CA ARG B 918 -20.49 -46.23 1.39
C ARG B 918 -20.46 -44.86 2.05
N ARG B 919 -21.41 -44.01 1.69
CA ARG B 919 -21.52 -42.70 2.33
C ARG B 919 -21.89 -42.85 3.80
N LEU B 920 -22.72 -43.84 4.13
CA LEU B 920 -23.08 -44.03 5.54
C LEU B 920 -21.90 -44.55 6.35
N PHE B 921 -21.07 -45.41 5.76
CA PHE B 921 -19.87 -45.86 6.46
C PHE B 921 -18.90 -44.70 6.67
N ASN B 922 -18.73 -43.87 5.64
CA ASN B 922 -17.80 -42.74 5.75
C ASN B 922 -18.31 -41.73 6.77
N LEU B 923 -19.61 -41.47 6.78
CA LEU B 923 -20.11 -40.44 7.68
C LEU B 923 -20.21 -40.94 9.11
N ALA B 924 -20.24 -42.26 9.31
CA ALA B 924 -20.13 -42.78 10.65
C ALA B 924 -18.72 -42.62 11.18
N GLN B 925 -17.73 -42.92 10.34
CA GLN B 925 -16.34 -42.70 10.76
C GLN B 925 -16.08 -41.21 11.02
N ARG B 926 -16.63 -40.35 10.16
CA ARG B 926 -16.42 -38.92 10.29
C ARG B 926 -17.02 -38.39 11.58
N ASN B 927 -18.27 -38.76 11.87
CA ASN B 927 -18.93 -38.27 13.08
C ASN B 927 -18.21 -38.77 14.32
N ASN B 928 -17.78 -40.04 14.32
CA ASN B 928 -17.06 -40.56 15.48
C ASN B 928 -15.74 -39.82 15.70
N LYS B 929 -14.98 -39.58 14.62
CA LYS B 929 -13.71 -38.87 14.77
C LYS B 929 -13.92 -37.43 15.24
N ASP B 930 -14.95 -36.76 14.73
CA ASP B 930 -15.23 -35.40 15.18
C ASP B 930 -15.61 -35.38 16.65
N GLY B 931 -16.43 -36.34 17.09
CA GLY B 931 -16.78 -36.39 18.50
C GLY B 931 -15.59 -36.67 19.39
N MET B 932 -14.69 -37.56 18.95
CA MET B 932 -13.49 -37.85 19.72
C MET B 932 -12.64 -36.59 19.88
N LEU B 933 -12.33 -35.91 18.79
CA LEU B 933 -11.45 -34.75 18.86
C LEU B 933 -12.11 -33.63 19.67
N SER B 934 -13.42 -33.44 19.52
CA SER B 934 -14.09 -32.36 20.23
C SER B 934 -14.17 -32.66 21.72
N ILE B 935 -14.41 -33.92 22.08
CA ILE B 935 -14.46 -34.28 23.50
C ILE B 935 -13.10 -34.09 24.14
N LYS B 936 -12.04 -34.58 23.49
CA LYS B 936 -10.71 -34.40 24.08
C LYS B 936 -10.33 -32.94 24.21
N ALA B 937 -10.66 -32.10 23.22
CA ALA B 937 -10.37 -30.68 23.34
C ALA B 937 -11.18 -30.03 24.45
N LEU B 938 -12.44 -30.42 24.60
CA LEU B 938 -13.29 -29.81 25.63
C LEU B 938 -12.83 -30.22 27.03
N VAL B 939 -12.48 -31.49 27.22
CA VAL B 939 -11.99 -31.91 28.52
C VAL B 939 -10.66 -31.26 28.83
N HIS B 940 -9.80 -31.07 27.82
CA HIS B 940 -8.54 -30.39 28.06
C HIS B 940 -8.77 -28.95 28.49
N ARG B 941 -9.76 -28.29 27.89
CA ARG B 941 -10.10 -26.94 28.31
C ARG B 941 -10.71 -26.92 29.71
N LEU B 942 -11.46 -27.96 30.08
CA LEU B 942 -12.01 -28.05 31.43
C LEU B 942 -10.91 -28.21 32.46
N HIS B 943 -9.88 -29.01 32.14
CA HIS B 943 -8.80 -29.27 33.09
C HIS B 943 -7.90 -28.06 33.30
N ASN B 944 -8.00 -27.03 32.47
CA ASN B 944 -7.17 -25.83 32.61
C ASN B 944 -7.92 -24.82 33.47
N GLN B 945 -7.61 -24.80 34.75
CA GLN B 945 -8.30 -23.93 35.68
C GLN B 945 -7.85 -22.47 35.48
N PRO B 946 -8.77 -21.50 35.58
CA PRO B 946 -10.21 -21.65 35.85
C PRO B 946 -11.00 -22.08 34.60
N ALA B 947 -12.10 -22.80 34.80
CA ALA B 947 -12.96 -23.21 33.70
C ALA B 947 -14.03 -22.15 33.45
N SER B 948 -14.10 -21.66 32.22
CA SER B 948 -15.06 -20.62 31.90
C SER B 948 -16.49 -21.17 31.92
N LYS B 949 -17.45 -20.25 32.03
CA LYS B 949 -18.85 -20.66 32.09
C LYS B 949 -19.29 -21.35 30.81
N SER B 950 -18.79 -20.89 29.67
CA SER B 950 -19.20 -21.48 28.39
C SER B 950 -18.83 -22.96 28.30
N ASP B 951 -17.62 -23.33 28.74
CA ASP B 951 -17.23 -24.74 28.74
C ASP B 951 -18.10 -25.56 29.69
N ILE B 952 -18.42 -25.02 30.86
CA ILE B 952 -19.25 -25.74 31.82
C ILE B 952 -20.63 -25.99 31.23
N GLN B 953 -21.22 -24.95 30.63
CA GLN B 953 -22.52 -25.10 30.01
C GLN B 953 -22.48 -26.07 28.85
N GLU B 954 -21.41 -26.04 28.04
CA GLU B 954 -21.28 -26.96 26.92
C GLU B 954 -21.21 -28.41 27.40
N TRP B 955 -20.45 -28.67 28.46
CA TRP B 955 -20.37 -30.02 29.02
C TRP B 955 -21.73 -30.46 29.56
N GLN B 956 -22.44 -29.55 30.24
CA GLN B 956 -23.74 -29.93 30.79
C GLN B 956 -24.74 -30.14 29.67
N ASP B 957 -24.65 -29.36 28.60
CA ASP B 957 -25.58 -29.49 27.49
C ASP B 957 -25.39 -30.83 26.80
N ILE B 958 -24.14 -31.25 26.61
CA ILE B 958 -23.90 -32.55 26.01
C ILE B 958 -24.47 -33.66 26.89
N ARG B 959 -24.21 -33.59 28.20
CA ARG B 959 -24.71 -34.64 29.08
C ARG B 959 -26.24 -34.65 29.15
N THR B 960 -26.86 -33.47 29.19
CA THR B 960 -28.32 -33.39 29.21
C THR B 960 -28.92 -33.92 27.92
N GLN B 961 -28.36 -33.54 26.77
CA GLN B 961 -28.92 -33.96 25.50
C GLN B 961 -28.79 -35.47 25.35
N LEU B 962 -27.62 -36.02 25.67
CA LEU B 962 -27.44 -37.45 25.50
C LEU B 962 -28.28 -38.24 26.50
N LEU B 963 -28.61 -37.63 27.65
CA LEU B 963 -29.48 -38.30 28.61
C LEU B 963 -30.93 -38.29 28.15
N ARG B 964 -31.40 -37.15 27.61
CA ARG B 964 -32.79 -37.03 27.17
C ARG B 964 -33.06 -37.74 25.85
N TYR B 965 -32.12 -37.69 24.91
CA TYR B 965 -32.30 -38.24 23.57
C TYR B 965 -31.10 -39.10 23.19
N PRO B 966 -31.02 -40.33 23.71
CA PRO B 966 -29.99 -41.25 23.20
C PRO B 966 -30.16 -41.57 21.72
N THR B 967 -31.39 -41.52 21.21
CA THR B 967 -31.65 -41.63 19.78
C THR B 967 -32.67 -40.57 19.39
N VAL B 968 -32.61 -40.14 18.13
CA VAL B 968 -33.52 -39.13 17.60
C VAL B 968 -34.14 -39.64 16.31
N ALA B 969 -35.42 -39.35 16.12
CA ALA B 969 -36.15 -39.86 14.95
C ALA B 969 -35.65 -39.20 13.67
N PHE B 970 -35.56 -37.88 13.67
CA PHE B 970 -35.12 -37.10 12.51
C PHE B 970 -33.65 -36.76 12.65
N GLN B 971 -33.06 -36.30 11.56
CA GLN B 971 -31.66 -35.91 11.59
C GLN B 971 -31.51 -34.65 12.43
N PRO B 972 -30.71 -34.67 13.49
CA PRO B 972 -30.60 -33.48 14.35
C PRO B 972 -29.91 -32.33 13.63
N GLU B 973 -30.28 -31.11 14.01
CA GLU B 973 -29.68 -29.89 13.47
C GLU B 973 -29.07 -29.04 14.58
N ARG B 974 -28.88 -29.61 15.75
CA ARG B 974 -28.24 -28.95 16.89
C ARG B 974 -27.10 -29.77 17.47
N PHE B 975 -27.24 -31.09 17.53
CA PHE B 975 -26.18 -31.97 18.03
C PHE B 975 -25.87 -33.04 16.99
N ASN B 976 -25.73 -32.61 15.73
CA ASN B 976 -25.64 -33.55 14.63
C ASN B 976 -24.39 -34.43 14.74
N ARG B 977 -23.31 -33.92 15.32
CA ARG B 977 -22.09 -34.68 15.43
C ARG B 977 -22.11 -35.67 16.59
N LEU B 978 -23.14 -35.62 17.44
CA LEU B 978 -23.29 -36.58 18.51
C LEU B 978 -23.91 -37.89 18.04
N TYR B 979 -24.52 -37.90 16.86
CA TYR B 979 -25.26 -39.06 16.37
C TYR B 979 -24.73 -39.47 15.00
N LEU B 980 -25.00 -40.72 14.66
CA LEU B 980 -24.70 -41.30 13.36
C LEU B 980 -25.92 -42.04 12.85
N GLN B 981 -26.02 -42.14 11.52
CA GLN B 981 -27.02 -42.97 10.88
C GLN B 981 -26.54 -44.41 10.82
N SER B 982 -27.41 -45.35 11.16
CA SER B 982 -27.04 -46.75 11.28
C SER B 982 -27.84 -47.58 10.28
N MET B 983 -27.23 -48.69 9.84
CA MET B 983 -27.96 -49.67 9.04
C MET B 983 -29.12 -50.25 9.82
N THR B 984 -28.87 -50.68 11.05
CA THR B 984 -29.93 -51.15 11.91
C THR B 984 -30.67 -49.96 12.52
N LYS B 985 -31.71 -50.23 13.29
CA LYS B 985 -32.65 -49.19 13.65
C LYS B 985 -32.44 -48.68 15.08
N GLY B 986 -31.86 -49.47 15.97
CA GLY B 986 -31.65 -48.98 17.31
C GLY B 986 -30.31 -49.33 17.92
N TYR B 987 -29.48 -50.04 17.17
CA TYR B 987 -28.21 -50.55 17.64
C TYR B 987 -27.28 -50.63 16.46
N TYR B 988 -25.99 -50.88 16.73
CA TYR B 988 -25.03 -51.14 15.66
C TYR B 988 -23.79 -51.79 16.25
N ARG B 989 -22.98 -52.35 15.36
CA ARG B 989 -21.71 -52.95 15.72
C ARG B 989 -20.57 -52.02 15.32
N TYR B 990 -19.47 -52.08 16.06
CA TYR B 990 -18.31 -51.28 15.75
C TYR B 990 -17.05 -51.97 16.26
N GLN B 991 -15.91 -51.55 15.73
CA GLN B 991 -14.61 -52.01 16.18
C GLN B 991 -13.63 -50.84 16.13
N GLY B 992 -12.97 -50.57 17.24
CA GLY B 992 -11.94 -49.55 17.27
C GLY B 992 -11.39 -49.25 18.64
N ASN B 993 -10.16 -48.74 18.68
CA ASN B 993 -9.54 -48.31 19.93
C ASN B 993 -10.11 -46.94 20.29
N LEU B 994 -10.92 -46.89 21.35
CA LEU B 994 -11.53 -45.63 21.74
C LEU B 994 -10.52 -44.63 22.28
N ASP B 995 -9.32 -45.09 22.65
CA ASP B 995 -8.23 -44.22 23.06
C ASP B 995 -7.07 -44.25 22.07
N GLY B 996 -7.31 -44.74 20.86
CA GLY B 996 -6.28 -44.85 19.85
C GLY B 996 -6.52 -43.97 18.65
N ASP B 997 -6.44 -44.56 17.46
CA ASP B 997 -6.59 -43.80 16.23
C ASP B 997 -8.07 -43.73 15.85
N PRO B 998 -8.65 -42.53 15.73
CA PRO B 998 -10.04 -42.43 15.25
C PRO B 998 -10.21 -42.83 13.79
N ASN B 999 -9.12 -43.00 13.04
CA ASN B 999 -9.18 -43.35 11.63
C ASN B 999 -9.26 -44.85 11.39
N SER B 1000 -9.18 -45.66 12.43
CA SER B 1000 -9.19 -47.12 12.28
C SER B 1000 -10.48 -47.75 12.77
N PHE B 1001 -11.56 -46.97 12.88
CA PHE B 1001 -12.84 -47.49 13.31
C PHE B 1001 -13.60 -48.13 12.16
N GLU B 1002 -14.33 -49.19 12.48
CA GLU B 1002 -15.21 -49.86 11.54
C GLU B 1002 -16.61 -49.92 12.13
N PHE B 1003 -17.61 -50.06 11.25
CA PHE B 1003 -19.00 -49.97 11.68
C PHE B 1003 -19.85 -50.97 10.90
N PHE B 1004 -21.02 -51.24 11.47
CA PHE B 1004 -22.14 -51.92 10.79
C PHE B 1004 -21.69 -53.29 10.28
N ASP B 1005 -21.85 -53.59 8.99
CA ASP B 1005 -21.65 -54.94 8.47
C ASP B 1005 -20.19 -55.32 8.34
N ARG B 1006 -19.27 -54.35 8.34
CA ARG B 1006 -17.85 -54.69 8.22
C ARG B 1006 -17.33 -55.45 9.43
N VAL B 1007 -17.98 -55.32 10.58
CA VAL B 1007 -17.60 -56.01 11.79
C VAL B 1007 -18.80 -56.79 12.31
N PRO B 1008 -18.89 -58.09 12.00
CA PRO B 1008 -20.03 -58.88 12.46
C PRO B 1008 -19.89 -59.44 13.87
N TYR B 1009 -18.71 -59.29 14.49
CA TYR B 1009 -18.48 -59.77 15.85
C TYR B 1009 -17.97 -58.66 16.76
N GLY B 1010 -18.25 -57.41 16.43
CA GLY B 1010 -17.76 -56.29 17.19
C GLY B 1010 -18.62 -55.97 18.40
N ASP B 1011 -18.28 -54.85 19.04
CA ASP B 1011 -18.99 -54.39 20.22
C ASP B 1011 -20.39 -53.92 19.85
N MET B 1012 -21.13 -53.47 20.86
CA MET B 1012 -22.51 -53.03 20.67
C MET B 1012 -22.70 -51.65 21.26
N VAL B 1013 -23.58 -50.87 20.64
CA VAL B 1013 -24.08 -49.62 21.21
C VAL B 1013 -25.59 -49.77 21.25
N SER B 1014 -26.10 -50.27 22.36
CA SER B 1014 -27.53 -50.53 22.50
C SER B 1014 -27.92 -50.33 23.96
N GLU B 1015 -29.12 -50.80 24.31
CA GLU B 1015 -29.59 -50.80 25.69
C GLU B 1015 -29.14 -52.02 26.46
N GLU B 1016 -28.90 -53.14 25.77
CA GLU B 1016 -28.57 -54.38 26.46
C GLU B 1016 -27.28 -54.26 27.25
N ASP B 1017 -26.26 -53.63 26.66
CA ASP B 1017 -25.02 -53.42 27.40
C ASP B 1017 -25.07 -52.21 28.31
N CYS B 1018 -26.03 -51.30 28.10
CA CYS B 1018 -26.27 -50.23 29.04
C CYS B 1018 -26.77 -50.76 30.37
N SER B 1019 -27.58 -51.83 30.34
CA SER B 1019 -28.36 -52.27 31.49
C SER B 1019 -29.26 -51.15 31.99
N LEU B 1020 -29.74 -50.32 31.06
CA LEU B 1020 -30.57 -49.17 31.45
C LEU B 1020 -31.88 -49.63 32.08
N ALA B 1021 -32.52 -50.64 31.49
CA ALA B 1021 -33.75 -51.17 32.08
C ALA B 1021 -33.47 -51.78 33.45
N THR B 1022 -32.34 -52.48 33.59
CA THR B 1022 -31.92 -52.97 34.90
C THR B 1022 -31.68 -51.82 35.89
N LEU B 1023 -31.07 -50.74 35.42
CA LEU B 1023 -30.78 -49.61 36.30
C LEU B 1023 -32.06 -48.92 36.76
N VAL B 1024 -33.01 -48.73 35.84
CA VAL B 1024 -34.22 -47.96 36.15
C VAL B 1024 -35.26 -48.78 36.90
N GLN B 1025 -35.02 -50.07 37.14
CA GLN B 1025 -35.93 -50.80 38.00
C GLN B 1025 -35.76 -50.43 39.47
N ASN B 1026 -34.71 -49.67 39.79
CA ASN B 1026 -34.46 -49.24 41.17
C ASN B 1026 -35.57 -48.32 41.65
N GLN B 1027 -35.93 -48.46 42.92
CA GLN B 1027 -37.06 -47.74 43.50
C GLN B 1027 -36.81 -46.24 43.60
N TYR B 1028 -35.55 -45.81 43.60
CA TYR B 1028 -35.17 -44.41 43.74
C TYR B 1028 -34.65 -43.79 42.46
N VAL B 1029 -34.07 -44.59 41.56
CA VAL B 1029 -33.65 -44.07 40.26
C VAL B 1029 -34.87 -43.70 39.41
N ARG B 1030 -35.92 -44.53 39.42
CA ARG B 1030 -37.04 -44.30 38.51
C ARG B 1030 -37.73 -42.96 38.71
N PRO B 1031 -38.06 -42.51 39.93
CA PRO B 1031 -38.71 -41.21 40.04
C PRO B 1031 -37.81 -40.07 39.63
N TRP B 1032 -36.50 -40.20 39.82
CA TRP B 1032 -35.59 -39.14 39.41
C TRP B 1032 -35.52 -39.05 37.89
N PHE B 1033 -35.45 -40.21 37.23
CA PHE B 1033 -35.41 -40.21 35.77
C PHE B 1033 -36.70 -39.65 35.21
N GLU B 1034 -37.83 -39.96 35.85
CA GLU B 1034 -39.11 -39.46 35.34
C GLU B 1034 -39.24 -37.96 35.55
N ARG B 1035 -38.82 -37.45 36.73
CA ARG B 1035 -38.88 -36.02 36.98
C ARG B 1035 -37.97 -35.25 36.02
N LYS B 1036 -36.75 -35.73 35.82
CA LYS B 1036 -35.78 -34.96 35.03
C LYS B 1036 -36.11 -34.97 33.55
N GLY B 1037 -36.95 -35.90 33.10
CA GLY B 1037 -37.21 -36.04 31.69
C GLY B 1037 -36.25 -36.93 30.94
N PHE B 1038 -35.30 -37.56 31.63
CA PHE B 1038 -34.36 -38.46 31.00
C PHE B 1038 -35.10 -39.70 30.49
N ALA B 1039 -34.70 -40.18 29.31
CA ALA B 1039 -35.36 -41.34 28.73
C ALA B 1039 -35.00 -42.60 29.50
N CYS B 1040 -36.00 -43.37 29.87
CA CYS B 1040 -35.83 -44.68 30.48
C CYS B 1040 -35.87 -45.82 29.47
N SER B 1041 -36.02 -45.49 28.19
CA SER B 1041 -36.02 -46.50 27.13
C SER B 1041 -35.37 -45.89 25.90
N TRP B 1042 -34.79 -46.75 25.06
CA TRP B 1042 -34.15 -46.32 23.82
C TRP B 1042 -35.15 -46.50 22.69
N GLN B 1043 -35.68 -45.39 22.19
CA GLN B 1043 -36.54 -45.45 21.01
C GLN B 1043 -35.76 -45.96 19.82
N LYS B 1044 -36.40 -46.83 19.02
CA LYS B 1044 -35.78 -47.44 17.85
C LYS B 1044 -35.76 -46.39 16.74
N GLU B 1045 -34.79 -45.49 16.84
CA GLU B 1045 -34.61 -44.42 15.87
C GLU B 1045 -33.27 -44.62 15.16
N ALA B 1046 -33.26 -44.35 13.85
CA ALA B 1046 -32.09 -44.66 13.03
C ALA B 1046 -30.87 -43.83 13.39
N ASN B 1047 -31.04 -42.72 14.08
CA ASN B 1047 -29.94 -41.86 14.49
C ASN B 1047 -29.54 -42.24 15.91
N VAL B 1048 -28.40 -42.92 16.07
CA VAL B 1048 -27.96 -43.39 17.37
C VAL B 1048 -26.64 -42.73 17.71
N MET B 1049 -26.31 -42.71 19.00
CA MET B 1049 -25.09 -42.07 19.47
C MET B 1049 -23.85 -42.76 18.92
N THR B 1050 -22.75 -42.00 18.83
CA THR B 1050 -21.46 -42.53 18.41
C THR B 1050 -20.82 -43.29 19.57
N PRO B 1051 -19.87 -44.19 19.27
CA PRO B 1051 -19.23 -44.96 20.36
C PRO B 1051 -18.50 -44.09 21.37
N ILE B 1052 -17.93 -42.96 20.93
CA ILE B 1052 -17.26 -42.06 21.87
C ILE B 1052 -18.26 -41.49 22.85
N MET B 1053 -19.41 -41.04 22.35
CA MET B 1053 -20.42 -40.47 23.24
C MET B 1053 -21.06 -41.57 24.08
N PHE B 1054 -21.15 -42.79 23.53
CA PHE B 1054 -21.71 -43.91 24.26
C PHE B 1054 -20.87 -44.26 25.48
N THR B 1055 -19.55 -44.28 25.32
CA THR B 1055 -18.70 -44.76 26.40
C THR B 1055 -18.21 -43.66 27.32
N ASN B 1056 -17.77 -42.52 26.76
CA ASN B 1056 -17.13 -41.49 27.57
C ASN B 1056 -18.09 -40.46 28.14
N ILE B 1057 -19.34 -40.43 27.68
CA ILE B 1057 -20.26 -39.38 28.14
C ILE B 1057 -21.55 -39.97 28.69
N TYR B 1058 -22.21 -40.80 27.89
CA TYR B 1058 -23.56 -41.27 28.25
C TYR B 1058 -23.54 -42.16 29.49
N LYS B 1059 -22.67 -43.17 29.51
CA LYS B 1059 -22.62 -44.06 30.67
C LYS B 1059 -22.17 -43.33 31.93
N GLY B 1060 -21.26 -42.36 31.79
CA GLY B 1060 -20.84 -41.58 32.94
C GLY B 1060 -21.98 -40.77 33.52
N ALA B 1061 -22.81 -40.20 32.66
CA ALA B 1061 -23.95 -39.43 33.15
C ALA B 1061 -25.01 -40.36 33.75
N LEU B 1062 -25.18 -41.55 33.17
CA LEU B 1062 -26.13 -42.51 33.73
C LEU B 1062 -25.71 -42.91 35.14
N GLY B 1063 -24.42 -43.19 35.33
CA GLY B 1063 -23.95 -43.58 36.65
C GLY B 1063 -24.02 -42.44 37.65
N GLU B 1064 -23.67 -41.22 37.20
CA GLU B 1064 -23.70 -40.09 38.12
C GLU B 1064 -25.12 -39.76 38.54
N GLN B 1065 -26.07 -39.82 37.60
CA GLN B 1065 -27.46 -39.52 37.94
C GLN B 1065 -28.04 -40.60 38.84
N ALA B 1066 -27.74 -41.87 38.56
CA ALA B 1066 -28.28 -42.94 39.39
C ALA B 1066 -27.73 -42.87 40.80
N VAL B 1067 -26.43 -42.59 40.93
CA VAL B 1067 -25.83 -42.47 42.26
C VAL B 1067 -26.45 -41.30 43.01
N GLU B 1068 -26.59 -40.15 42.34
CA GLU B 1068 -27.17 -38.98 43.01
C GLU B 1068 -28.61 -39.25 43.44
N ALA B 1069 -29.39 -39.92 42.60
CA ALA B 1069 -30.76 -40.25 42.95
C ALA B 1069 -30.82 -41.20 44.15
N VAL B 1070 -29.93 -42.20 44.17
CA VAL B 1070 -29.92 -43.15 45.28
C VAL B 1070 -29.53 -42.47 46.58
N LEU B 1071 -28.51 -41.61 46.53
CA LEU B 1071 -28.02 -40.98 47.75
C LEU B 1071 -28.94 -39.87 48.27
N THR B 1072 -29.58 -39.11 47.37
CA THR B 1072 -30.42 -38.00 47.80
C THR B 1072 -31.60 -38.48 48.64
N ALA B 1073 -32.04 -39.71 48.45
CA ALA B 1073 -33.08 -40.28 49.31
C ALA B 1073 -32.58 -40.51 50.73
N PHE B 1074 -31.27 -40.55 50.95
CA PHE B 1074 -30.70 -40.74 52.27
C PHE B 1074 -30.25 -39.43 52.91
N ASP B 1075 -30.96 -38.33 52.63
CA ASP B 1075 -30.69 -37.02 53.21
C ASP B 1075 -29.26 -36.54 52.92
N PHE B 1076 -28.83 -36.70 51.69
CA PHE B 1076 -27.52 -36.25 51.23
C PHE B 1076 -27.70 -35.00 50.37
N THR B 1077 -26.87 -34.00 50.61
CA THR B 1077 -26.94 -32.76 49.85
C THR B 1077 -25.75 -32.66 48.91
N PHE B 1078 -26.01 -32.27 47.67
CA PHE B 1078 -25.01 -32.22 46.62
C PHE B 1078 -24.87 -30.80 46.07
N GLU B 1079 -23.63 -30.39 45.83
CA GLU B 1079 -23.33 -29.07 45.34
C GLU B 1079 -22.41 -29.18 44.14
N GLU B 1080 -22.45 -28.13 43.32
CA GLU B 1080 -21.61 -28.03 42.14
C GLU B 1080 -20.15 -27.88 42.53
N VAL B 1081 -19.28 -28.52 41.76
CA VAL B 1081 -17.85 -28.57 42.07
C VAL B 1081 -17.22 -27.24 41.65
N PRO B 1082 -16.32 -26.67 42.44
CA PRO B 1082 -15.70 -25.39 42.07
C PRO B 1082 -14.98 -25.48 40.73
N ASN B 1083 -14.97 -24.33 40.03
CA ASN B 1083 -14.42 -24.29 38.68
C ASN B 1083 -12.94 -24.66 38.62
N SER B 1084 -12.22 -24.52 39.73
CA SER B 1084 -10.80 -24.86 39.76
C SER B 1084 -10.56 -26.35 39.94
N ILE B 1085 -11.59 -27.12 40.28
CA ILE B 1085 -11.45 -28.55 40.49
C ILE B 1085 -12.52 -29.26 39.65
N TYR B 1086 -12.92 -28.63 38.56
CA TYR B 1086 -13.95 -29.22 37.71
C TYR B 1086 -13.44 -30.48 37.03
N GLU B 1087 -14.36 -31.41 36.79
CA GLU B 1087 -14.13 -32.66 36.07
C GLU B 1087 -13.25 -33.61 36.89
N ARG B 1088 -12.73 -33.15 38.03
CA ARG B 1088 -11.92 -34.00 38.89
C ARG B 1088 -12.78 -34.96 39.70
N PHE B 1089 -13.93 -34.48 40.19
CA PHE B 1089 -14.85 -35.31 40.94
C PHE B 1089 -16.27 -34.97 40.51
N ASP B 1090 -17.19 -35.89 40.76
CA ASP B 1090 -18.56 -35.72 40.29
C ASP B 1090 -19.26 -34.56 40.99
N ASN B 1091 -19.44 -34.64 42.30
CA ASN B 1091 -20.18 -33.60 43.02
C ASN B 1091 -19.53 -33.33 44.37
N ARG B 1092 -20.12 -32.41 45.14
CA ARG B 1092 -19.67 -32.17 46.50
C ARG B 1092 -20.79 -32.56 47.46
N VAL B 1093 -20.43 -33.29 48.50
CA VAL B 1093 -21.38 -33.94 49.42
C VAL B 1093 -21.29 -33.26 50.77
N ILE B 1094 -22.46 -32.85 51.28
CA ILE B 1094 -22.66 -32.33 52.63
C ILE B 1094 -23.78 -33.15 53.25
N PHE B 1095 -23.55 -33.67 54.46
CA PHE B 1095 -24.52 -34.58 55.07
C PHE B 1095 -24.48 -34.44 56.59
N ALA B 1096 -25.68 -34.43 57.19
CA ALA B 1096 -25.86 -34.43 58.65
C ALA B 1096 -25.15 -33.27 59.33
N GLY B 1097 -25.05 -32.13 58.64
CA GLY B 1097 -24.40 -30.98 59.21
C GLY B 1097 -22.94 -31.20 59.55
N ILE B 1098 -22.24 -31.97 58.72
CA ILE B 1098 -20.82 -32.23 58.92
C ILE B 1098 -20.04 -31.12 58.23
N GLU B 1099 -19.19 -30.42 58.99
CA GLU B 1099 -18.44 -29.31 58.44
C GLU B 1099 -17.30 -29.75 57.54
N GLN B 1100 -16.95 -31.03 57.55
CA GLN B 1100 -15.92 -31.53 56.67
C GLN B 1100 -16.47 -31.66 55.25
N PRO B 1101 -15.88 -31.01 54.26
CA PRO B 1101 -16.34 -31.19 52.88
C PRO B 1101 -16.18 -32.62 52.42
N ILE B 1102 -17.12 -33.10 51.60
CA ILE B 1102 -17.06 -34.45 51.07
C ILE B 1102 -17.06 -34.34 49.55
N TRP B 1103 -16.21 -35.11 48.88
CA TRP B 1103 -16.14 -35.08 47.43
C TRP B 1103 -16.59 -36.41 46.86
N LEU B 1104 -17.44 -36.37 45.83
CA LEU B 1104 -18.01 -37.57 45.24
C LEU B 1104 -17.46 -37.76 43.83
N ASP B 1105 -17.01 -38.98 43.55
CA ASP B 1105 -16.56 -39.45 42.24
C ASP B 1105 -17.39 -40.69 41.91
N SER B 1106 -18.37 -40.54 41.03
CA SER B 1106 -19.32 -41.60 40.74
C SER B 1106 -19.06 -42.22 39.38
N LYS B 1107 -19.14 -43.53 39.31
CA LYS B 1107 -18.94 -44.29 38.08
C LYS B 1107 -20.16 -45.17 37.82
N TYR B 1108 -20.41 -45.44 36.54
CA TYR B 1108 -21.55 -46.27 36.17
C TYR B 1108 -21.39 -47.71 36.66
N TRP B 1109 -20.25 -48.32 36.35
CA TRP B 1109 -19.95 -49.69 36.77
C TRP B 1109 -18.44 -49.83 36.93
N LYS B 1110 -17.98 -51.07 37.07
CA LYS B 1110 -16.57 -51.31 37.38
C LYS B 1110 -15.69 -51.07 36.16
N HIS B 1111 -16.01 -51.71 35.04
CA HIS B 1111 -15.19 -51.71 33.82
C HIS B 1111 -13.71 -51.82 34.19
N GLU B 1112 -12.86 -51.01 33.54
CA GLU B 1112 -11.43 -51.02 33.83
C GLU B 1112 -10.96 -49.57 33.88
N GLY B 1113 -10.56 -49.12 35.06
CA GLY B 1113 -9.98 -47.81 35.24
C GLY B 1113 -8.46 -47.82 35.18
N ASN B 1114 -7.89 -47.39 34.06
CA ASN B 1114 -6.45 -47.44 33.88
C ASN B 1114 -5.71 -46.49 34.80
N GLU B 1115 -6.40 -45.53 35.42
CA GLU B 1115 -5.76 -44.60 36.33
C GLU B 1115 -5.29 -45.36 37.57
N SER B 1116 -3.99 -45.54 37.70
CA SER B 1116 -3.42 -46.24 38.85
C SER B 1116 -3.40 -45.30 40.05
N SER B 1117 -2.75 -45.72 41.13
CA SER B 1117 -2.67 -44.90 42.33
C SER B 1117 -1.89 -43.61 42.12
N GLU B 1118 -1.08 -43.54 41.06
CA GLU B 1118 -0.33 -42.30 40.78
C GLU B 1118 -1.27 -41.15 40.44
N GLY B 1119 -2.09 -41.31 39.40
CA GLY B 1119 -2.99 -40.23 39.01
C GLY B 1119 -4.03 -39.93 40.06
N TYR B 1120 -4.51 -40.96 40.75
CA TYR B 1120 -5.50 -40.74 41.80
C TYR B 1120 -4.90 -39.98 42.97
N SER B 1121 -3.69 -40.39 43.40
CA SER B 1121 -3.02 -39.70 44.48
C SER B 1121 -2.69 -38.26 44.11
N SER B 1122 -2.34 -38.02 42.84
CA SER B 1122 -2.13 -36.66 42.37
C SER B 1122 -3.41 -35.83 42.47
N LYS B 1123 -4.54 -36.44 42.10
CA LYS B 1123 -5.82 -35.73 42.20
C LYS B 1123 -6.15 -35.42 43.66
N ILE B 1124 -5.90 -36.38 44.56
CA ILE B 1124 -6.13 -36.14 45.99
C ILE B 1124 -5.22 -35.03 46.48
N ALA B 1125 -3.97 -35.01 46.02
CA ALA B 1125 -3.05 -33.96 46.44
C ALA B 1125 -3.56 -32.60 46.00
N LEU B 1126 -4.06 -32.52 44.77
CA LEU B 1126 -4.53 -31.23 44.25
C LEU B 1126 -5.76 -30.75 45.03
N VAL B 1127 -6.70 -31.65 45.31
CA VAL B 1127 -7.90 -31.22 46.02
C VAL B 1127 -7.57 -30.86 47.46
N GLU B 1128 -6.76 -31.68 48.13
CA GLU B 1128 -6.40 -31.40 49.51
C GLU B 1128 -5.62 -30.09 49.63
N GLU B 1129 -4.74 -29.82 48.66
CA GLU B 1129 -4.05 -28.54 48.64
C GLU B 1129 -5.02 -27.37 48.46
N GLU B 1130 -6.06 -27.57 47.64
CA GLU B 1130 -6.99 -26.46 47.42
C GLU B 1130 -7.93 -26.24 48.60
N PHE B 1131 -8.42 -27.32 49.22
CA PHE B 1131 -9.49 -27.23 50.21
C PHE B 1131 -9.17 -27.93 51.52
N GLY B 1132 -7.89 -28.21 51.80
CA GLY B 1132 -7.51 -28.83 53.04
C GLY B 1132 -7.93 -30.29 53.11
N PRO B 1133 -7.93 -30.86 54.32
CA PRO B 1133 -8.34 -32.26 54.48
C PRO B 1133 -9.80 -32.47 54.12
N SER B 1134 -10.08 -33.66 53.57
CA SER B 1134 -11.44 -34.02 53.17
C SER B 1134 -11.52 -35.53 53.03
N LYS B 1135 -12.75 -36.03 52.99
CA LYS B 1135 -13.03 -37.44 52.75
C LYS B 1135 -13.43 -37.65 51.30
N PHE B 1136 -13.28 -38.90 50.83
CA PHE B 1136 -13.59 -39.20 49.44
C PHE B 1136 -14.37 -40.51 49.34
N ILE B 1137 -15.25 -40.56 48.35
CA ILE B 1137 -16.07 -41.73 48.06
C ILE B 1137 -15.79 -42.17 46.63
N TYR B 1138 -15.35 -43.40 46.47
CA TYR B 1138 -15.14 -44.05 45.18
C TYR B 1138 -16.25 -45.08 45.06
N VAL B 1139 -17.35 -44.68 44.42
CA VAL B 1139 -18.57 -45.48 44.40
C VAL B 1139 -18.85 -45.90 42.96
N ASN B 1140 -19.28 -47.14 42.79
CA ASN B 1140 -19.76 -47.61 41.50
C ASN B 1140 -21.27 -47.74 41.56
N ALA B 1141 -21.96 -47.19 40.55
CA ALA B 1141 -23.42 -47.21 40.55
C ALA B 1141 -23.94 -48.63 40.48
N LEU B 1142 -23.42 -49.43 39.56
CA LEU B 1142 -23.92 -50.78 39.30
C LEU B 1142 -22.83 -51.80 39.58
N GLY B 1143 -23.24 -52.97 40.03
CA GLY B 1143 -22.30 -54.03 40.36
C GLY B 1143 -22.98 -55.07 41.23
N ASP B 1144 -22.14 -55.82 41.95
CA ASP B 1144 -22.61 -56.89 42.83
C ASP B 1144 -22.71 -56.35 44.26
N THR B 1145 -23.84 -56.59 44.90
CA THR B 1145 -24.07 -56.12 46.26
C THR B 1145 -23.40 -56.98 47.32
N SER B 1146 -22.95 -58.19 46.96
CA SER B 1146 -22.28 -59.05 47.92
C SER B 1146 -20.83 -58.67 48.13
N LYS B 1147 -20.24 -57.88 47.23
CA LYS B 1147 -18.84 -57.52 47.33
C LYS B 1147 -18.62 -56.63 48.55
N PRO B 1148 -17.46 -56.75 49.20
CA PRO B 1148 -17.19 -55.94 50.40
C PRO B 1148 -16.96 -54.48 50.05
N ILE B 1149 -17.25 -53.62 51.03
CA ILE B 1149 -16.98 -52.20 50.94
C ILE B 1149 -15.58 -51.97 51.48
N ARG B 1150 -14.70 -51.39 50.67
CA ARG B 1150 -13.29 -51.31 51.03
C ARG B 1150 -12.89 -49.91 51.46
N TYR B 1151 -11.86 -49.85 52.30
CA TYR B 1151 -11.30 -48.59 52.78
C TYR B 1151 -9.86 -48.47 52.31
N LEU B 1152 -9.54 -47.35 51.67
CA LEU B 1152 -8.21 -47.10 51.13
C LEU B 1152 -7.74 -45.72 51.56
N ASN B 1153 -6.43 -45.57 51.68
CA ASN B 1153 -5.84 -44.28 52.00
C ASN B 1153 -5.65 -43.47 50.72
N SER B 1154 -4.98 -42.33 50.83
CA SER B 1154 -4.70 -41.51 49.65
C SER B 1154 -3.73 -42.18 48.69
N CYS B 1155 -3.04 -43.23 49.13
CA CYS B 1155 -2.10 -43.97 48.29
C CYS B 1155 -2.67 -45.27 47.77
N PHE B 1156 -4.00 -45.47 47.90
CA PHE B 1156 -4.67 -46.69 47.44
C PHE B 1156 -4.08 -47.93 48.11
N VAL B 1157 -3.91 -47.86 49.43
CA VAL B 1157 -3.44 -48.98 50.24
C VAL B 1157 -4.49 -49.26 51.31
N GLU B 1158 -4.86 -50.53 51.42
CA GLU B 1158 -5.88 -50.93 52.40
C GLU B 1158 -5.38 -50.73 53.82
N THR B 1159 -6.27 -50.29 54.70
CA THR B 1159 -5.92 -50.00 56.08
C THR B 1159 -7.20 -50.05 56.92
N SER B 1160 -7.10 -49.64 58.17
CA SER B 1160 -8.26 -49.58 59.04
C SER B 1160 -9.21 -48.48 58.57
N PRO B 1161 -10.51 -48.63 58.81
CA PRO B 1161 -11.46 -47.58 58.39
C PRO B 1161 -11.16 -46.23 59.00
N GLN B 1162 -10.72 -46.19 60.25
CA GLN B 1162 -10.47 -44.93 60.93
C GLN B 1162 -9.24 -44.19 60.41
N LEU B 1163 -8.41 -44.86 59.61
CA LEU B 1163 -7.22 -44.24 59.03
C LEU B 1163 -7.24 -44.28 57.51
N ALA B 1164 -8.42 -44.39 56.91
CA ALA B 1164 -8.58 -44.41 55.46
C ALA B 1164 -9.34 -43.15 55.04
N LYS B 1165 -8.74 -42.35 54.16
CA LYS B 1165 -9.35 -41.12 53.69
C LYS B 1165 -10.39 -41.36 52.60
N VAL B 1166 -10.35 -42.53 51.95
CA VAL B 1166 -11.23 -42.85 50.82
C VAL B 1166 -11.96 -44.14 51.13
N ILE B 1167 -13.28 -44.13 50.94
CA ILE B 1167 -14.08 -45.34 51.05
C ILE B 1167 -14.62 -45.67 49.65
N GLU B 1168 -14.50 -46.93 49.26
CA GLU B 1168 -14.97 -47.38 47.95
C GLU B 1168 -16.11 -48.38 48.12
N ILE B 1169 -17.18 -48.15 47.37
CA ILE B 1169 -18.40 -48.96 47.38
C ILE B 1169 -18.49 -49.69 46.05
N PRO B 1170 -18.51 -51.03 46.06
CA PRO B 1170 -18.60 -51.78 44.80
C PRO B 1170 -19.86 -51.49 44.01
N ALA B 1171 -20.98 -51.26 44.68
CA ALA B 1171 -22.23 -51.01 43.98
C ALA B 1171 -23.22 -50.31 44.90
N LEU B 1172 -24.22 -49.68 44.28
CA LEU B 1172 -25.33 -49.08 45.00
C LEU B 1172 -26.69 -49.67 44.61
N ILE B 1173 -26.81 -50.21 43.41
CA ILE B 1173 -28.01 -50.91 42.98
C ILE B 1173 -27.59 -52.24 42.36
N ASP B 1174 -28.28 -53.31 42.72
CA ASP B 1174 -27.95 -54.63 42.21
C ASP B 1174 -28.24 -54.74 40.72
N ASP B 1175 -27.44 -55.56 40.04
CA ASP B 1175 -27.60 -55.78 38.60
C ASP B 1175 -28.29 -57.09 38.27
N SER B 1176 -28.37 -58.02 39.22
CA SER B 1176 -28.99 -59.32 38.96
C SER B 1176 -30.48 -59.32 39.23
N ASN B 1177 -30.96 -58.48 40.15
CA ASN B 1177 -32.37 -58.40 40.46
C ASN B 1177 -32.85 -56.97 40.70
N ALA B 1178 -31.98 -55.98 40.56
CA ALA B 1178 -32.33 -54.56 40.71
C ALA B 1178 -32.94 -54.28 42.09
N ASP B 1179 -32.13 -54.49 43.12
CA ASP B 1179 -32.48 -54.16 44.49
C ASP B 1179 -31.42 -53.24 45.06
N THR B 1180 -31.85 -52.16 45.71
CA THR B 1180 -30.92 -51.15 46.21
C THR B 1180 -30.03 -51.74 47.31
N ASN B 1181 -28.74 -51.42 47.26
CA ASN B 1181 -27.79 -51.87 48.26
C ASN B 1181 -27.94 -50.97 49.50
N ARG B 1182 -28.96 -51.30 50.30
CA ARG B 1182 -29.24 -50.52 51.50
C ARG B 1182 -28.14 -50.66 52.54
N THR B 1183 -27.57 -51.85 52.67
CA THR B 1183 -26.52 -52.07 53.66
C THR B 1183 -25.28 -51.24 53.37
N ALA B 1184 -24.88 -51.15 52.10
CA ALA B 1184 -23.68 -50.39 51.76
C ALA B 1184 -23.88 -48.90 52.03
N VAL B 1185 -25.06 -48.37 51.72
CA VAL B 1185 -25.35 -46.97 52.03
C VAL B 1185 -25.38 -46.75 53.54
N GLN B 1186 -25.93 -47.71 54.28
CA GLN B 1186 -25.99 -47.56 55.74
C GLN B 1186 -24.58 -47.55 56.33
N GLU B 1187 -23.71 -48.44 55.83
CA GLU B 1187 -22.34 -48.48 56.31
C GLU B 1187 -21.59 -47.20 55.96
N LEU B 1188 -21.83 -46.67 54.76
CA LEU B 1188 -21.21 -45.39 54.39
C LEU B 1188 -21.69 -44.27 55.30
N ILE B 1189 -22.98 -44.23 55.61
CA ILE B 1189 -23.53 -43.22 56.51
C ILE B 1189 -22.91 -43.32 57.89
N LYS B 1190 -22.80 -44.55 58.41
CA LYS B 1190 -22.21 -44.75 59.73
C LYS B 1190 -20.73 -44.36 59.74
N TRP B 1191 -19.98 -44.70 58.69
CA TRP B 1191 -18.59 -44.28 58.62
C TRP B 1191 -18.46 -42.77 58.54
N LEU B 1192 -19.36 -42.12 57.80
CA LEU B 1192 -19.38 -40.66 57.75
C LEU B 1192 -19.65 -40.07 59.13
N HIS B 1193 -20.53 -40.70 59.90
CA HIS B 1193 -20.70 -40.29 61.29
C HIS B 1193 -19.42 -40.51 62.10
N HIS B 1194 -18.73 -41.62 61.86
CA HIS B 1194 -17.45 -41.85 62.51
C HIS B 1194 -16.39 -40.84 62.08
N SER B 1195 -16.49 -40.34 60.85
CA SER B 1195 -15.52 -39.37 60.34
C SER B 1195 -15.66 -38.04 61.07
PG AGS E . 29.96 25.60 -20.10
S1G AGS E . 29.31 26.90 -18.65
O2G AGS E . 28.70 25.95 -21.01
O3G AGS E . 29.90 24.14 -19.74
PB AGS E . 32.71 25.16 -20.97
O1B AGS E . 33.77 26.08 -20.74
O2B AGS E . 32.53 23.96 -20.19
O3B AGS E . 31.38 25.99 -20.84
PA AGS E . 33.09 23.31 -23.18
O1A AGS E . 34.39 22.72 -23.06
O2A AGS E . 31.88 22.48 -23.18
O3A AGS E . 32.89 24.70 -22.47
O5' AGS E . 33.12 23.94 -24.61
C5' AGS E . 34.26 24.42 -25.28
C4' AGS E . 34.23 23.75 -26.64
O4' AGS E . 35.51 23.57 -27.20
C3' AGS E . 33.77 22.36 -26.51
O3' AGS E . 33.27 22.01 -27.76
C2' AGS E . 35.01 21.58 -26.23
O2' AGS E . 34.82 20.28 -26.72
C1' AGS E . 36.05 22.28 -27.03
N9 AGS E . 37.35 22.46 -26.34
C8 AGS E . 37.54 23.17 -25.24
N7 AGS E . 38.82 23.19 -24.88
C5 AGS E . 39.47 22.47 -25.77
C6 AGS E . 40.86 22.07 -25.97
N6 AGS E . 41.81 22.47 -25.15
N1 AGS E . 41.13 21.32 -27.02
C2 AGS E . 40.19 20.91 -27.87
N3 AGS E . 38.90 21.24 -27.75
C4 AGS E . 38.50 22.00 -26.73
MG MG F . 29.74 22.17 -19.09
PG AGS G . -30.85 -23.81 -20.89
S1G AGS G . -30.10 -25.20 -19.57
O2G AGS G . -29.67 -24.11 -21.92
O3G AGS G . -30.77 -22.38 -20.43
PB AGS G . -33.65 -23.29 -21.59
O1B AGS G . -33.44 -22.19 -20.68
O2B AGS G . -34.73 -24.20 -21.46
O3B AGS G . -32.34 -24.17 -21.53
PA AGS G . -34.17 -21.31 -23.62
O1A AGS G . -35.58 -20.99 -23.46
O2A AGS G . -33.14 -20.29 -23.62
O3A AGS G . -33.69 -22.69 -23.04
O5' AGS G . -34.15 -21.82 -25.09
C5' AGS G . -35.26 -22.40 -25.75
C4' AGS G . -35.47 -21.55 -26.99
O4' AGS G . -36.82 -21.19 -27.15
C3' AGS G . -34.86 -20.21 -26.83
O3' AGS G . -34.43 -19.86 -28.12
C2' AGS G . -35.95 -19.29 -26.49
O2' AGS G . -35.50 -18.00 -26.79
C1' AGS G . -36.92 -19.82 -27.48
N9 AGS G . -38.34 -19.45 -27.38
C8 AGS G . -38.91 -18.59 -28.23
N7 AGS G . -40.23 -18.44 -28.01
C5 AGS G . -40.51 -19.23 -27.00
C6 AGS G . -41.75 -19.51 -26.29
N6 AGS G . -42.87 -18.91 -26.63
N1 AGS G . -41.66 -20.37 -25.30
C2 AGS G . -40.48 -20.95 -24.98
N3 AGS G . -39.32 -20.75 -25.57
C4 AGS G . -39.29 -19.91 -26.59
MG MG H . -30.42 -20.68 -19.38
#